data_1RXT
#
_entry.id   1RXT
#
_cell.length_a   71.626
_cell.length_b   116.425
_cell.length_c   90.361
_cell.angle_alpha   90.00
_cell.angle_beta   90.13
_cell.angle_gamma   90.00
#
_symmetry.space_group_name_H-M   'P 1 21 1'
#
loop_
_entity.id
_entity.type
_entity.pdbx_description
1 polymer 'Glycylpeptide N-tetradecanoyltransferase 1'
2 non-polymer 'SULFATE ION'
3 non-polymer 'COBALT (II) ION'
4 water water
#
_entity_poly.entity_id   1
_entity_poly.type   'polypeptide(L)'
_entity_poly.pdbx_seq_one_letter_code
;MADESETAVKPPAPPLPQMMEGNGNGHEHCSDCENEEDNSYNRGGLSPANDTGAKKKKKKQKKKKEKGSETDSAQDQPVK
MNSLPAERIQEIQKAIELFSVGQGPAKTMEEASKRSYQFWDTQPVPKLGEVVNTHGPVEPDKDNIRQEPYTLPQGFTWDA
LDLGDRGVLKELYTLLNENYVEDDDNMFRFDYSPEFLLWALRPPGWLPQWHCGVRVVSSRKLVGFISAIPANIHIYDTEK
KMVEINFLCVHKKLRSKRVAPVLIREITRRVHLEGIFQAVYTAGVVLPKPVGTCRYWHRSLNPRKLIEVKFSHLSRNMTM
QRTMKLYRLPETPKTAGLRPMETKDIPVVHQLLTRYLKQFHLTPVMSQEEVEHWFYPQENIIDTFVVENANGEVTDFLSF
YTLPSTIMNHPTHKSLKAAYSFYNVHTQTPLLDLMSDALVLAKMKGFDVFNALDLMENKTFLEKLKFGIGDGNLQYYLYN
WKCPSMGAEKVGIVLQ
;
_entity_poly.pdbx_strand_id   A,B,C,D
#
# COMPACT_ATOMS: atom_id res chain seq x y z
N GLY A 155 14.31 -38.89 74.77
CA GLY A 155 13.51 -37.63 74.65
C GLY A 155 13.36 -37.26 73.20
N PHE A 156 13.64 -36.01 72.86
CA PHE A 156 13.53 -35.55 71.48
C PHE A 156 14.02 -34.12 71.28
N THR A 157 14.93 -33.96 70.31
CA THR A 157 15.51 -32.67 69.96
C THR A 157 16.17 -32.96 68.60
N TRP A 158 15.43 -33.73 67.80
CA TRP A 158 15.86 -34.19 66.48
C TRP A 158 16.04 -33.26 65.29
N ASP A 159 16.62 -33.84 64.24
CA ASP A 159 16.92 -33.18 62.97
C ASP A 159 17.06 -34.28 61.90
N ALA A 160 16.98 -33.89 60.62
CA ALA A 160 17.11 -34.86 59.52
C ALA A 160 17.30 -34.21 58.14
N LEU A 161 16.86 -34.92 57.09
CA LEU A 161 16.98 -34.45 55.70
C LEU A 161 16.03 -35.26 54.81
N ASP A 162 15.71 -34.74 53.63
CA ASP A 162 14.80 -35.46 52.73
C ASP A 162 14.59 -34.80 51.35
N LEU A 163 14.90 -35.54 50.27
CA LEU A 163 14.74 -35.04 48.90
C LEU A 163 15.63 -35.76 47.88
N GLY A 164 15.11 -35.91 46.65
CA GLY A 164 15.89 -36.55 45.60
C GLY A 164 15.80 -38.06 45.44
N ASP A 165 16.34 -38.80 46.42
CA ASP A 165 16.33 -40.25 46.41
C ASP A 165 14.90 -40.79 46.35
N ARG A 166 14.69 -41.80 45.52
CA ARG A 166 13.38 -42.41 45.36
C ARG A 166 12.81 -42.93 46.68
N GLY A 167 13.47 -43.92 47.28
CA GLY A 167 13.00 -44.49 48.54
C GLY A 167 12.58 -43.46 49.57
N VAL A 168 13.40 -42.44 49.74
CA VAL A 168 13.13 -41.36 50.68
C VAL A 168 11.93 -40.52 50.23
N LEU A 169 12.17 -39.68 49.24
CA LEU A 169 11.15 -38.80 48.68
C LEU A 169 9.74 -39.38 48.77
N LYS A 170 9.62 -40.66 48.42
CA LYS A 170 8.32 -41.33 48.45
C LYS A 170 7.68 -41.22 49.83
N GLU A 171 8.26 -41.90 50.82
CA GLU A 171 7.73 -41.87 52.18
C GLU A 171 7.48 -40.43 52.62
N LEU A 172 8.20 -39.50 52.00
CA LEU A 172 8.07 -38.08 52.32
C LEU A 172 6.73 -37.55 51.87
N TYR A 173 6.38 -37.77 50.61
CA TYR A 173 5.10 -37.31 50.11
C TYR A 173 4.02 -38.16 50.75
N THR A 174 4.44 -39.29 51.32
CA THR A 174 3.53 -40.20 52.00
C THR A 174 3.00 -39.43 53.19
N LEU A 175 3.90 -38.69 53.81
CA LEU A 175 3.58 -37.88 54.97
C LEU A 175 2.50 -36.89 54.56
N LEU A 176 2.89 -35.93 53.73
CA LEU A 176 1.95 -34.90 53.26
C LEU A 176 0.72 -35.47 52.58
N ASN A 177 0.78 -36.72 52.15
CA ASN A 177 -0.35 -37.35 51.47
C ASN A 177 -1.56 -37.43 52.38
N GLU A 178 -1.34 -37.87 53.61
CA GLU A 178 -2.44 -37.97 54.56
C GLU A 178 -2.07 -37.18 55.81
N ASN A 179 -1.62 -35.94 55.62
CA ASN A 179 -1.25 -35.08 56.73
C ASN A 179 -1.48 -33.59 56.47
N TYR A 180 -0.67 -33.03 55.58
CA TYR A 180 -0.77 -31.61 55.22
C TYR A 180 -2.19 -31.31 54.75
N VAL A 181 -3.11 -31.14 55.69
CA VAL A 181 -4.49 -30.88 55.33
C VAL A 181 -4.91 -29.43 55.51
N GLU A 182 -5.98 -29.07 54.80
CA GLU A 182 -6.56 -27.74 54.82
C GLU A 182 -8.00 -27.87 54.37
N ASP A 183 -8.62 -28.99 54.77
CA ASP A 183 -10.01 -29.26 54.42
C ASP A 183 -10.95 -28.73 55.50
N ASP A 184 -12.24 -28.97 55.34
CA ASP A 184 -13.23 -28.52 56.30
C ASP A 184 -14.32 -29.58 56.48
N ASP A 185 -15.58 -29.14 56.42
CA ASP A 185 -16.72 -30.05 56.58
C ASP A 185 -16.54 -31.28 55.69
N ASN A 186 -16.18 -31.03 54.44
CA ASN A 186 -15.96 -32.09 53.48
C ASN A 186 -14.78 -32.95 53.91
N MET A 187 -14.22 -33.73 52.98
CA MET A 187 -13.09 -34.59 53.31
C MET A 187 -12.06 -34.70 52.19
N PHE A 188 -11.07 -33.82 52.22
CA PHE A 188 -10.00 -33.81 51.22
C PHE A 188 -8.87 -32.83 51.51
N ARG A 189 -7.63 -33.30 51.33
CA ARG A 189 -6.45 -32.47 51.54
C ARG A 189 -5.54 -32.57 50.32
N PHE A 190 -4.50 -31.75 50.27
CA PHE A 190 -3.60 -31.76 49.13
C PHE A 190 -2.78 -33.03 48.96
N ASP A 191 -3.11 -33.84 47.96
CA ASP A 191 -2.36 -35.06 47.66
C ASP A 191 -1.14 -34.54 46.89
N TYR A 192 0.06 -34.84 47.37
CA TYR A 192 1.26 -34.36 46.70
C TYR A 192 1.99 -35.32 45.77
N SER A 193 2.16 -34.89 44.52
CA SER A 193 2.82 -35.66 43.48
C SER A 193 4.29 -35.92 43.77
N PRO A 194 4.78 -37.12 43.40
CA PRO A 194 6.18 -37.52 43.60
C PRO A 194 7.13 -36.50 42.99
N GLU A 195 6.85 -36.14 41.73
CA GLU A 195 7.67 -35.18 41.03
C GLU A 195 7.42 -33.74 41.46
N PHE A 196 6.15 -33.33 41.47
CA PHE A 196 5.78 -31.97 41.84
C PHE A 196 6.68 -31.41 42.91
N LEU A 197 6.80 -32.14 44.01
CA LEU A 197 7.65 -31.73 45.13
C LEU A 197 8.98 -31.19 44.60
N LEU A 198 9.68 -32.00 43.81
CA LEU A 198 10.96 -31.60 43.25
C LEU A 198 10.88 -30.29 42.46
N TRP A 199 9.74 -30.05 41.83
CA TRP A 199 9.55 -28.83 41.06
C TRP A 199 9.52 -27.64 42.02
N ALA A 200 8.99 -27.86 43.21
CA ALA A 200 8.89 -26.80 44.22
C ALA A 200 10.04 -26.82 45.22
N LEU A 201 10.36 -28.02 45.71
CA LEU A 201 11.41 -28.22 46.69
C LEU A 201 12.84 -28.09 46.17
N ARG A 202 13.00 -27.94 44.85
CA ARG A 202 14.34 -27.84 44.30
C ARG A 202 14.62 -26.72 43.29
N PRO A 203 14.51 -25.45 43.72
CA PRO A 203 14.77 -24.33 42.81
C PRO A 203 16.27 -24.03 42.72
N PRO A 204 16.65 -23.01 41.94
CA PRO A 204 18.08 -22.68 41.84
C PRO A 204 18.62 -22.02 43.10
N GLY A 205 19.48 -22.74 43.81
CA GLY A 205 20.07 -22.21 45.03
C GLY A 205 19.59 -22.90 46.29
N TRP A 206 18.86 -23.99 46.13
CA TRP A 206 18.33 -24.74 47.27
C TRP A 206 19.46 -25.38 48.07
N LEU A 207 19.19 -25.66 49.35
CA LEU A 207 20.19 -26.28 50.20
C LEU A 207 19.63 -27.46 50.97
N PRO A 208 20.35 -28.59 51.00
CA PRO A 208 20.01 -29.85 51.67
C PRO A 208 19.50 -29.72 53.09
N GLN A 209 20.16 -28.90 53.90
CA GLN A 209 19.78 -28.73 55.29
C GLN A 209 18.51 -27.90 55.49
N TRP A 210 17.75 -27.66 54.42
CA TRP A 210 16.52 -26.90 54.56
C TRP A 210 15.28 -27.75 54.37
N HIS A 211 15.51 -29.04 54.11
CA HIS A 211 14.43 -30.00 53.95
C HIS A 211 14.45 -30.84 55.22
N CYS A 212 14.33 -30.17 56.36
CA CYS A 212 14.36 -30.87 57.64
C CYS A 212 13.36 -32.03 57.75
N GLY A 213 13.77 -33.04 58.50
CA GLY A 213 12.92 -34.21 58.69
C GLY A 213 12.87 -34.55 60.16
N VAL A 214 12.05 -35.54 60.51
CA VAL A 214 11.91 -35.95 61.89
C VAL A 214 11.32 -37.35 61.96
N ARG A 215 12.06 -38.27 62.56
CA ARG A 215 11.60 -39.64 62.69
C ARG A 215 11.43 -40.03 64.16
N VAL A 216 10.64 -41.06 64.42
CA VAL A 216 10.39 -41.52 65.78
C VAL A 216 11.68 -42.06 66.39
N VAL A 217 11.86 -41.82 67.69
CA VAL A 217 13.04 -42.27 68.42
C VAL A 217 13.61 -43.57 67.84
N SER A 218 12.71 -44.41 67.32
CA SER A 218 13.09 -45.66 66.69
C SER A 218 13.93 -45.31 65.47
N SER A 219 13.53 -45.84 64.31
CA SER A 219 14.23 -45.58 63.06
C SER A 219 13.26 -45.35 61.90
N ARG A 220 12.71 -46.44 61.38
CA ARG A 220 11.77 -46.41 60.26
C ARG A 220 10.47 -45.71 60.63
N LYS A 221 10.53 -44.40 60.89
CA LYS A 221 9.33 -43.66 61.26
C LYS A 221 9.42 -42.15 61.03
N LEU A 222 9.28 -41.71 59.78
CA LEU A 222 9.30 -40.27 59.50
C LEU A 222 8.01 -39.66 60.05
N VAL A 223 8.10 -38.60 60.84
CA VAL A 223 6.90 -37.99 61.41
C VAL A 223 6.79 -36.45 61.31
N GLY A 224 7.71 -35.82 60.58
CA GLY A 224 7.68 -34.37 60.43
C GLY A 224 8.54 -33.83 59.30
N PHE A 225 8.15 -32.68 58.73
CA PHE A 225 8.91 -32.05 57.63
C PHE A 225 8.72 -30.53 57.56
N ILE A 226 9.52 -29.88 56.72
CA ILE A 226 9.46 -28.44 56.52
C ILE A 226 10.47 -28.01 55.45
N SER A 227 9.99 -27.31 54.43
CA SER A 227 10.85 -26.84 53.35
C SER A 227 11.31 -25.42 53.62
N ALA A 228 11.99 -24.82 52.65
CA ALA A 228 12.49 -23.45 52.79
C ALA A 228 13.30 -23.09 51.54
N ILE A 229 12.63 -23.09 50.39
CA ILE A 229 13.27 -22.76 49.13
C ILE A 229 13.71 -21.30 49.06
N PRO A 230 14.95 -21.06 48.61
CA PRO A 230 15.56 -19.73 48.48
C PRO A 230 14.79 -18.87 47.51
N ALA A 231 14.64 -17.59 47.83
CA ALA A 231 13.92 -16.65 46.97
C ALA A 231 14.64 -15.31 46.90
N ASN A 232 13.91 -14.29 46.45
CA ASN A 232 14.44 -12.94 46.32
C ASN A 232 13.28 -11.95 46.25
N ILE A 233 12.51 -11.89 47.35
CA ILE A 233 11.34 -11.02 47.43
C ILE A 233 11.61 -9.55 47.14
N HIS A 234 10.51 -8.81 46.95
CA HIS A 234 10.54 -7.39 46.67
C HIS A 234 9.34 -6.75 47.36
N ILE A 235 9.58 -6.21 48.55
CA ILE A 235 8.53 -5.59 49.34
C ILE A 235 8.55 -4.06 49.24
N TYR A 236 9.31 -3.42 50.12
CA TYR A 236 9.41 -1.96 50.13
C TYR A 236 10.16 -1.52 48.87
N ASP A 237 10.75 -0.33 48.90
CA ASP A 237 11.51 0.17 47.76
C ASP A 237 12.79 -0.65 47.65
N THR A 238 12.75 -1.90 48.07
CA THR A 238 13.94 -2.75 48.05
C THR A 238 13.69 -4.22 47.70
N GLU A 239 14.73 -4.84 47.16
CA GLU A 239 14.71 -6.24 46.78
C GLU A 239 15.54 -7.05 47.77
N LYS A 240 14.92 -7.47 48.86
CA LYS A 240 15.63 -8.23 49.87
C LYS A 240 15.64 -9.71 49.55
N LYS A 241 16.83 -10.29 49.42
CA LYS A 241 16.95 -11.71 49.13
C LYS A 241 16.42 -12.44 50.37
N MET A 242 15.26 -13.08 50.22
CA MET A 242 14.65 -13.81 51.32
C MET A 242 14.42 -15.25 50.89
N VAL A 243 13.81 -16.05 51.78
CA VAL A 243 13.52 -17.45 51.48
C VAL A 243 12.01 -17.68 51.62
N GLU A 244 11.48 -18.70 50.96
CA GLU A 244 10.06 -19.02 51.01
C GLU A 244 9.89 -20.32 51.76
N ILE A 245 9.52 -20.23 53.04
CA ILE A 245 9.36 -21.43 53.84
C ILE A 245 8.05 -22.17 53.58
N ASN A 246 8.13 -23.47 53.38
CA ASN A 246 6.94 -24.27 53.09
C ASN A 246 6.93 -25.69 53.67
N PHE A 247 5.86 -26.40 53.36
CA PHE A 247 5.65 -27.79 53.77
C PHE A 247 5.87 -28.12 55.23
N LEU A 248 5.29 -27.31 56.12
CA LEU A 248 5.44 -27.58 57.55
C LEU A 248 4.35 -28.55 57.99
N CYS A 249 4.72 -29.80 58.20
CA CYS A 249 3.76 -30.80 58.62
C CYS A 249 4.21 -31.47 59.91
N VAL A 250 3.34 -32.32 60.42
CA VAL A 250 3.56 -33.10 61.64
C VAL A 250 2.69 -34.34 61.46
N HIS A 251 3.22 -35.51 61.74
CA HIS A 251 2.45 -36.74 61.58
C HIS A 251 1.06 -36.58 62.15
N LYS A 252 0.16 -37.48 61.78
CA LYS A 252 -1.22 -37.43 62.24
C LYS A 252 -1.36 -37.68 63.74
N LYS A 253 -1.40 -38.96 64.11
CA LYS A 253 -1.56 -39.38 65.49
C LYS A 253 -0.57 -38.80 66.52
N LEU A 254 0.34 -37.93 66.09
CA LEU A 254 1.31 -37.37 67.02
C LEU A 254 0.68 -36.51 68.11
N ARG A 255 0.83 -36.96 69.35
CA ARG A 255 0.29 -36.28 70.54
C ARG A 255 1.31 -35.37 71.20
N SER A 256 2.13 -34.71 70.40
CA SER A 256 3.15 -33.80 70.93
C SER A 256 3.06 -32.42 70.30
N LYS A 257 2.80 -31.41 71.13
CA LYS A 257 2.69 -30.04 70.66
C LYS A 257 4.04 -29.34 70.83
N ARG A 258 5.01 -30.05 71.39
CA ARG A 258 6.35 -29.50 71.59
C ARG A 258 7.24 -29.98 70.45
N VAL A 259 6.61 -30.26 69.32
CA VAL A 259 7.31 -30.73 68.13
C VAL A 259 7.51 -29.56 67.19
N ALA A 260 6.45 -29.15 66.53
CA ALA A 260 6.55 -28.06 65.58
C ALA A 260 7.24 -26.83 66.18
N PRO A 261 6.98 -26.51 67.47
CA PRO A 261 7.61 -25.35 68.12
C PRO A 261 9.15 -25.41 68.11
N VAL A 262 9.66 -26.58 67.74
CA VAL A 262 11.10 -26.80 67.64
C VAL A 262 11.37 -27.12 66.18
N LEU A 263 10.39 -27.78 65.58
CA LEU A 263 10.43 -28.17 64.19
C LEU A 263 10.45 -26.86 63.39
N ILE A 264 9.89 -25.81 63.99
CA ILE A 264 9.82 -24.49 63.36
C ILE A 264 11.11 -23.70 63.54
N ARG A 265 11.51 -23.49 64.79
CA ARG A 265 12.73 -22.74 65.11
C ARG A 265 14.01 -23.37 64.57
N GLU A 266 13.92 -24.60 64.08
CA GLU A 266 15.09 -25.30 63.53
C GLU A 266 15.49 -24.75 62.17
N ILE A 267 14.55 -24.72 61.23
CA ILE A 267 14.81 -24.20 59.90
C ILE A 267 15.11 -22.70 60.01
N THR A 268 14.65 -22.07 61.08
CA THR A 268 14.88 -20.65 61.29
C THR A 268 16.39 -20.45 61.54
N ARG A 269 16.99 -21.35 62.31
CA ARG A 269 18.41 -21.26 62.59
C ARG A 269 19.17 -21.65 61.33
N ARG A 270 18.80 -22.79 60.75
CA ARG A 270 19.44 -23.29 59.54
C ARG A 270 19.59 -22.25 58.44
N VAL A 271 18.61 -21.35 58.33
CA VAL A 271 18.65 -20.30 57.32
C VAL A 271 19.49 -19.12 57.80
N HIS A 272 19.26 -18.72 59.06
CA HIS A 272 19.98 -17.60 59.65
C HIS A 272 21.49 -17.78 59.61
N LEU A 273 21.94 -18.85 58.96
CA LEU A 273 23.36 -19.14 58.84
C LEU A 273 23.88 -18.67 57.47
N GLU A 274 22.97 -18.50 56.51
CA GLU A 274 23.37 -18.03 55.18
C GLU A 274 23.04 -16.54 55.05
N GLY A 275 22.61 -15.92 56.14
CA GLY A 275 22.27 -14.51 56.10
C GLY A 275 20.81 -14.24 55.77
N ILE A 276 20.13 -15.25 55.24
CA ILE A 276 18.72 -15.10 54.89
C ILE A 276 17.87 -15.03 56.15
N PHE A 277 18.00 -13.91 56.88
CA PHE A 277 17.25 -13.65 58.11
C PHE A 277 15.82 -13.23 57.82
N GLN A 278 15.51 -13.05 56.54
CA GLN A 278 14.17 -12.65 56.13
C GLN A 278 13.44 -13.89 55.62
N ALA A 279 12.16 -14.03 55.97
CA ALA A 279 11.39 -15.19 55.53
C ALA A 279 10.08 -14.82 54.85
N VAL A 280 9.58 -15.74 54.02
CA VAL A 280 8.34 -15.53 53.27
C VAL A 280 7.54 -16.83 53.16
N TYR A 281 6.22 -16.72 53.30
CA TYR A 281 5.33 -17.87 53.23
C TYR A 281 3.88 -17.51 53.49
N THR A 282 3.01 -18.48 53.24
CA THR A 282 1.58 -18.31 53.46
C THR A 282 1.13 -19.55 54.20
N ALA A 283 -0.04 -19.48 54.81
CA ALA A 283 -0.55 -20.63 55.57
C ALA A 283 -2.08 -20.60 55.65
N GLY A 284 -2.67 -21.78 55.67
CA GLY A 284 -4.11 -21.89 55.77
C GLY A 284 -4.54 -21.66 57.20
N VAL A 285 -4.13 -20.53 57.76
CA VAL A 285 -4.47 -20.18 59.14
C VAL A 285 -4.29 -18.69 59.41
N VAL A 286 -4.50 -18.32 60.67
CA VAL A 286 -4.40 -16.95 61.12
C VAL A 286 -3.05 -16.71 61.76
N LEU A 287 -2.63 -15.44 61.79
CA LEU A 287 -1.36 -15.05 62.39
C LEU A 287 -1.37 -13.54 62.60
N PRO A 288 -0.91 -13.09 63.77
CA PRO A 288 -0.81 -11.69 64.21
C PRO A 288 -0.64 -10.59 63.16
N LYS A 289 0.57 -10.45 62.62
CA LYS A 289 0.85 -9.41 61.63
C LYS A 289 0.88 -9.91 60.19
N PRO A 290 -0.27 -9.89 59.49
CA PRO A 290 -0.33 -10.34 58.11
C PRO A 290 0.02 -9.22 57.14
N VAL A 291 0.44 -9.61 55.94
CA VAL A 291 0.79 -8.65 54.90
C VAL A 291 -0.33 -8.64 53.85
N GLY A 292 -0.93 -9.80 53.61
CA GLY A 292 -2.02 -9.88 52.65
C GLY A 292 -3.08 -10.88 53.10
N THR A 293 -4.09 -11.09 52.27
CA THR A 293 -5.17 -12.02 52.58
C THR A 293 -6.04 -12.26 51.34
N CYS A 294 -5.59 -13.15 50.47
CA CYS A 294 -6.34 -13.44 49.26
C CYS A 294 -7.38 -14.54 49.51
N ARG A 295 -8.10 -14.92 48.46
CA ARG A 295 -9.12 -15.95 48.54
C ARG A 295 -9.21 -16.69 47.21
N TYR A 296 -9.38 -18.01 47.27
CA TYR A 296 -9.46 -18.84 46.06
C TYR A 296 -10.81 -18.78 45.35
N TRP A 297 -10.78 -19.08 44.05
CA TRP A 297 -11.97 -19.08 43.21
C TRP A 297 -11.99 -20.31 42.31
N HIS A 298 -13.01 -20.45 41.47
CA HIS A 298 -13.11 -21.61 40.60
C HIS A 298 -13.81 -21.36 39.26
N ARG A 299 -14.04 -22.44 38.51
CA ARG A 299 -14.74 -22.41 37.23
C ARG A 299 -14.80 -23.87 36.75
N SER A 300 -15.73 -24.62 37.34
CA SER A 300 -15.91 -26.03 37.02
C SER A 300 -15.68 -26.37 35.55
N LEU A 301 -14.80 -27.34 35.33
CA LEU A 301 -14.50 -27.81 33.98
C LEU A 301 -15.05 -29.23 33.97
N ASN A 302 -15.92 -29.49 34.94
CA ASN A 302 -16.55 -30.79 35.09
C ASN A 302 -17.58 -30.69 36.22
N PRO A 303 -18.60 -29.84 36.06
CA PRO A 303 -19.66 -29.61 37.04
C PRO A 303 -20.38 -30.86 37.57
N ARG A 304 -20.96 -31.64 36.66
CA ARG A 304 -21.68 -32.85 37.08
C ARG A 304 -20.91 -33.66 38.11
N LYS A 305 -19.58 -33.50 38.12
CA LYS A 305 -18.74 -34.22 39.06
C LYS A 305 -18.81 -33.62 40.47
N LEU A 306 -18.50 -32.33 40.57
CA LEU A 306 -18.53 -31.65 41.87
C LEU A 306 -19.91 -31.80 42.49
N ILE A 307 -20.94 -31.70 41.65
CA ILE A 307 -22.32 -31.85 42.10
C ILE A 307 -22.49 -33.28 42.60
N GLU A 308 -21.86 -34.21 41.90
CA GLU A 308 -21.92 -35.63 42.24
C GLU A 308 -21.32 -35.83 43.62
N VAL A 309 -20.10 -35.33 43.81
CA VAL A 309 -19.43 -35.44 45.09
C VAL A 309 -20.01 -34.37 46.01
N LYS A 310 -19.16 -33.57 46.65
CA LYS A 310 -19.64 -32.53 47.56
C LYS A 310 -18.74 -31.31 47.62
N PHE A 311 -17.92 -31.11 46.58
CA PHE A 311 -17.01 -29.97 46.52
C PHE A 311 -17.74 -28.71 46.09
N SER A 312 -18.74 -28.90 45.23
CA SER A 312 -19.56 -27.81 44.71
C SER A 312 -20.99 -28.34 44.54
N HIS A 313 -21.97 -27.43 44.43
CA HIS A 313 -23.36 -27.84 44.29
C HIS A 313 -24.21 -26.88 43.44
N LEU A 314 -25.33 -27.38 42.91
CA LEU A 314 -26.24 -26.57 42.09
C LEU A 314 -27.11 -25.68 42.94
N SER A 315 -27.32 -24.45 42.48
CA SER A 315 -28.13 -23.49 43.21
C SER A 315 -29.52 -24.06 43.50
N ARG A 316 -30.46 -23.18 43.82
CA ARG A 316 -31.82 -23.59 44.12
C ARG A 316 -32.39 -24.58 43.11
N ASN A 317 -33.08 -24.05 42.11
CA ASN A 317 -33.69 -24.89 41.08
C ASN A 317 -32.89 -24.92 39.78
N MET A 318 -31.62 -25.29 39.88
CA MET A 318 -30.75 -25.37 38.72
C MET A 318 -30.60 -26.82 38.28
N THR A 319 -31.23 -27.17 37.17
CA THR A 319 -31.17 -28.53 36.66
C THR A 319 -29.72 -28.98 36.51
N MET A 320 -29.47 -30.26 36.74
CA MET A 320 -28.13 -30.82 36.61
C MET A 320 -27.75 -30.83 35.13
N GLN A 321 -28.41 -29.97 34.36
CA GLN A 321 -28.16 -29.87 32.93
C GLN A 321 -27.86 -28.42 32.54
N ARG A 322 -28.71 -27.49 32.96
CA ARG A 322 -28.48 -26.08 32.64
C ARG A 322 -27.14 -25.66 33.20
N THR A 323 -26.86 -26.07 34.43
CA THR A 323 -25.61 -25.76 35.09
C THR A 323 -24.48 -26.01 34.11
N MET A 324 -24.49 -27.19 33.49
CA MET A 324 -23.47 -27.53 32.51
C MET A 324 -23.43 -26.48 31.39
N LYS A 325 -24.52 -26.40 30.63
CA LYS A 325 -24.61 -25.43 29.53
C LYS A 325 -23.90 -24.13 29.90
N LEU A 326 -24.21 -23.62 31.08
CA LEU A 326 -23.60 -22.38 31.56
C LEU A 326 -22.08 -22.54 31.56
N TYR A 327 -21.57 -23.40 32.43
CA TYR A 327 -20.14 -23.64 32.52
C TYR A 327 -19.60 -24.39 31.32
N ARG A 328 -20.13 -24.09 30.14
CA ARG A 328 -19.69 -24.76 28.91
C ARG A 328 -18.35 -24.20 28.46
N LEU A 329 -17.75 -24.81 27.45
CA LEU A 329 -16.46 -24.37 26.93
C LEU A 329 -16.17 -24.89 25.52
N PRO A 330 -15.61 -24.02 24.66
CA PRO A 330 -15.25 -24.35 23.27
C PRO A 330 -14.13 -25.39 23.22
N GLU A 331 -13.98 -26.06 22.08
CA GLU A 331 -12.95 -27.08 21.93
C GLU A 331 -11.68 -26.53 21.27
N THR A 332 -11.66 -25.22 21.06
CA THR A 332 -10.50 -24.56 20.43
C THR A 332 -10.36 -23.11 20.89
N PRO A 333 -9.16 -22.75 21.38
CA PRO A 333 -8.81 -21.42 21.87
C PRO A 333 -9.26 -20.27 20.96
N LYS A 334 -9.60 -19.14 21.58
CA LYS A 334 -10.04 -17.96 20.85
C LYS A 334 -8.92 -16.92 20.84
N THR A 335 -7.68 -17.41 20.81
CA THR A 335 -6.51 -16.55 20.78
C THR A 335 -5.54 -17.08 19.73
N ALA A 336 -5.21 -16.23 18.76
CA ALA A 336 -4.30 -16.62 17.67
C ALA A 336 -2.84 -16.35 17.99
N GLY A 337 -2.11 -17.43 18.27
CA GLY A 337 -0.69 -17.32 18.59
C GLY A 337 -0.33 -18.19 19.78
N LEU A 338 -1.36 -18.64 20.50
CA LEU A 338 -1.21 -19.48 21.68
C LEU A 338 -0.48 -20.77 21.29
N ARG A 339 0.75 -20.89 21.76
CA ARG A 339 1.56 -22.07 21.46
C ARG A 339 2.51 -22.39 22.60
N PRO A 340 2.53 -23.66 23.04
CA PRO A 340 3.41 -24.12 24.13
C PRO A 340 4.78 -23.46 24.08
N MET A 341 5.26 -23.02 25.24
CA MET A 341 6.57 -22.35 25.36
C MET A 341 7.73 -23.27 25.00
N GLU A 342 8.54 -22.87 24.01
CA GLU A 342 9.69 -23.66 23.61
C GLU A 342 10.80 -23.49 24.62
N THR A 343 11.90 -24.20 24.40
CA THR A 343 13.04 -24.10 25.29
C THR A 343 13.64 -22.71 25.13
N LYS A 344 13.65 -22.24 23.89
CA LYS A 344 14.21 -20.93 23.54
C LYS A 344 13.30 -19.77 23.94
N ASP A 345 12.18 -20.07 24.56
CA ASP A 345 11.24 -19.02 24.97
C ASP A 345 11.44 -18.62 26.41
N ILE A 346 12.52 -19.12 27.00
CA ILE A 346 12.85 -18.83 28.39
C ILE A 346 13.14 -17.36 28.66
N PRO A 347 14.21 -16.82 28.05
CA PRO A 347 14.52 -15.41 28.30
C PRO A 347 13.39 -14.48 27.88
N VAL A 348 12.50 -14.97 27.02
CA VAL A 348 11.36 -14.18 26.55
C VAL A 348 10.25 -14.16 27.59
N VAL A 349 10.37 -15.08 28.55
CA VAL A 349 9.42 -15.21 29.63
C VAL A 349 10.02 -14.58 30.90
N HIS A 350 11.33 -14.39 30.86
CA HIS A 350 12.09 -13.79 31.98
C HIS A 350 11.95 -12.27 31.91
N GLN A 351 12.37 -11.70 30.79
CA GLN A 351 12.32 -10.26 30.56
C GLN A 351 10.87 -9.75 30.47
N LEU A 352 9.98 -10.58 29.94
CA LEU A 352 8.57 -10.22 29.78
C LEU A 352 7.85 -10.20 31.13
N LEU A 353 8.32 -11.04 32.05
CA LEU A 353 7.73 -11.17 33.40
C LEU A 353 8.39 -10.29 34.44
N THR A 354 9.63 -9.86 34.19
CA THR A 354 10.34 -9.02 35.14
C THR A 354 9.91 -7.56 35.08
N ARG A 355 9.47 -7.12 33.91
CA ARG A 355 9.01 -5.73 33.74
C ARG A 355 7.53 -5.66 34.13
N TYR A 356 6.81 -6.74 33.83
CA TYR A 356 5.39 -6.82 34.15
C TYR A 356 5.21 -6.89 35.65
N LEU A 357 5.69 -7.99 36.23
CA LEU A 357 5.59 -8.20 37.67
C LEU A 357 6.09 -6.94 38.36
N LYS A 358 6.91 -6.17 37.65
CA LYS A 358 7.50 -4.94 38.19
C LYS A 358 6.46 -3.84 38.41
N GLN A 359 5.42 -4.16 39.17
CA GLN A 359 4.36 -3.20 39.45
C GLN A 359 3.55 -3.65 40.66
N PHE A 360 4.12 -4.56 41.44
CA PHE A 360 3.48 -5.08 42.63
C PHE A 360 4.39 -4.84 43.84
N HIS A 361 3.78 -4.48 44.97
CA HIS A 361 4.53 -4.21 46.20
C HIS A 361 5.29 -5.43 46.74
N LEU A 362 4.90 -6.62 46.30
CA LEU A 362 5.53 -7.87 46.73
C LEU A 362 5.61 -8.83 45.55
N THR A 363 6.81 -9.00 44.98
CA THR A 363 6.98 -9.89 43.84
C THR A 363 8.26 -10.71 43.91
N PRO A 364 8.24 -11.93 43.35
CA PRO A 364 9.41 -12.81 43.35
C PRO A 364 10.35 -12.54 42.17
N VAL A 365 11.37 -11.71 42.38
CA VAL A 365 12.30 -11.42 41.30
C VAL A 365 12.97 -12.74 40.90
N MET A 366 13.01 -13.01 39.60
CA MET A 366 13.62 -14.24 39.15
C MET A 366 14.68 -14.03 38.08
N SER A 367 15.53 -15.05 37.93
CA SER A 367 16.60 -15.04 36.95
C SER A 367 16.13 -15.77 35.70
N GLN A 368 16.99 -15.78 34.68
CA GLN A 368 16.65 -16.46 33.45
C GLN A 368 16.54 -17.96 33.68
N GLU A 369 17.04 -18.42 34.82
CA GLU A 369 17.00 -19.84 35.16
C GLU A 369 15.80 -20.14 36.05
N GLU A 370 15.45 -19.18 36.90
CA GLU A 370 14.31 -19.36 37.79
C GLU A 370 13.01 -19.33 36.98
N VAL A 371 12.84 -18.29 36.16
CA VAL A 371 11.65 -18.17 35.32
C VAL A 371 11.72 -19.31 34.31
N GLU A 372 12.83 -20.03 34.38
CA GLU A 372 13.10 -21.16 33.52
C GLU A 372 12.72 -22.45 34.24
N HIS A 373 12.51 -22.34 35.56
CA HIS A 373 12.15 -23.51 36.37
C HIS A 373 10.66 -23.63 36.67
N TRP A 374 10.06 -22.55 37.15
CA TRP A 374 8.65 -22.55 37.49
C TRP A 374 7.77 -22.22 36.29
N PHE A 375 8.33 -22.29 35.09
CA PHE A 375 7.56 -21.98 33.89
C PHE A 375 7.66 -22.97 32.74
N TYR A 376 8.85 -23.52 32.48
CA TYR A 376 8.97 -24.45 31.37
C TYR A 376 8.06 -25.67 31.54
N PRO A 377 7.20 -25.94 30.54
CA PRO A 377 6.23 -27.04 30.48
C PRO A 377 6.68 -28.44 30.92
N GLN A 378 5.85 -29.08 31.75
CA GLN A 378 6.14 -30.41 32.26
C GLN A 378 4.84 -31.16 32.55
N GLU A 379 5.00 -31.96 31.88
CA GLU A 379 3.74 -32.64 31.63
C GLU A 379 2.78 -32.80 32.76
N ASN A 380 2.61 -32.97 33.88
CA ASN A 380 1.99 -33.32 35.16
C ASN A 380 2.57 -32.56 36.35
N ILE A 381 3.04 -31.34 36.09
CA ILE A 381 3.60 -30.50 37.14
C ILE A 381 3.08 -29.09 36.90
N ILE A 382 3.60 -28.43 35.87
CA ILE A 382 3.23 -27.06 35.53
C ILE A 382 3.16 -26.82 34.02
N ASP A 383 2.24 -25.96 33.60
CA ASP A 383 2.07 -25.64 32.18
C ASP A 383 2.41 -24.18 31.92
N THR A 384 2.54 -23.82 30.64
CA THR A 384 2.86 -22.45 30.23
C THR A 384 2.78 -22.28 28.72
N PHE A 385 1.72 -21.63 28.24
CA PHE A 385 1.54 -21.42 26.83
C PHE A 385 1.76 -19.94 26.52
N VAL A 386 2.78 -19.67 25.71
CA VAL A 386 3.11 -18.32 25.32
C VAL A 386 2.27 -17.96 24.09
N VAL A 387 2.27 -16.69 23.71
CA VAL A 387 1.50 -16.21 22.56
C VAL A 387 2.38 -15.48 21.54
N GLU A 388 3.10 -16.25 20.72
CA GLU A 388 3.97 -15.65 19.71
C GLU A 388 3.13 -14.83 18.75
N ASN A 389 3.72 -13.81 18.14
CA ASN A 389 2.99 -12.95 17.21
C ASN A 389 3.03 -13.46 15.77
N ALA A 390 3.35 -12.58 14.84
CA ALA A 390 3.41 -12.94 13.44
C ALA A 390 4.75 -13.54 13.09
N ASN A 391 5.59 -12.75 12.43
CA ASN A 391 6.92 -13.19 12.03
C ASN A 391 7.94 -12.95 13.13
N GLY A 392 7.58 -12.12 14.09
CA GLY A 392 8.48 -11.82 15.18
C GLY A 392 8.43 -12.80 16.33
N GLU A 393 8.43 -12.26 17.56
CA GLU A 393 8.40 -13.09 18.74
C GLU A 393 7.50 -12.52 19.83
N VAL A 394 7.38 -11.19 19.87
CA VAL A 394 6.55 -10.50 20.88
C VAL A 394 5.45 -11.42 21.41
N THR A 395 5.27 -11.46 22.73
CA THR A 395 4.26 -12.34 23.30
C THR A 395 3.79 -12.06 24.74
N ASP A 396 2.87 -12.91 25.19
CA ASP A 396 2.27 -12.87 26.52
C ASP A 396 2.12 -14.35 26.82
N PHE A 397 1.75 -14.72 28.04
CA PHE A 397 1.63 -16.14 28.35
C PHE A 397 0.86 -16.47 29.62
N LEU A 398 0.47 -17.74 29.77
CA LEU A 398 -0.26 -18.22 30.95
C LEU A 398 0.42 -19.43 31.58
N SER A 399 0.16 -19.67 32.86
CA SER A 399 0.76 -20.78 33.58
C SER A 399 -0.11 -21.33 34.70
N PHE A 400 -0.21 -22.65 34.79
CA PHE A 400 -1.01 -23.29 35.83
C PHE A 400 -0.43 -24.61 36.35
N TYR A 401 0.18 -24.56 37.54
CA TYR A 401 0.76 -25.75 38.14
C TYR A 401 -0.30 -26.75 38.63
N THR A 402 -0.29 -27.94 38.07
CA THR A 402 -1.24 -28.98 38.48
C THR A 402 -0.97 -29.25 39.96
N LEU A 403 -2.02 -29.58 40.71
CA LEU A 403 -1.88 -29.86 42.13
C LEU A 403 -3.13 -30.57 42.67
N PRO A 404 -3.39 -31.80 42.20
CA PRO A 404 -4.56 -32.58 42.62
C PRO A 404 -4.65 -32.84 44.11
N SER A 405 -5.87 -32.77 44.64
CA SER A 405 -6.12 -33.01 46.05
C SER A 405 -6.72 -34.40 46.18
N THR A 406 -6.36 -35.09 47.27
CA THR A 406 -6.86 -36.43 47.53
C THR A 406 -8.39 -36.38 47.59
N ILE A 407 -9.04 -37.55 47.54
CA ILE A 407 -10.50 -37.60 47.60
C ILE A 407 -11.02 -38.11 48.95
N MET A 408 -12.02 -38.98 48.88
CA MET A 408 -12.64 -39.57 50.06
C MET A 408 -13.94 -40.26 49.67
N ASN A 409 -14.88 -40.31 50.61
CA ASN A 409 -16.17 -40.94 50.37
C ASN A 409 -16.80 -40.42 49.08
N HIS A 410 -16.86 -41.30 48.08
CA HIS A 410 -17.44 -40.97 46.79
C HIS A 410 -18.00 -42.23 46.13
N PRO A 411 -18.95 -42.08 45.19
CA PRO A 411 -19.53 -43.24 44.51
C PRO A 411 -18.46 -44.19 44.00
N THR A 412 -17.83 -43.81 42.88
CA THR A 412 -16.76 -44.60 42.28
C THR A 412 -15.90 -43.64 41.46
N HIS A 413 -15.97 -42.36 41.80
CA HIS A 413 -15.23 -41.31 41.11
C HIS A 413 -13.74 -41.32 41.42
N LYS A 414 -12.97 -40.70 40.52
CA LYS A 414 -11.52 -40.61 40.69
C LYS A 414 -11.22 -39.48 41.65
N SER A 415 -9.94 -39.17 41.83
CA SER A 415 -9.53 -38.10 42.73
C SER A 415 -10.16 -36.76 42.40
N LEU A 416 -9.32 -35.81 41.99
CA LEU A 416 -9.73 -34.46 41.64
C LEU A 416 -8.55 -33.73 40.96
N LYS A 417 -8.42 -33.88 39.66
CA LYS A 417 -7.34 -33.24 38.92
C LYS A 417 -7.47 -31.73 39.07
N ALA A 418 -6.61 -31.13 39.89
CA ALA A 418 -6.63 -29.70 40.13
C ALA A 418 -5.86 -28.94 39.07
N ALA A 419 -6.09 -27.63 38.99
CA ALA A 419 -5.42 -26.81 37.99
C ALA A 419 -5.15 -25.40 38.48
N TYR A 420 -4.63 -25.27 39.68
CA TYR A 420 -4.32 -23.96 40.23
C TYR A 420 -3.60 -23.12 39.20
N SER A 421 -3.69 -21.79 39.31
CA SER A 421 -3.03 -20.88 38.37
C SER A 421 -1.74 -20.32 38.97
N PHE A 422 -0.70 -20.23 38.16
CA PHE A 422 0.58 -19.71 38.63
C PHE A 422 0.64 -18.22 38.31
N TYR A 423 1.20 -17.88 37.16
CA TYR A 423 1.29 -16.49 36.75
C TYR A 423 0.69 -16.33 35.36
N ASN A 424 0.40 -15.08 34.98
CA ASN A 424 -0.15 -14.74 33.68
C ASN A 424 0.29 -13.33 33.33
N VAL A 425 1.09 -13.20 32.27
CA VAL A 425 1.57 -11.89 31.86
C VAL A 425 1.22 -11.53 30.43
N HIS A 426 0.25 -10.65 30.28
CA HIS A 426 -0.19 -10.19 28.96
C HIS A 426 0.52 -8.85 28.74
N THR A 427 1.05 -8.63 27.55
CA THR A 427 1.71 -7.36 27.30
C THR A 427 0.69 -6.25 27.53
N GLN A 428 0.14 -5.72 26.44
CA GLN A 428 -0.86 -4.67 26.57
C GLN A 428 -2.26 -5.26 26.38
N THR A 429 -2.37 -6.19 25.43
CA THR A 429 -3.63 -6.85 25.14
C THR A 429 -4.30 -7.39 26.40
N PRO A 430 -5.60 -7.09 26.59
CA PRO A 430 -6.37 -7.53 27.75
C PRO A 430 -6.21 -9.03 27.98
N LEU A 431 -5.99 -9.41 29.23
CA LEU A 431 -5.82 -10.82 29.58
C LEU A 431 -7.14 -11.51 29.96
N LEU A 432 -8.25 -10.83 29.68
CA LEU A 432 -9.56 -11.39 29.98
C LEU A 432 -9.77 -12.62 29.11
N ASP A 433 -8.90 -12.79 28.13
CA ASP A 433 -8.97 -13.94 27.23
C ASP A 433 -7.77 -14.85 27.51
N LEU A 434 -6.68 -14.24 27.96
CA LEU A 434 -5.46 -14.98 28.28
C LEU A 434 -5.77 -15.93 29.44
N MET A 435 -6.78 -15.54 30.22
CA MET A 435 -7.24 -16.32 31.37
C MET A 435 -8.32 -17.33 31.00
N SER A 436 -9.11 -16.99 29.99
CA SER A 436 -10.18 -17.85 29.52
C SER A 436 -9.56 -19.06 28.82
N ASP A 437 -8.72 -18.77 27.82
CA ASP A 437 -8.06 -19.84 27.09
C ASP A 437 -7.56 -20.86 28.10
N ALA A 438 -6.95 -20.37 29.18
CA ALA A 438 -6.43 -21.23 30.23
C ALA A 438 -7.49 -22.26 30.61
N LEU A 439 -8.71 -21.79 30.86
CA LEU A 439 -9.82 -22.67 31.23
C LEU A 439 -10.07 -23.68 30.12
N VAL A 440 -9.86 -23.26 28.87
CA VAL A 440 -10.09 -24.17 27.76
C VAL A 440 -8.95 -25.17 27.69
N LEU A 441 -7.78 -24.76 28.19
CA LEU A 441 -6.63 -25.63 28.18
C LEU A 441 -6.76 -26.64 29.32
N ALA A 442 -6.89 -26.12 30.54
CA ALA A 442 -7.03 -26.96 31.72
C ALA A 442 -8.11 -28.00 31.49
N LYS A 443 -9.16 -27.62 30.79
CA LYS A 443 -10.25 -28.54 30.50
C LYS A 443 -9.84 -29.51 29.40
N MET A 444 -9.39 -28.99 28.27
CA MET A 444 -8.98 -29.88 27.19
C MET A 444 -7.89 -30.82 27.65
N LYS A 445 -7.24 -30.49 28.76
CA LYS A 445 -6.18 -31.32 29.32
C LYS A 445 -6.69 -32.32 30.35
N GLY A 446 -8.00 -32.35 30.52
CA GLY A 446 -8.59 -33.28 31.47
C GLY A 446 -8.47 -32.79 32.89
N PHE A 447 -9.02 -31.62 33.18
CA PHE A 447 -9.00 -31.06 34.52
C PHE A 447 -10.41 -30.87 35.05
N ASP A 448 -10.53 -30.78 36.37
CA ASP A 448 -11.83 -30.64 37.00
C ASP A 448 -12.14 -29.23 37.50
N VAL A 449 -11.12 -28.38 37.57
CA VAL A 449 -11.31 -27.01 38.03
C VAL A 449 -10.04 -26.18 37.95
N PHE A 450 -10.21 -24.90 37.62
CA PHE A 450 -9.09 -23.96 37.51
C PHE A 450 -9.19 -23.06 38.72
N ASN A 451 -8.22 -23.16 39.63
CA ASN A 451 -8.23 -22.36 40.84
C ASN A 451 -7.26 -21.21 40.73
N ALA A 452 -7.78 -19.98 40.79
CA ALA A 452 -6.98 -18.77 40.70
C ALA A 452 -7.18 -17.90 41.93
N LEU A 453 -6.08 -17.40 42.49
CA LEU A 453 -6.14 -16.56 43.68
C LEU A 453 -6.25 -15.07 43.33
N ASP A 454 -5.45 -14.23 44.01
CA ASP A 454 -5.46 -12.80 43.76
C ASP A 454 -4.13 -12.21 43.28
N LEU A 455 -4.23 -11.14 42.49
CA LEU A 455 -3.06 -10.46 41.94
C LEU A 455 -3.49 -9.37 40.96
N MET A 456 -3.47 -8.78 40.98
CA MET A 456 -4.15 -7.55 40.60
C MET A 456 -5.14 -7.71 39.45
N GLU A 457 -3.90 -8.73 38.24
CA GLU A 457 -5.09 -8.37 37.46
C GLU A 457 -6.14 -9.47 37.59
N ASN A 458 -5.90 -10.40 38.49
CA ASN A 458 -6.83 -11.51 38.68
C ASN A 458 -8.23 -11.09 39.10
N LYS A 459 -8.33 -10.29 40.15
CA LYS A 459 -9.62 -9.83 40.62
C LYS A 459 -10.49 -9.29 39.48
N THR A 460 -9.89 -9.01 38.34
CA THR A 460 -10.64 -8.49 37.20
C THR A 460 -11.47 -9.60 36.53
N PHE A 461 -10.83 -10.37 35.65
CA PHE A 461 -11.47 -11.45 34.91
C PHE A 461 -12.13 -12.52 35.81
N LEU A 462 -11.76 -12.56 37.09
CA LEU A 462 -12.31 -13.54 38.01
C LEU A 462 -13.83 -13.64 37.99
N GLU A 463 -14.47 -12.77 38.77
CA GLU A 463 -15.93 -12.75 38.87
C GLU A 463 -16.64 -12.56 37.52
N LYS A 464 -16.04 -11.79 36.62
CA LYS A 464 -16.65 -11.57 35.31
C LYS A 464 -16.45 -12.84 34.47
N LEU A 465 -16.25 -13.93 35.19
CA LEU A 465 -16.08 -15.25 34.60
C LEU A 465 -16.49 -16.20 35.70
N LYS A 466 -16.89 -17.41 35.32
CA LYS A 466 -17.37 -18.40 36.28
C LYS A 466 -16.47 -18.72 37.48
N PHE A 467 -16.27 -17.73 38.36
CA PHE A 467 -15.46 -17.90 39.57
C PHE A 467 -16.32 -17.42 40.75
N GLY A 468 -16.31 -18.17 41.85
CA GLY A 468 -17.12 -17.76 42.99
C GLY A 468 -16.79 -18.35 44.36
N ILE A 469 -17.26 -19.57 44.59
CA ILE A 469 -17.03 -20.26 45.85
C ILE A 469 -15.64 -19.98 46.44
N GLY A 470 -15.57 -19.88 47.75
CA GLY A 470 -14.31 -19.62 48.42
C GLY A 470 -14.24 -20.33 49.77
N ASP A 471 -14.04 -21.64 49.75
CA ASP A 471 -13.97 -22.44 50.96
C ASP A 471 -13.44 -21.61 52.11
N GLY A 472 -12.29 -20.98 51.89
CA GLY A 472 -11.68 -20.14 52.91
C GLY A 472 -10.91 -18.96 52.35
N ASN A 473 -9.66 -18.81 52.77
CA ASN A 473 -8.81 -17.72 52.32
C ASN A 473 -7.36 -17.85 52.81
N LEU A 474 -6.43 -17.66 51.91
CA LEU A 474 -5.00 -17.76 52.21
C LEU A 474 -4.44 -16.38 52.52
N GLN A 475 -3.55 -16.30 53.50
CA GLN A 475 -2.94 -15.03 53.90
C GLN A 475 -1.42 -15.04 53.78
N TYR A 476 -0.85 -13.89 53.45
CA TYR A 476 0.60 -13.75 53.28
C TYR A 476 1.26 -13.09 54.49
N TYR A 477 2.51 -13.47 54.73
CA TYR A 477 3.25 -12.92 55.87
C TYR A 477 4.74 -12.70 55.60
N LEU A 478 5.36 -11.93 56.49
CA LEU A 478 6.79 -11.62 56.43
C LEU A 478 7.35 -11.83 57.85
N TYR A 479 8.38 -12.67 57.94
CA TYR A 479 9.00 -13.00 59.22
C TYR A 479 9.76 -11.90 59.95
N ASN A 480 10.88 -11.46 59.38
CA ASN A 480 11.71 -10.44 60.01
C ASN A 480 11.72 -9.07 59.34
N TRP A 481 10.68 -8.73 58.59
CA TRP A 481 10.62 -7.44 57.93
C TRP A 481 9.38 -6.65 58.34
N LYS A 482 9.54 -5.34 58.53
CA LYS A 482 8.44 -4.47 58.94
C LYS A 482 8.09 -3.48 57.84
N CYS A 483 6.81 -3.45 57.45
CA CYS A 483 6.34 -2.55 56.40
C CYS A 483 4.82 -2.58 56.27
N PRO A 484 4.23 -1.52 55.71
CA PRO A 484 2.78 -1.39 55.51
C PRO A 484 2.18 -2.54 54.67
N SER A 485 0.86 -2.65 54.69
CA SER A 485 0.16 -3.69 53.94
C SER A 485 -0.49 -3.17 52.66
N MET A 486 -1.06 -4.08 51.87
CA MET A 486 -1.72 -3.70 50.63
C MET A 486 -2.89 -4.64 50.29
N GLY A 487 -3.64 -4.30 49.25
CA GLY A 487 -4.76 -5.13 48.88
C GLY A 487 -4.30 -6.23 47.97
N ALA A 488 -5.21 -7.16 47.65
CA ALA A 488 -4.87 -8.25 46.77
C ALA A 488 -4.23 -7.71 45.50
N GLU A 489 -4.69 -6.54 45.06
CA GLU A 489 -4.20 -5.91 43.85
C GLU A 489 -2.68 -5.64 43.85
N LYS A 490 -2.04 -5.73 45.01
CA LYS A 490 -0.61 -5.48 45.10
C LYS A 490 0.22 -6.75 45.27
N VAL A 491 -0.37 -7.79 45.85
CA VAL A 491 0.33 -9.06 46.06
C VAL A 491 0.74 -9.67 44.73
N GLY A 492 2.03 -10.01 44.60
CA GLY A 492 2.50 -10.60 43.36
C GLY A 492 2.95 -12.04 43.54
N ILE A 493 3.70 -12.29 44.60
CA ILE A 493 4.22 -13.62 44.90
C ILE A 493 3.11 -14.67 44.97
N VAL A 494 3.14 -15.60 44.02
CA VAL A 494 2.16 -16.69 43.97
C VAL A 494 2.86 -17.93 44.54
N LEU A 495 3.27 -17.82 45.79
CA LEU A 495 3.99 -18.88 46.51
C LEU A 495 3.12 -20.10 46.82
N GLN A 496 2.73 -20.84 45.79
CA GLN A 496 1.90 -22.04 45.94
C GLN A 496 0.73 -21.86 46.89
N GLY B 155 -47.97 -11.47 -70.01
CA GLY B 155 -46.57 -11.94 -69.77
C GLY B 155 -46.14 -11.76 -68.33
N PHE B 156 -45.11 -10.95 -68.13
CA PHE B 156 -44.58 -10.68 -66.80
C PHE B 156 -43.44 -9.68 -66.84
N THR B 157 -43.54 -8.69 -65.95
CA THR B 157 -42.54 -7.63 -65.82
C THR B 157 -42.97 -6.97 -64.52
N TRP B 158 -43.25 -7.82 -63.54
CA TRP B 158 -43.74 -7.43 -62.23
C TRP B 158 -42.86 -6.71 -61.22
N ASP B 159 -43.55 -6.21 -60.19
CA ASP B 159 -42.96 -5.47 -59.09
C ASP B 159 -43.94 -5.56 -57.89
N ALA B 160 -43.44 -5.33 -56.67
CA ALA B 160 -44.28 -5.38 -55.47
C ALA B 160 -43.61 -4.77 -54.23
N LEU B 161 -43.94 -5.32 -53.07
CA LEU B 161 -43.40 -4.84 -51.79
C LEU B 161 -43.64 -5.91 -50.72
N ASP B 162 -42.82 -5.93 -49.67
CA ASP B 162 -42.99 -6.92 -48.61
C ASP B 162 -42.08 -6.75 -47.39
N LEU B 163 -42.70 -6.66 -46.21
CA LEU B 163 -41.99 -6.50 -44.94
C LEU B 163 -42.86 -5.76 -43.92
N GLY B 164 -42.69 -6.11 -42.65
CA GLY B 164 -43.45 -5.45 -41.60
C GLY B 164 -44.80 -6.06 -41.27
N ASP B 165 -45.76 -5.94 -42.18
CA ASP B 165 -47.10 -6.49 -41.97
C ASP B 165 -47.04 -7.99 -41.68
N ARG B 166 -47.84 -8.42 -40.71
CA ARG B 166 -47.90 -9.83 -40.33
C ARG B 166 -48.29 -10.74 -41.50
N GLY B 167 -49.50 -10.57 -42.02
CA GLY B 167 -49.96 -11.38 -43.13
C GLY B 167 -48.95 -11.55 -44.24
N VAL B 168 -48.34 -10.44 -44.64
CA VAL B 168 -47.34 -10.41 -45.71
C VAL B 168 -46.08 -11.15 -45.25
N LEU B 169 -45.31 -10.48 -44.41
CA LEU B 169 -44.07 -11.02 -43.86
C LEU B 169 -44.09 -12.55 -43.72
N LYS B 170 -45.18 -13.08 -43.20
CA LYS B 170 -45.32 -14.51 -43.02
C LYS B 170 -45.13 -15.27 -44.31
N GLU B 171 -46.05 -15.09 -45.26
CA GLU B 171 -45.96 -15.78 -46.55
C GLU B 171 -44.60 -15.56 -47.18
N LEU B 172 -43.94 -14.49 -46.78
CA LEU B 172 -42.61 -14.15 -47.28
C LEU B 172 -41.60 -15.18 -46.81
N TYR B 173 -41.51 -15.38 -45.50
CA TYR B 173 -40.57 -16.35 -44.94
C TYR B 173 -41.03 -17.74 -45.34
N THR B 174 -42.28 -17.84 -45.76
CA THR B 174 -42.85 -19.11 -46.21
C THR B 174 -42.05 -19.47 -47.46
N LEU B 175 -41.75 -18.45 -48.25
CA LEU B 175 -40.98 -18.60 -49.47
C LEU B 175 -39.61 -19.18 -49.11
N LEU B 176 -38.78 -18.36 -48.48
CA LEU B 176 -37.45 -18.80 -48.07
C LEU B 176 -37.46 -20.06 -47.21
N ASN B 177 -38.61 -20.37 -46.61
CA ASN B 177 -38.74 -21.54 -45.75
C ASN B 177 -38.44 -22.83 -46.48
N GLU B 178 -39.01 -22.96 -47.67
CA GLU B 178 -38.79 -24.15 -48.48
C GLU B 178 -38.31 -23.71 -49.86
N ASN B 179 -37.35 -22.79 -49.89
CA ASN B 179 -36.81 -22.28 -51.15
C ASN B 179 -35.33 -21.96 -51.08
N TYR B 180 -35.00 -20.90 -50.34
CA TYR B 180 -33.61 -20.47 -50.17
C TYR B 180 -32.83 -21.63 -49.55
N VAL B 181 -32.63 -22.69 -50.32
CA VAL B 181 -31.92 -23.87 -49.85
C VAL B 181 -30.44 -23.79 -50.24
N GLU B 182 -29.58 -24.08 -49.27
CA GLU B 182 -28.14 -24.02 -49.50
C GLU B 182 -27.45 -25.24 -48.89
N ASP B 183 -27.98 -26.42 -49.19
CA ASP B 183 -27.40 -27.65 -48.65
C ASP B 183 -26.80 -28.51 -49.76
N ASP B 184 -26.12 -29.58 -49.36
CA ASP B 184 -25.49 -30.50 -50.31
C ASP B 184 -26.07 -31.90 -50.13
N ASP B 185 -25.23 -32.86 -49.76
CA ASP B 185 -25.65 -34.25 -49.56
C ASP B 185 -26.78 -34.38 -48.55
N ASN B 186 -26.63 -33.72 -47.40
CA ASN B 186 -27.64 -33.75 -46.35
C ASN B 186 -28.99 -33.23 -46.83
N MET B 187 -29.33 -32.02 -46.39
CA MET B 187 -30.59 -31.37 -46.76
C MET B 187 -30.84 -30.16 -45.84
N PHE B 188 -29.77 -29.43 -45.53
CA PHE B 188 -29.88 -28.26 -44.66
C PHE B 188 -30.29 -27.00 -45.43
N ARG B 189 -31.56 -26.65 -45.32
CA ARG B 189 -32.09 -25.47 -45.99
C ARG B 189 -31.57 -24.18 -45.36
N PHE B 190 -32.44 -23.48 -44.65
CA PHE B 190 -32.10 -22.22 -43.99
C PHE B 190 -33.39 -21.55 -43.54
N ASP B 191 -34.16 -22.26 -42.72
CA ASP B 191 -35.42 -21.76 -42.20
C ASP B 191 -35.30 -20.33 -41.66
N TYR B 192 -36.08 -19.41 -42.20
CA TYR B 192 -36.02 -18.02 -41.75
C TYR B 192 -37.11 -17.57 -40.78
N SER B 193 -36.68 -17.08 -39.62
CA SER B 193 -37.57 -16.64 -38.56
C SER B 193 -38.42 -15.43 -38.94
N PRO B 194 -39.68 -15.41 -38.46
CA PRO B 194 -40.62 -14.33 -38.73
C PRO B 194 -40.01 -12.99 -38.32
N GLU B 195 -39.45 -12.94 -37.12
CA GLU B 195 -38.84 -11.73 -36.60
C GLU B 195 -37.47 -11.46 -37.19
N PHE B 196 -36.59 -12.45 -37.13
CA PHE B 196 -35.22 -12.33 -37.64
C PHE B 196 -35.17 -11.43 -38.87
N LEU B 197 -35.98 -11.75 -39.88
CA LEU B 197 -36.03 -10.95 -41.10
C LEU B 197 -36.01 -9.47 -40.77
N LEU B 198 -36.99 -9.01 -39.99
CA LEU B 198 -37.07 -7.61 -39.60
C LEU B 198 -35.77 -7.10 -38.96
N TRP B 199 -35.06 -7.99 -38.28
CA TRP B 199 -33.80 -7.61 -37.66
C TRP B 199 -32.78 -7.30 -38.75
N ALA B 200 -32.85 -8.05 -39.84
CA ALA B 200 -31.93 -7.86 -40.97
C ALA B 200 -32.50 -6.94 -42.04
N LEU B 201 -33.75 -7.19 -42.41
CA LEU B 201 -34.42 -6.42 -43.45
C LEU B 201 -34.83 -5.00 -43.05
N ARG B 202 -34.61 -4.62 -41.81
CA ARG B 202 -35.01 -3.28 -41.40
C ARG B 202 -34.03 -2.47 -40.55
N PRO B 203 -32.86 -2.12 -41.12
CA PRO B 203 -31.86 -1.34 -40.38
C PRO B 203 -32.16 0.16 -40.51
N PRO B 204 -31.32 1.01 -39.90
CA PRO B 204 -31.55 2.46 -39.98
C PRO B 204 -31.27 3.00 -41.37
N GLY B 205 -32.31 3.46 -42.04
CA GLY B 205 -32.16 4.01 -43.38
C GLY B 205 -32.70 3.12 -44.48
N TRP B 206 -33.42 2.07 -44.10
CA TRP B 206 -33.98 1.16 -45.09
C TRP B 206 -35.08 1.84 -45.88
N LEU B 207 -35.33 1.34 -47.10
CA LEU B 207 -36.37 1.91 -47.92
C LEU B 207 -37.28 0.82 -48.47
N PRO B 208 -38.59 1.06 -48.43
CA PRO B 208 -39.68 0.17 -48.88
C PRO B 208 -39.50 -0.46 -50.27
N GLN B 209 -39.05 0.34 -51.24
CA GLN B 209 -38.87 -0.14 -52.60
C GLN B 209 -37.63 -1.01 -52.81
N TRP B 210 -37.02 -1.46 -51.72
CA TRP B 210 -35.85 -2.32 -51.85
C TRP B 210 -36.13 -3.76 -51.43
N HIS B 211 -37.39 -4.02 -51.08
CA HIS B 211 -37.84 -5.34 -50.69
C HIS B 211 -38.69 -5.84 -51.85
N CYS B 212 -38.06 -5.93 -53.02
CA CYS B 212 -38.75 -6.37 -54.22
C CYS B 212 -39.38 -7.75 -54.07
N GLY B 213 -40.69 -7.80 -54.27
CA GLY B 213 -41.42 -9.05 -54.17
C GLY B 213 -42.16 -9.26 -55.48
N VAL B 214 -42.24 -10.51 -55.93
CA VAL B 214 -42.93 -10.83 -57.17
C VAL B 214 -44.09 -11.78 -56.91
N ARG B 215 -44.98 -11.90 -57.88
CA ARG B 215 -46.14 -12.78 -57.73
C ARG B 215 -46.86 -13.04 -59.05
N VAL B 216 -47.38 -14.26 -59.21
CA VAL B 216 -48.10 -14.65 -60.40
C VAL B 216 -49.41 -13.87 -60.41
N VAL B 217 -49.79 -13.33 -61.56
CA VAL B 217 -51.02 -12.55 -61.64
C VAL B 217 -52.25 -13.46 -61.48
N SER B 218 -52.01 -14.72 -61.10
CA SER B 218 -53.08 -15.70 -60.92
C SER B 218 -53.64 -15.62 -59.50
N SER B 219 -53.87 -16.79 -58.89
CA SER B 219 -54.40 -16.84 -57.53
C SER B 219 -53.35 -16.37 -56.52
N ARG B 220 -53.56 -16.73 -55.25
CA ARG B 220 -52.65 -16.36 -54.18
C ARG B 220 -51.20 -16.55 -54.62
N LYS B 221 -50.63 -15.49 -55.20
CA LYS B 221 -49.26 -15.54 -55.68
C LYS B 221 -48.30 -14.86 -54.71
N LEU B 222 -47.04 -15.25 -54.81
CA LEU B 222 -45.98 -14.72 -53.98
C LEU B 222 -44.69 -15.49 -54.28
N VAL B 223 -44.01 -15.13 -55.36
CA VAL B 223 -42.77 -15.78 -55.72
C VAL B 223 -41.64 -14.76 -55.95
N GLY B 224 -40.40 -15.18 -55.72
CA GLY B 224 -39.27 -14.29 -55.91
C GLY B 224 -39.20 -13.06 -55.00
N PHE B 225 -38.05 -12.87 -54.38
CA PHE B 225 -37.81 -11.73 -53.48
C PHE B 225 -36.35 -11.31 -53.59
N ILE B 226 -36.00 -10.22 -52.92
CA ILE B 226 -34.64 -9.69 -52.92
C ILE B 226 -34.56 -8.46 -52.03
N SER B 227 -33.65 -8.50 -51.06
CA SER B 227 -33.46 -7.39 -50.14
C SER B 227 -32.36 -6.44 -50.63
N ALA B 228 -32.00 -5.47 -49.82
CA ALA B 228 -30.96 -4.52 -50.19
C ALA B 228 -30.82 -3.48 -49.08
N ILE B 229 -30.44 -3.94 -47.89
CA ILE B 229 -30.27 -3.06 -46.75
C ILE B 229 -29.12 -2.07 -46.92
N PRO B 230 -29.36 -0.78 -46.64
CA PRO B 230 -28.39 0.30 -46.75
C PRO B 230 -27.21 0.07 -45.81
N ALA B 231 -26.02 0.39 -46.28
CA ALA B 231 -24.81 0.19 -45.47
C ALA B 231 -23.88 1.37 -45.65
N ASN B 232 -22.61 1.16 -45.28
CA ASN B 232 -21.56 2.19 -45.38
C ASN B 232 -20.20 1.49 -45.34
N ILE B 233 -19.93 0.66 -46.35
CA ILE B 233 -18.69 -0.10 -46.46
C ILE B 233 -17.42 0.73 -46.40
N HIS B 234 -16.31 0.03 -46.18
CA HIS B 234 -14.98 0.63 -46.09
C HIS B 234 -13.98 -0.30 -46.77
N ILE B 235 -13.69 -0.04 -48.03
CA ILE B 235 -12.76 -0.85 -48.81
C ILE B 235 -11.36 -0.25 -48.91
N TYR B 236 -11.15 0.57 -49.94
CA TYR B 236 -9.86 1.21 -50.15
C TYR B 236 -9.65 2.24 -49.03
N ASP B 237 -8.80 3.23 -49.28
CA ASP B 237 -8.54 4.27 -48.29
C ASP B 237 -9.78 5.17 -48.20
N THR B 238 -10.95 4.58 -48.41
CA THR B 238 -12.18 5.35 -48.38
C THR B 238 -13.39 4.60 -47.83
N GLU B 239 -14.34 5.37 -47.30
CA GLU B 239 -15.59 4.86 -46.75
C GLU B 239 -16.74 5.19 -47.68
N LYS B 240 -16.95 4.34 -48.68
CA LYS B 240 -18.03 4.56 -49.64
C LYS B 240 -19.34 4.04 -49.09
N LYS B 241 -20.33 4.92 -49.02
CA LYS B 241 -21.64 4.52 -48.55
C LYS B 241 -22.22 3.58 -49.61
N MET B 242 -22.32 2.30 -49.27
CA MET B 242 -22.86 1.29 -50.18
C MET B 242 -24.06 0.61 -49.56
N VAL B 243 -24.60 -0.39 -50.27
CA VAL B 243 -25.75 -1.13 -49.78
C VAL B 243 -25.41 -2.62 -49.76
N GLU B 244 -26.06 -3.38 -48.90
CA GLU B 244 -25.81 -4.81 -48.80
C GLU B 244 -27.01 -5.57 -49.35
N ILE B 245 -26.89 -6.02 -50.59
CA ILE B 245 -27.99 -6.75 -51.24
C ILE B 245 -28.10 -8.18 -50.76
N ASN B 246 -29.31 -8.58 -50.38
CA ASN B 246 -29.55 -9.93 -49.89
C ASN B 246 -30.90 -10.56 -50.26
N PHE B 247 -31.11 -11.77 -49.76
CA PHE B 247 -32.33 -12.54 -49.96
C PHE B 247 -32.85 -12.67 -51.39
N LEU B 248 -31.98 -13.04 -52.30
CA LEU B 248 -32.39 -13.22 -53.69
C LEU B 248 -32.88 -14.64 -53.89
N CYS B 249 -34.20 -14.80 -53.96
CA CYS B 249 -34.79 -16.11 -54.15
C CYS B 249 -35.71 -16.13 -55.35
N VAL B 250 -36.30 -17.31 -55.59
CA VAL B 250 -37.24 -17.55 -56.68
C VAL B 250 -37.97 -18.84 -56.32
N HIS B 251 -39.30 -18.86 -56.45
CA HIS B 251 -40.08 -20.05 -56.10
C HIS B 251 -39.44 -21.37 -56.53
N LYS B 252 -39.93 -22.46 -55.94
CA LYS B 252 -39.41 -23.80 -56.21
C LYS B 252 -39.63 -24.23 -57.66
N LYS B 253 -40.81 -24.79 -57.91
CA LYS B 253 -41.20 -25.29 -59.23
C LYS B 253 -40.70 -24.43 -60.41
N LEU B 254 -40.50 -23.14 -60.17
CA LEU B 254 -40.05 -22.25 -61.23
C LEU B 254 -38.75 -21.57 -60.85
N ARG B 255 -37.68 -21.87 -61.58
CA ARG B 255 -36.39 -21.25 -61.30
C ARG B 255 -36.53 -19.78 -61.66
N SER B 256 -36.13 -19.42 -62.87
CA SER B 256 -36.23 -18.05 -63.36
C SER B 256 -36.13 -18.04 -64.89
N LYS B 257 -37.23 -18.39 -65.53
CA LYS B 257 -37.31 -18.44 -66.98
C LYS B 257 -36.95 -17.10 -67.61
N ARG B 258 -36.92 -16.07 -66.78
CA ARG B 258 -36.60 -14.70 -67.20
C ARG B 258 -36.65 -13.87 -65.95
N VAL B 259 -37.10 -14.51 -64.87
CA VAL B 259 -37.24 -13.89 -63.57
C VAL B 259 -35.97 -13.19 -63.09
N ALA B 260 -35.23 -13.88 -62.23
CA ALA B 260 -34.00 -13.36 -61.65
C ALA B 260 -33.25 -12.33 -62.49
N PRO B 261 -32.92 -12.66 -63.75
CA PRO B 261 -32.19 -11.74 -64.62
C PRO B 261 -32.83 -10.34 -64.69
N VAL B 262 -34.07 -10.26 -64.26
CA VAL B 262 -34.81 -9.00 -64.26
C VAL B 262 -35.06 -8.69 -62.79
N LEU B 263 -35.27 -9.76 -62.03
CA LEU B 263 -35.50 -9.67 -60.60
C LEU B 263 -34.25 -9.06 -59.99
N ILE B 264 -33.12 -9.22 -60.69
CA ILE B 264 -31.83 -8.69 -60.23
C ILE B 264 -31.66 -7.23 -60.62
N ARG B 265 -31.72 -6.97 -61.92
CA ARG B 265 -31.55 -5.61 -62.45
C ARG B 265 -32.57 -4.60 -61.92
N GLU B 266 -33.63 -5.09 -61.28
CA GLU B 266 -34.67 -4.21 -60.74
C GLU B 266 -34.18 -3.44 -59.52
N ILE B 267 -33.76 -4.17 -58.49
CA ILE B 267 -33.27 -3.54 -57.29
C ILE B 267 -32.01 -2.72 -57.61
N THR B 268 -31.34 -3.07 -58.70
CA THR B 268 -30.14 -2.36 -59.12
C THR B 268 -30.54 -0.95 -59.53
N ARG B 269 -31.69 -0.84 -60.20
CA ARG B 269 -32.18 0.46 -60.63
C ARG B 269 -32.71 1.18 -59.40
N ARG B 270 -33.58 0.50 -58.67
CA ARG B 270 -34.19 1.05 -57.46
C ARG B 270 -33.19 1.74 -56.54
N VAL B 271 -31.98 1.20 -56.44
CA VAL B 271 -30.95 1.78 -55.59
C VAL B 271 -30.22 2.90 -56.30
N HIS B 272 -29.92 2.69 -57.57
CA HIS B 272 -29.21 3.68 -58.38
C HIS B 272 -29.96 5.00 -58.46
N LEU B 273 -31.04 5.12 -57.69
CA LEU B 273 -31.84 6.35 -57.66
C LEU B 273 -31.52 7.17 -56.41
N GLU B 274 -30.91 6.52 -55.41
CA GLU B 274 -30.53 7.23 -54.20
C GLU B 274 -29.02 7.49 -54.23
N GLY B 275 -28.39 7.22 -55.37
CA GLY B 275 -26.96 7.45 -55.50
C GLY B 275 -26.11 6.27 -55.06
N ILE B 276 -26.72 5.30 -54.40
CA ILE B 276 -26.02 4.12 -53.92
C ILE B 276 -25.71 3.18 -55.09
N PHE B 277 -24.81 3.64 -55.97
CA PHE B 277 -24.38 2.90 -57.15
C PHE B 277 -23.41 1.75 -56.80
N GLN B 278 -23.00 1.72 -55.54
CA GLN B 278 -22.07 0.70 -55.05
C GLN B 278 -22.87 -0.38 -54.31
N ALA B 279 -22.54 -1.65 -54.54
CA ALA B 279 -23.26 -2.73 -53.87
C ALA B 279 -22.36 -3.71 -53.13
N VAL B 280 -22.93 -4.39 -52.14
CA VAL B 280 -22.18 -5.35 -51.33
C VAL B 280 -23.06 -6.54 -50.96
N TYR B 281 -22.48 -7.74 -51.02
CA TYR B 281 -23.21 -8.97 -50.70
C TYR B 281 -22.32 -10.19 -50.87
N THR B 282 -22.84 -11.33 -50.42
CA THR B 282 -22.13 -12.60 -50.52
C THR B 282 -23.14 -13.61 -51.06
N ALA B 283 -22.65 -14.73 -51.57
CA ALA B 283 -23.54 -15.74 -52.12
C ALA B 283 -22.93 -17.13 -52.09
N GLY B 284 -23.77 -18.14 -51.89
CA GLY B 284 -23.28 -19.50 -51.85
C GLY B 284 -23.05 -19.99 -53.26
N VAL B 285 -22.21 -19.27 -54.00
CA VAL B 285 -21.88 -19.62 -55.39
C VAL B 285 -20.62 -18.92 -55.88
N VAL B 286 -20.32 -19.15 -57.15
CA VAL B 286 -19.14 -18.59 -57.80
C VAL B 286 -19.52 -17.33 -58.56
N LEU B 287 -18.52 -16.48 -58.79
CA LEU B 287 -18.72 -15.24 -59.53
C LEU B 287 -17.36 -14.69 -59.94
N PRO B 288 -17.25 -14.24 -61.19
CA PRO B 288 -16.06 -13.67 -61.83
C PRO B 288 -15.02 -12.99 -60.95
N LYS B 289 -15.32 -11.75 -60.54
CA LYS B 289 -14.39 -10.97 -59.72
C LYS B 289 -14.74 -10.94 -58.23
N PRO B 290 -14.20 -11.89 -57.46
CA PRO B 290 -14.47 -11.95 -56.02
C PRO B 290 -13.50 -11.08 -55.24
N VAL B 291 -13.90 -10.68 -54.04
CA VAL B 291 -13.06 -9.87 -53.17
C VAL B 291 -12.52 -10.74 -52.04
N GLY B 292 -13.33 -11.71 -51.61
CA GLY B 292 -12.91 -12.61 -50.54
C GLY B 292 -13.45 -14.01 -50.77
N THR B 293 -13.17 -14.90 -49.81
CA THR B 293 -13.63 -16.30 -49.90
C THR B 293 -13.40 -17.02 -48.57
N CYS B 294 -14.31 -16.83 -47.62
CA CYS B 294 -14.18 -17.48 -46.32
C CYS B 294 -14.80 -18.87 -46.37
N ARG B 295 -14.75 -19.57 -45.22
CA ARG B 295 -15.32 -20.90 -45.07
C ARG B 295 -15.83 -21.08 -43.64
N TYR B 296 -16.97 -21.76 -43.51
CA TYR B 296 -17.60 -21.98 -42.21
C TYR B 296 -16.95 -23.07 -41.38
N TRP B 297 -17.13 -22.97 -40.05
CA TRP B 297 -16.59 -23.93 -39.10
C TRP B 297 -17.63 -24.29 -38.06
N HIS B 298 -17.29 -25.18 -37.13
CA HIS B 298 -18.24 -25.60 -36.09
C HIS B 298 -17.60 -25.98 -34.76
N ARG B 299 -18.44 -26.48 -33.85
CA ARG B 299 -18.03 -26.95 -32.52
C ARG B 299 -19.30 -27.49 -31.87
N SER B 300 -19.67 -28.70 -32.26
CA SER B 300 -20.87 -29.35 -31.75
C SER B 300 -21.15 -29.08 -30.28
N LEU B 301 -22.37 -28.63 -30.02
CA LEU B 301 -22.83 -28.34 -28.67
C LEU B 301 -23.92 -29.37 -28.42
N ASN B 302 -23.88 -30.41 -29.24
CA ASN B 302 -24.83 -31.52 -29.17
C ASN B 302 -24.43 -32.55 -30.22
N PRO B 303 -23.24 -33.17 -30.06
CA PRO B 303 -22.67 -34.19 -30.96
C PRO B 303 -23.59 -35.38 -31.26
N ARG B 304 -23.99 -36.11 -30.24
CA ARG B 304 -24.86 -37.27 -30.41
C ARG B 304 -26.00 -37.01 -31.40
N LYS B 305 -26.38 -35.74 -31.53
CA LYS B 305 -27.46 -35.35 -32.43
C LYS B 305 -27.00 -35.36 -33.89
N LEU B 306 -25.93 -34.61 -34.18
CA LEU B 306 -25.40 -34.54 -35.54
C LEU B 306 -25.05 -35.94 -36.01
N ILE B 307 -24.49 -36.73 -35.11
CA ILE B 307 -24.13 -38.10 -35.40
C ILE B 307 -25.41 -38.87 -35.70
N GLU B 308 -26.46 -38.55 -34.94
CA GLU B 308 -27.77 -39.19 -35.10
C GLU B 308 -28.32 -38.90 -36.50
N VAL B 309 -28.37 -37.63 -36.85
CA VAL B 309 -28.85 -37.24 -38.17
C VAL B 309 -27.71 -37.48 -39.17
N LYS B 310 -27.38 -36.48 -39.99
CA LYS B 310 -26.31 -36.65 -40.97
C LYS B 310 -25.55 -35.36 -41.25
N PHE B 311 -25.60 -34.42 -40.32
CA PHE B 311 -24.91 -33.13 -40.48
C PHE B 311 -23.43 -33.27 -40.18
N SER B 312 -23.12 -34.14 -39.22
CA SER B 312 -21.76 -34.42 -38.79
C SER B 312 -21.65 -35.90 -38.44
N HIS B 313 -20.44 -36.43 -38.34
CA HIS B 313 -20.25 -37.84 -38.03
C HIS B 313 -18.98 -38.13 -37.24
N LEU B 314 -18.95 -39.28 -36.56
CA LEU B 314 -17.78 -39.68 -35.77
C LEU B 314 -16.71 -40.29 -36.66
N SER B 315 -15.46 -39.96 -36.36
CA SER B 315 -14.32 -40.44 -37.11
C SER B 315 -14.33 -41.96 -37.19
N ARG B 316 -13.18 -42.53 -37.55
CA ARG B 316 -13.05 -43.97 -37.68
C ARG B 316 -13.64 -44.74 -36.51
N ASN B 317 -12.81 -45.03 -35.52
CA ASN B 317 -13.23 -45.77 -34.33
C ASN B 317 -13.46 -44.87 -33.12
N MET B 318 -14.28 -43.83 -33.30
CA MET B 318 -14.59 -42.91 -32.21
C MET B 318 -15.94 -43.26 -31.60
N THR B 319 -15.91 -43.86 -30.40
CA THR B 319 -17.14 -44.24 -29.73
C THR B 319 -18.12 -43.07 -29.64
N MET B 320 -19.41 -43.37 -29.72
CA MET B 320 -20.44 -42.34 -29.62
C MET B 320 -20.47 -41.81 -28.20
N GLN B 321 -19.34 -41.97 -27.49
CA GLN B 321 -19.24 -41.52 -26.11
C GLN B 321 -18.01 -40.65 -25.92
N ARG B 322 -16.86 -41.12 -26.38
CA ARG B 322 -15.63 -40.33 -26.25
C ARG B 322 -15.82 -39.03 -27.01
N THR B 323 -16.40 -39.13 -28.19
CA THR B 323 -16.66 -37.95 -29.02
C THR B 323 -17.24 -36.86 -28.12
N MET B 324 -18.27 -37.22 -27.35
CA MET B 324 -18.89 -36.26 -26.45
C MET B 324 -17.87 -35.68 -25.48
N LYS B 325 -17.29 -36.54 -24.64
CA LYS B 325 -16.29 -36.10 -23.68
C LYS B 325 -15.44 -34.99 -24.29
N LEU B 326 -14.91 -35.25 -25.48
CA LEU B 326 -14.07 -34.29 -26.17
C LEU B 326 -14.78 -32.95 -26.29
N TYR B 327 -15.86 -32.92 -27.08
CA TYR B 327 -16.62 -31.68 -27.27
C TYR B 327 -17.42 -31.31 -26.04
N ARG B 328 -16.87 -31.57 -24.85
CA ARG B 328 -17.56 -31.27 -23.60
C ARG B 328 -17.52 -29.77 -23.33
N LEU B 329 -18.21 -29.33 -22.28
CA LEU B 329 -18.25 -27.92 -21.93
C LEU B 329 -18.70 -27.66 -20.50
N PRO B 330 -18.07 -26.67 -19.83
CA PRO B 330 -18.40 -26.30 -18.44
C PRO B 330 -19.79 -25.67 -18.35
N GLU B 331 -20.38 -25.63 -17.16
CA GLU B 331 -21.70 -25.05 -16.97
C GLU B 331 -21.64 -23.59 -16.52
N THR B 332 -20.43 -23.03 -16.47
CA THR B 332 -20.24 -21.65 -16.04
C THR B 332 -18.99 -21.02 -16.69
N PRO B 333 -19.15 -19.86 -17.34
CA PRO B 333 -18.10 -19.11 -18.03
C PRO B 333 -16.79 -18.95 -17.24
N LYS B 334 -15.68 -18.95 -17.97
CA LYS B 334 -14.35 -18.80 -17.39
C LYS B 334 -13.84 -17.38 -17.63
N THR B 335 -14.77 -16.42 -17.63
CA THR B 335 -14.43 -15.02 -17.85
C THR B 335 -15.20 -14.18 -16.84
N ALA B 336 -14.47 -13.45 -16.00
CA ALA B 336 -15.08 -12.62 -14.96
C ALA B 336 -15.47 -11.23 -15.45
N GLY B 337 -16.77 -11.02 -15.63
CA GLY B 337 -17.27 -9.74 -16.09
C GLY B 337 -18.31 -9.91 -17.18
N LEU B 338 -18.37 -11.11 -17.74
CA LEU B 338 -19.32 -11.45 -18.80
C LEU B 338 -20.73 -11.21 -18.30
N ARG B 339 -21.38 -10.19 -18.86
CA ARG B 339 -22.73 -9.84 -18.46
C ARG B 339 -23.51 -9.22 -19.63
N PRO B 340 -24.73 -9.70 -19.88
CA PRO B 340 -25.61 -9.21 -20.96
C PRO B 340 -25.55 -7.71 -21.13
N MET B 341 -25.37 -7.27 -22.38
CA MET B 341 -25.28 -5.84 -22.70
C MET B 341 -26.55 -5.09 -22.32
N GLU B 342 -26.39 -4.06 -21.50
CA GLU B 342 -27.52 -3.23 -21.06
C GLU B 342 -27.89 -2.28 -22.18
N THR B 343 -28.98 -1.55 -21.98
CA THR B 343 -29.41 -0.58 -22.99
C THR B 343 -28.35 0.52 -23.04
N LYS B 344 -27.83 0.89 -21.88
CA LYS B 344 -26.82 1.94 -21.77
C LYS B 344 -25.45 1.49 -22.20
N ASP B 345 -25.34 0.28 -22.74
CA ASP B 345 -24.04 -0.25 -23.18
C ASP B 345 -23.89 -0.09 -24.69
N ILE B 346 -24.84 0.62 -25.29
CA ILE B 346 -24.82 0.84 -26.73
C ILE B 346 -23.61 1.63 -27.21
N PRO B 347 -23.48 2.90 -26.78
CA PRO B 347 -22.32 3.68 -27.23
C PRO B 347 -20.99 3.05 -26.83
N VAL B 348 -21.02 2.15 -25.85
CA VAL B 348 -19.81 1.49 -25.38
C VAL B 348 -19.47 0.33 -26.31
N VAL B 349 -20.43 -0.01 -27.15
CA VAL B 349 -20.28 -1.09 -28.10
C VAL B 349 -20.03 -0.50 -29.49
N HIS B 350 -20.35 0.80 -29.61
CA HIS B 350 -20.18 1.57 -30.84
C HIS B 350 -18.74 2.03 -30.97
N GLN B 351 -18.28 2.77 -29.98
CA GLN B 351 -16.92 3.31 -29.95
C GLN B 351 -15.87 2.20 -29.77
N LEU B 352 -16.27 1.12 -29.11
CA LEU B 352 -15.36 -0.01 -28.86
C LEU B 352 -15.19 -0.84 -30.13
N LEU B 353 -16.23 -0.86 -30.95
CA LEU B 353 -16.25 -1.61 -32.21
C LEU B 353 -15.79 -0.80 -33.43
N THR B 354 -15.85 0.52 -33.34
CA THR B 354 -15.43 1.38 -34.45
C THR B 354 -13.91 1.53 -34.55
N ARG B 355 -13.24 1.48 -33.41
CA ARG B 355 -11.78 1.60 -33.38
C ARG B 355 -11.18 0.22 -33.67
N TYR B 356 -11.84 -0.81 -33.15
CA TYR B 356 -11.40 -2.19 -33.33
C TYR B 356 -11.53 -2.60 -34.77
N LEU B 357 -12.77 -2.66 -35.25
CA LEU B 357 -13.03 -3.04 -36.62
C LEU B 357 -12.15 -2.18 -37.53
N LYS B 358 -11.69 -1.05 -37.00
CA LYS B 358 -10.83 -0.12 -37.75
C LYS B 358 -9.44 -0.68 -38.00
N GLN B 359 -9.37 -1.85 -38.62
CA GLN B 359 -8.10 -2.47 -38.92
C GLN B 359 -8.28 -3.55 -39.98
N PHE B 360 -9.40 -3.46 -40.71
CA PHE B 360 -9.71 -4.42 -41.75
C PHE B 360 -9.94 -3.67 -43.06
N HIS B 361 -9.53 -4.25 -44.17
CA HIS B 361 -9.69 -3.63 -45.49
C HIS B 361 -11.14 -3.45 -45.94
N LEU B 362 -12.05 -4.20 -45.29
CA LEU B 362 -13.47 -4.13 -45.61
C LEU B 362 -14.28 -4.28 -44.33
N THR B 363 -14.87 -3.19 -43.87
CA THR B 363 -15.68 -3.22 -42.64
C THR B 363 -16.93 -2.36 -42.74
N PRO B 364 -17.98 -2.74 -42.02
CA PRO B 364 -19.24 -1.99 -42.03
C PRO B 364 -19.27 -0.91 -40.96
N VAL B 365 -18.90 0.31 -41.33
CA VAL B 365 -18.92 1.42 -40.37
C VAL B 365 -20.34 1.58 -39.87
N MET B 366 -20.49 1.75 -38.56
CA MET B 366 -21.81 1.90 -38.00
C MET B 366 -21.94 3.08 -37.06
N SER B 367 -23.19 3.52 -36.85
CA SER B 367 -23.50 4.63 -35.99
C SER B 367 -23.90 4.09 -34.62
N GLN B 368 -24.17 4.99 -33.69
CA GLN B 368 -24.56 4.58 -32.36
C GLN B 368 -25.91 3.87 -32.39
N GLU B 369 -26.61 3.99 -33.51
CA GLU B 369 -27.92 3.36 -33.65
C GLU B 369 -27.80 2.03 -34.37
N GLU B 370 -26.87 1.96 -35.31
CA GLU B 370 -26.66 0.73 -36.07
C GLU B 370 -26.06 -0.33 -35.15
N VAL B 371 -24.98 0.01 -34.46
CA VAL B 371 -24.33 -0.91 -33.54
C VAL B 371 -25.32 -1.15 -32.40
N GLU B 372 -26.41 -0.42 -32.47
CA GLU B 372 -27.48 -0.48 -31.49
C GLU B 372 -28.56 -1.42 -32.00
N HIS B 373 -28.50 -1.75 -33.30
CA HIS B 373 -29.50 -2.61 -33.91
C HIS B 373 -29.05 -4.06 -34.08
N TRP B 374 -27.84 -4.25 -34.57
CA TRP B 374 -27.32 -5.60 -34.80
C TRP B 374 -26.57 -6.13 -33.59
N PHE B 375 -26.76 -5.50 -32.45
CA PHE B 375 -26.06 -5.94 -31.25
C PHE B 375 -26.91 -6.04 -29.98
N TYR B 376 -27.86 -5.14 -29.77
CA TYR B 376 -28.67 -5.24 -28.56
C TYR B 376 -29.43 -6.56 -28.51
N PRO B 377 -29.24 -7.33 -27.43
CA PRO B 377 -29.87 -8.63 -27.16
C PRO B 377 -31.37 -8.77 -27.47
N GLN B 378 -31.72 -9.91 -28.07
CA GLN B 378 -33.10 -10.22 -28.42
C GLN B 378 -33.32 -11.73 -28.47
N GLU B 379 -34.12 -12.20 -28.11
CA GLU B 379 -34.06 -13.62 -27.71
C GLU B 379 -33.74 -14.66 -28.72
N ASN B 380 -34.19 -14.64 -29.35
CA ASN B 380 -34.42 -15.50 -30.52
C ASN B 380 -34.05 -14.81 -31.84
N ILE B 381 -33.08 -13.91 -31.78
CA ILE B 381 -32.63 -13.20 -32.98
C ILE B 381 -31.10 -13.12 -32.91
N ILE B 382 -30.62 -12.26 -32.02
CA ILE B 382 -29.18 -12.04 -31.85
C ILE B 382 -28.80 -11.82 -30.38
N ASP B 383 -27.61 -12.28 -30.02
CA ASP B 383 -27.10 -12.15 -28.65
C ASP B 383 -25.84 -11.28 -28.62
N THR B 384 -25.50 -10.80 -27.43
CA THR B 384 -24.33 -9.94 -27.22
C THR B 384 -24.03 -9.74 -25.74
N PHE B 385 -22.99 -10.41 -25.24
CA PHE B 385 -22.61 -10.30 -23.85
C PHE B 385 -21.31 -9.52 -23.73
N VAL B 386 -21.40 -8.37 -23.09
CA VAL B 386 -20.26 -7.48 -22.89
C VAL B 386 -19.49 -7.95 -21.65
N VAL B 387 -18.30 -7.39 -21.45
CA VAL B 387 -17.45 -7.76 -20.32
C VAL B 387 -17.03 -6.55 -19.49
N GLU B 388 -17.93 -6.08 -18.62
CA GLU B 388 -17.63 -4.92 -17.77
C GLU B 388 -16.47 -5.28 -16.85
N ASN B 389 -15.68 -4.28 -16.47
CA ASN B 389 -14.54 -4.50 -15.60
C ASN B 389 -14.91 -4.47 -14.12
N ALA B 390 -14.14 -3.72 -13.34
CA ALA B 390 -14.38 -3.60 -11.90
C ALA B 390 -15.45 -2.54 -11.60
N ASN B 391 -15.01 -1.37 -11.13
CA ASN B 391 -15.92 -0.28 -10.80
C ASN B 391 -16.15 0.60 -12.03
N GLY B 392 -15.33 0.43 -13.05
CA GLY B 392 -15.46 1.24 -14.24
C GLY B 392 -16.46 0.69 -15.23
N GLU B 393 -16.09 0.71 -16.51
CA GLU B 393 -16.95 0.21 -17.56
C GLU B 393 -16.17 -0.56 -18.62
N VAL B 394 -14.93 -0.14 -18.86
CA VAL B 394 -14.05 -0.78 -19.85
C VAL B 394 -14.50 -2.21 -20.14
N THR B 395 -14.60 -2.55 -21.43
CA THR B 395 -15.07 -3.89 -21.79
C THR B 395 -14.75 -4.41 -23.20
N ASP B 396 -15.20 -5.62 -23.44
CA ASP B 396 -15.05 -6.33 -24.71
C ASP B 396 -16.40 -7.05 -24.81
N PHE B 397 -16.67 -7.74 -25.92
CA PHE B 397 -17.95 -8.42 -26.03
C PHE B 397 -18.04 -9.42 -27.18
N LEU B 398 -19.07 -10.26 -27.12
CA LEU B 398 -19.32 -11.26 -28.17
C LEU B 398 -20.75 -11.17 -28.69
N SER B 399 -20.99 -11.69 -29.89
CA SER B 399 -22.32 -11.65 -30.49
C SER B 399 -22.56 -12.80 -31.46
N PHE B 400 -23.74 -13.41 -31.37
CA PHE B 400 -24.09 -14.52 -32.25
C PHE B 400 -25.57 -14.56 -32.64
N TYR B 401 -25.86 -14.20 -33.89
CA TYR B 401 -27.22 -14.20 -34.38
C TYR B 401 -27.79 -15.60 -34.64
N THR B 402 -28.83 -15.98 -33.91
CA THR B 402 -29.46 -17.28 -34.08
C THR B 402 -29.91 -17.31 -35.53
N LEU B 403 -29.94 -18.50 -36.12
CA LEU B 403 -30.35 -18.65 -37.52
C LEU B 403 -30.54 -20.12 -37.86
N PRO B 404 -31.49 -20.80 -37.20
CA PRO B 404 -31.77 -22.22 -37.42
C PRO B 404 -32.08 -22.58 -38.87
N SER B 405 -31.57 -23.73 -39.29
CA SER B 405 -31.80 -24.22 -40.66
C SER B 405 -32.87 -25.30 -40.57
N THR B 406 -33.73 -25.35 -41.57
CA THR B 406 -34.81 -26.32 -41.59
C THR B 406 -34.32 -27.75 -41.32
N ILE B 407 -35.17 -28.50 -40.64
CA ILE B 407 -34.93 -29.89 -40.26
C ILE B 407 -35.28 -30.79 -41.45
N MET B 408 -35.00 -32.09 -41.33
CA MET B 408 -35.30 -33.03 -42.39
C MET B 408 -35.71 -34.40 -41.85
N ASN B 409 -35.77 -35.39 -42.75
CA ASN B 409 -36.16 -36.75 -42.39
C ASN B 409 -35.47 -37.25 -41.12
N HIS B 410 -36.19 -37.16 -40.00
CA HIS B 410 -35.67 -37.60 -38.71
C HIS B 410 -36.69 -37.33 -37.60
N PRO B 411 -37.52 -38.33 -37.27
CA PRO B 411 -38.56 -38.24 -36.24
C PRO B 411 -38.02 -37.78 -34.89
N THR B 412 -36.99 -38.48 -34.41
CA THR B 412 -36.38 -38.15 -33.12
C THR B 412 -35.47 -36.93 -33.29
N HIS B 413 -36.00 -35.90 -33.95
CA HIS B 413 -35.25 -34.67 -34.18
C HIS B 413 -36.16 -33.45 -34.27
N LYS B 414 -35.93 -32.49 -33.38
CA LYS B 414 -36.70 -31.25 -33.36
C LYS B 414 -36.39 -30.49 -34.65
N SER B 415 -35.15 -30.02 -34.73
CA SER B 415 -34.67 -29.28 -35.88
C SER B 415 -33.18 -29.08 -35.65
N LEU B 416 -32.71 -27.87 -35.90
CA LEU B 416 -31.29 -27.55 -35.73
C LEU B 416 -31.09 -26.11 -35.29
N LYS B 417 -31.15 -25.88 -33.98
CA LYS B 417 -30.97 -24.54 -33.45
C LYS B 417 -29.55 -24.11 -33.76
N ALA B 418 -29.42 -23.22 -34.74
CA ALA B 418 -28.12 -22.70 -35.17
C ALA B 418 -27.64 -21.58 -34.26
N ALA B 419 -26.35 -21.26 -34.34
CA ALA B 419 -25.77 -20.21 -33.52
C ALA B 419 -24.64 -19.48 -34.21
N TYR B 420 -24.83 -19.11 -35.47
CA TYR B 420 -23.80 -18.40 -36.21
C TYR B 420 -23.20 -17.28 -35.35
N SER B 421 -21.97 -16.87 -35.66
CA SER B 421 -21.31 -15.79 -34.92
C SER B 421 -21.35 -14.48 -35.70
N PHE B 422 -21.66 -13.38 -35.01
CA PHE B 422 -21.74 -12.08 -35.65
C PHE B 422 -20.39 -11.38 -35.55
N TYR B 423 -20.18 -10.65 -34.47
CA TYR B 423 -18.91 -9.96 -34.25
C TYR B 423 -18.40 -10.26 -32.84
N ASN B 424 -17.12 -10.00 -32.61
CA ASN B 424 -16.49 -10.21 -31.31
C ASN B 424 -15.32 -9.23 -31.17
N VAL B 425 -15.45 -8.29 -30.24
CA VAL B 425 -14.41 -7.29 -30.05
C VAL B 425 -13.80 -7.28 -28.65
N HIS B 426 -12.61 -7.81 -28.55
CA HIS B 426 -11.89 -7.85 -27.28
C HIS B 426 -10.93 -6.67 -27.32
N THR B 427 -10.85 -5.92 -26.23
CA THR B 427 -9.93 -4.80 -26.19
C THR B 427 -8.54 -5.36 -26.45
N GLN B 428 -7.74 -5.51 -25.41
CA GLN B 428 -6.40 -6.04 -25.57
C GLN B 428 -6.39 -7.51 -25.17
N THR B 429 -7.11 -7.84 -24.11
CA THR B 429 -7.17 -9.21 -23.61
C THR B 429 -7.48 -10.19 -24.73
N PRO B 430 -6.68 -11.28 -24.84
CA PRO B 430 -6.87 -12.31 -25.87
C PRO B 430 -8.31 -12.77 -25.92
N LEU B 431 -8.88 -12.87 -27.12
CA LEU B 431 -10.27 -13.30 -27.29
C LEU B 431 -10.40 -14.81 -27.46
N LEU B 432 -9.33 -15.54 -27.16
CA LEU B 432 -9.35 -16.99 -27.27
C LEU B 432 -10.33 -17.55 -26.23
N ASP B 433 -10.73 -16.68 -25.30
CA ASP B 433 -11.68 -17.06 -24.26
C ASP B 433 -13.00 -16.34 -24.51
N LEU B 434 -12.92 -15.18 -25.16
CA LEU B 434 -14.11 -14.41 -25.48
C LEU B 434 -14.92 -15.22 -26.48
N MET B 435 -14.21 -16.09 -27.22
CA MET B 435 -14.83 -16.96 -28.21
C MET B 435 -15.29 -18.29 -27.60
N SER B 436 -14.59 -18.75 -26.58
CA SER B 436 -14.94 -19.99 -25.92
C SER B 436 -16.22 -19.79 -25.12
N ASP B 437 -16.23 -18.79 -24.25
CA ASP B 437 -17.41 -18.47 -23.46
C ASP B 437 -18.63 -18.56 -24.37
N ALA B 438 -18.51 -17.97 -25.55
CA ALA B 438 -19.57 -17.96 -26.54
C ALA B 438 -20.15 -19.37 -26.69
N LEU B 439 -19.26 -20.35 -26.85
CA LEU B 439 -19.65 -21.74 -27.02
C LEU B 439 -20.40 -22.21 -25.78
N VAL B 440 -19.99 -21.72 -24.62
CA VAL B 440 -20.64 -22.10 -23.38
C VAL B 440 -22.00 -21.43 -23.27
N LEU B 441 -22.14 -20.28 -23.92
CA LEU B 441 -23.40 -19.55 -23.91
C LEU B 441 -24.35 -20.21 -24.89
N ALA B 442 -23.92 -20.33 -26.14
CA ALA B 442 -24.72 -20.96 -27.18
C ALA B 442 -25.24 -22.32 -26.71
N LYS B 443 -24.41 -23.05 -25.98
CA LYS B 443 -24.80 -24.37 -25.47
C LYS B 443 -25.77 -24.19 -24.32
N MET B 444 -25.34 -23.41 -23.34
CA MET B 444 -26.14 -23.12 -22.16
C MET B 444 -27.53 -22.64 -22.58
N LYS B 445 -27.61 -22.03 -23.76
CA LYS B 445 -28.88 -21.51 -24.29
C LYS B 445 -29.66 -22.55 -25.08
N GLY B 446 -29.12 -23.74 -25.20
CA GLY B 446 -29.80 -24.78 -25.93
C GLY B 446 -29.56 -24.65 -27.42
N PHE B 447 -28.29 -24.74 -27.81
CA PHE B 447 -27.92 -24.66 -29.22
C PHE B 447 -27.23 -25.93 -29.66
N ASP B 448 -27.28 -26.19 -30.96
CA ASP B 448 -26.68 -27.40 -31.49
C ASP B 448 -25.31 -27.21 -32.11
N VAL B 449 -24.95 -25.96 -32.42
CA VAL B 449 -23.65 -25.68 -33.01
C VAL B 449 -23.37 -24.19 -33.13
N PHE B 450 -22.10 -23.81 -32.95
CA PHE B 450 -21.67 -22.42 -33.07
C PHE B 450 -20.90 -22.34 -34.38
N ASN B 451 -21.44 -21.60 -35.34
CA ASN B 451 -20.80 -21.48 -36.65
C ASN B 451 -20.15 -20.12 -36.79
N ALA B 452 -18.83 -20.11 -36.97
CA ALA B 452 -18.08 -18.87 -37.14
C ALA B 452 -17.28 -18.90 -38.44
N LEU B 453 -17.32 -17.80 -39.17
CA LEU B 453 -16.61 -17.68 -40.45
C LEU B 453 -15.19 -17.16 -40.30
N ASP B 454 -14.81 -16.20 -41.14
CA ASP B 454 -13.47 -15.63 -41.10
C ASP B 454 -13.43 -14.13 -40.81
N LEU B 455 -12.35 -13.70 -40.16
CA LEU B 455 -12.14 -12.29 -39.80
C LEU B 455 -10.90 -12.15 -38.92
N MET B 456 -10.36 -11.87 -38.88
CA MET B 456 -8.92 -11.71 -38.65
C MET B 456 -8.43 -12.48 -37.45
N GLU B 457 -9.90 -11.91 -36.25
CA GLU B 457 -9.04 -12.75 -35.44
C GLU B 457 -9.64 -14.14 -35.33
N ASN B 458 -10.66 -14.40 -36.15
CA ASN B 458 -11.32 -15.69 -36.12
C ASN B 458 -10.39 -16.85 -36.45
N LYS B 459 -9.69 -16.76 -37.57
CA LYS B 459 -8.77 -17.81 -38.00
C LYS B 459 -7.87 -18.31 -36.88
N THR B 460 -7.73 -17.51 -35.83
CA THR B 460 -6.90 -17.88 -34.69
C THR B 460 -7.55 -18.95 -33.81
N PHE B 461 -8.42 -18.53 -32.91
CA PHE B 461 -9.11 -19.42 -31.99
C PHE B 461 -9.89 -20.55 -32.67
N LEU B 462 -10.16 -20.40 -33.96
CA LEU B 462 -10.91 -21.40 -34.69
C LEU B 462 -10.39 -22.82 -34.51
N GLU B 463 -9.42 -23.18 -35.35
CA GLU B 463 -8.83 -24.52 -35.32
C GLU B 463 -8.27 -24.92 -33.95
N LYS B 464 -7.71 -23.96 -33.21
CA LYS B 464 -7.16 -24.25 -31.89
C LYS B 464 -8.31 -24.45 -30.91
N LEU B 465 -9.46 -24.76 -31.49
CA LEU B 465 -10.68 -25.02 -30.74
C LEU B 465 -11.49 -25.92 -31.67
N LYS B 466 -12.41 -26.68 -31.11
CA LYS B 466 -13.19 -27.64 -31.89
C LYS B 466 -13.94 -27.14 -33.11
N PHE B 467 -13.21 -26.65 -34.12
CA PHE B 467 -13.82 -26.17 -35.37
C PHE B 467 -13.14 -26.92 -36.52
N GLY B 468 -13.90 -27.34 -37.52
CA GLY B 468 -13.30 -28.06 -38.64
C GLY B 468 -14.10 -28.16 -39.93
N ILE B 469 -15.02 -29.12 -39.95
CA ILE B 469 -15.88 -29.36 -41.12
C ILE B 469 -16.22 -28.08 -41.85
N GLY B 470 -16.27 -28.15 -43.18
CA GLY B 470 -16.59 -26.99 -43.99
C GLY B 470 -17.37 -27.39 -45.23
N ASP B 471 -18.67 -27.65 -45.05
CA ASP B 471 -19.53 -28.04 -46.14
C ASP B 471 -19.11 -27.39 -47.45
N GLY B 472 -18.92 -26.08 -47.41
CA GLY B 472 -18.51 -25.35 -48.59
C GLY B 472 -17.68 -24.11 -48.27
N ASN B 473 -18.11 -22.96 -48.77
CA ASN B 473 -17.39 -21.71 -48.54
C ASN B 473 -18.11 -20.51 -49.15
N LEU B 474 -18.25 -19.45 -48.35
CA LEU B 474 -18.92 -18.23 -48.78
C LEU B 474 -17.87 -17.26 -49.31
N GLN B 475 -18.24 -16.51 -50.36
CA GLN B 475 -17.34 -15.53 -50.97
C GLN B 475 -17.97 -14.14 -51.01
N TYR B 476 -17.11 -13.12 -50.88
CA TYR B 476 -17.55 -11.73 -50.88
C TYR B 476 -17.32 -11.05 -52.23
N TYR B 477 -18.17 -10.07 -52.53
CA TYR B 477 -18.04 -9.33 -53.79
C TYR B 477 -18.44 -7.86 -53.69
N LEU B 478 -18.04 -7.10 -54.70
CA LEU B 478 -18.33 -5.66 -54.80
C LEU B 478 -18.89 -5.41 -56.21
N TYR B 479 -20.05 -4.78 -56.27
CA TYR B 479 -20.73 -4.52 -57.55
C TYR B 479 -20.10 -3.50 -58.48
N ASN B 480 -20.08 -2.23 -58.07
CA ASN B 480 -19.53 -1.17 -58.91
C ASN B 480 -18.23 -0.53 -58.43
N TRP B 481 -17.45 -1.25 -57.64
CA TRP B 481 -16.17 -0.72 -57.16
C TRP B 481 -15.02 -1.61 -57.58
N LYS B 482 -13.89 -1.00 -57.92
CA LYS B 482 -12.70 -1.74 -58.33
C LYS B 482 -11.55 -1.53 -57.35
N CYS B 483 -10.99 -2.63 -56.87
CA CYS B 483 -9.88 -2.57 -55.91
C CYS B 483 -9.33 -3.95 -55.62
N PRO B 484 -8.06 -4.02 -55.17
CA PRO B 484 -7.34 -5.26 -54.84
C PRO B 484 -8.08 -6.14 -53.82
N SER B 485 -7.65 -7.39 -53.71
CA SER B 485 -8.25 -8.33 -52.78
C SER B 485 -7.39 -8.56 -51.53
N MET B 486 -7.91 -9.34 -50.60
CA MET B 486 -7.20 -9.63 -49.37
C MET B 486 -7.58 -11.00 -48.83
N GLY B 487 -6.86 -11.45 -47.81
CA GLY B 487 -7.15 -12.75 -47.24
C GLY B 487 -8.27 -12.62 -46.22
N ALA B 488 -8.72 -13.73 -45.66
CA ALA B 488 -9.78 -13.71 -44.68
C ALA B 488 -9.42 -12.75 -43.55
N GLU B 489 -8.14 -12.68 -43.24
CA GLU B 489 -7.63 -11.80 -42.19
C GLU B 489 -8.05 -10.33 -42.33
N LYS B 490 -8.44 -9.92 -43.54
CA LYS B 490 -8.83 -8.53 -43.78
C LYS B 490 -10.36 -8.30 -43.84
N VAL B 491 -11.10 -9.33 -44.23
CA VAL B 491 -12.56 -9.21 -44.34
C VAL B 491 -13.19 -8.90 -42.98
N GLY B 492 -13.95 -7.81 -42.91
CA GLY B 492 -14.60 -7.44 -41.66
C GLY B 492 -16.10 -7.58 -41.69
N ILE B 493 -16.73 -7.16 -42.78
CA ILE B 493 -18.17 -7.24 -42.94
C ILE B 493 -18.70 -8.65 -42.79
N VAL B 494 -19.46 -8.90 -41.72
CA VAL B 494 -20.06 -10.20 -41.44
C VAL B 494 -21.52 -10.13 -41.90
N LEU B 495 -21.70 -9.80 -43.18
CA LEU B 495 -23.01 -9.64 -43.81
C LEU B 495 -23.81 -10.96 -43.87
N GLN B 496 -24.22 -11.47 -42.73
CA GLN B 496 -25.01 -12.70 -42.65
C GLN B 496 -24.46 -13.85 -43.49
N ASP C 162 40.09 -4.90 -9.28
CA ASP C 162 38.77 -4.40 -9.72
C ASP C 162 38.88 -3.68 -11.06
N LEU C 163 39.77 -4.16 -11.93
CA LEU C 163 39.91 -3.55 -13.23
C LEU C 163 40.79 -4.35 -14.18
N GLY C 164 40.30 -4.56 -15.39
CA GLY C 164 41.07 -5.28 -16.38
C GLY C 164 40.94 -6.79 -16.35
N ASP C 165 41.54 -7.42 -15.33
CA ASP C 165 41.50 -8.86 -15.21
C ASP C 165 40.08 -9.41 -15.30
N ARG C 166 39.93 -10.51 -16.03
CA ARG C 166 38.64 -11.14 -16.21
C ARG C 166 38.00 -11.55 -14.88
N GLY C 167 38.62 -12.51 -14.20
CA GLY C 167 38.10 -12.99 -12.92
C GLY C 167 37.71 -11.89 -11.96
N VAL C 168 38.56 -10.88 -11.85
CA VAL C 168 38.29 -9.75 -10.98
C VAL C 168 37.12 -8.93 -11.50
N LEU C 169 37.38 -8.14 -12.54
CA LEU C 169 36.37 -7.29 -13.16
C LEU C 169 34.94 -7.85 -13.08
N LYS C 170 34.81 -9.15 -13.31
CA LYS C 170 33.51 -9.81 -13.26
C LYS C 170 32.84 -9.65 -11.91
N GLU C 171 33.41 -10.25 -10.87
CA GLU C 171 32.84 -10.15 -9.53
C GLU C 171 32.58 -8.71 -9.16
N LEU C 172 33.31 -7.80 -9.81
CA LEU C 172 33.17 -6.37 -9.57
C LEU C 172 31.84 -5.83 -10.08
N TYR C 173 31.50 -6.12 -11.34
CA TYR C 173 30.24 -5.66 -11.90
C TYR C 173 29.13 -6.46 -11.22
N THR C 174 29.53 -7.57 -10.60
CA THR C 174 28.60 -8.44 -9.87
C THR C 174 28.06 -7.60 -8.74
N LEU C 175 28.97 -6.84 -8.12
CA LEU C 175 28.62 -5.96 -7.02
C LEU C 175 27.56 -4.97 -7.53
N LEU C 176 27.98 -4.06 -8.40
CA LEU C 176 27.07 -3.06 -8.95
C LEU C 176 25.83 -3.67 -9.64
N ASN C 177 25.91 -4.95 -10.00
CA ASN C 177 24.81 -5.64 -10.65
C ASN C 177 23.58 -5.65 -9.76
N GLU C 178 23.76 -6.05 -8.51
CA GLU C 178 22.66 -6.08 -7.56
C GLU C 178 23.01 -5.21 -6.34
N ASN C 179 23.46 -3.99 -6.62
CA ASN C 179 23.82 -3.05 -5.56
C ASN C 179 23.61 -1.58 -5.91
N TYR C 180 24.42 -1.08 -6.83
CA TYR C 180 24.32 0.32 -7.26
C TYR C 180 22.90 0.56 -7.78
N VAL C 181 21.96 0.66 -6.83
CA VAL C 181 20.55 0.88 -7.14
C VAL C 181 20.11 2.22 -6.57
N GLU C 182 19.41 3.00 -7.38
CA GLU C 182 18.95 4.31 -6.94
C GLU C 182 17.43 4.39 -6.83
N ASP C 183 16.77 3.23 -6.92
CA ASP C 183 15.31 3.18 -6.82
C ASP C 183 14.75 1.76 -6.84
N ASP C 184 13.43 1.66 -6.73
CA ASP C 184 12.73 0.38 -6.72
C ASP C 184 11.26 0.58 -7.10
N ASP C 185 10.99 1.47 -8.05
CA ASP C 185 9.63 1.72 -8.50
C ASP C 185 9.12 0.44 -9.15
N ASN C 186 10.03 -0.52 -9.24
CA ASN C 186 9.77 -1.83 -9.82
C ASN C 186 11.10 -2.56 -9.75
N MET C 187 11.93 -2.12 -8.80
CA MET C 187 13.27 -2.67 -8.56
C MET C 187 14.27 -1.95 -9.46
N PHE C 188 14.29 -0.63 -9.37
CA PHE C 188 15.19 0.20 -10.18
C PHE C 188 16.66 0.07 -9.81
N ARG C 189 17.27 -1.03 -10.28
CA ARG C 189 18.69 -1.30 -10.03
C ARG C 189 19.52 -0.81 -11.21
N PHE C 190 20.81 -1.15 -11.19
CA PHE C 190 21.71 -0.75 -12.25
C PHE C 190 22.65 -1.88 -12.65
N ASP C 191 22.25 -2.65 -13.66
CA ASP C 191 23.07 -3.75 -14.14
C ASP C 191 24.26 -3.16 -14.89
N TYR C 192 25.46 -3.47 -14.43
CA TYR C 192 26.67 -2.95 -15.07
C TYR C 192 27.39 -3.90 -16.01
N SER C 193 27.55 -3.46 -17.25
CA SER C 193 28.22 -4.22 -18.30
C SER C 193 29.69 -4.48 -18.00
N PRO C 194 30.19 -5.66 -18.40
CA PRO C 194 31.58 -6.06 -18.17
C PRO C 194 32.55 -5.02 -18.75
N GLU C 195 32.30 -4.64 -20.00
CA GLU C 195 33.13 -3.66 -20.69
C GLU C 195 32.86 -2.23 -20.24
N PHE C 196 31.59 -1.84 -20.24
CA PHE C 196 31.20 -0.49 -19.85
C PHE C 196 32.09 0.05 -18.75
N LEU C 197 32.18 -0.67 -17.64
CA LEU C 197 33.02 -0.25 -16.53
C LEU C 197 34.35 0.30 -17.05
N LEU C 198 35.09 -0.52 -17.80
CA LEU C 198 36.37 -0.12 -18.37
C LEU C 198 36.29 1.18 -19.14
N TRP C 199 35.17 1.42 -19.80
CA TRP C 199 35.00 2.67 -20.55
C TRP C 199 34.95 3.84 -19.58
N ALA C 200 34.40 3.61 -18.39
CA ALA C 200 34.28 4.65 -17.37
C ALA C 200 35.42 4.63 -16.36
N LEU C 201 35.76 3.43 -15.89
CA LEU C 201 36.81 3.24 -14.90
C LEU C 201 38.23 3.39 -15.43
N ARG C 202 38.40 3.52 -16.73
CA ARG C 202 39.74 3.65 -17.28
C ARG C 202 40.00 4.77 -18.29
N PRO C 203 39.95 6.04 -17.83
CA PRO C 203 40.19 7.18 -18.72
C PRO C 203 41.68 7.50 -18.76
N PRO C 204 42.09 8.49 -19.57
CA PRO C 204 43.51 8.85 -19.65
C PRO C 204 44.03 9.51 -18.36
N GLY C 205 44.90 8.80 -17.65
CA GLY C 205 45.44 9.33 -16.41
C GLY C 205 44.96 8.62 -15.17
N TRP C 206 44.25 7.51 -15.35
CA TRP C 206 43.72 6.73 -14.24
C TRP C 206 44.83 6.07 -13.43
N LEU C 207 44.56 5.78 -12.16
CA LEU C 207 45.56 5.13 -11.32
C LEU C 207 44.95 3.93 -10.59
N PRO C 208 45.69 2.81 -10.53
CA PRO C 208 45.31 1.55 -9.90
C PRO C 208 44.79 1.64 -8.47
N GLN C 209 45.44 2.45 -7.65
CA GLN C 209 45.04 2.60 -6.25
C GLN C 209 43.77 3.43 -6.02
N TRP C 210 43.02 3.69 -7.07
CA TRP C 210 41.79 4.46 -6.93
C TRP C 210 40.55 3.61 -7.18
N HIS C 211 40.78 2.31 -7.40
CA HIS C 211 39.71 1.35 -7.63
C HIS C 211 39.58 0.53 -6.33
N CYS C 212 39.29 1.22 -5.23
CA CYS C 212 39.17 0.59 -3.92
C CYS C 212 38.53 -0.79 -3.90
N GLY C 213 38.94 -1.60 -2.93
CA GLY C 213 38.43 -2.94 -2.80
C GLY C 213 38.00 -3.32 -1.40
N VAL C 214 36.98 -4.16 -1.32
CA VAL C 214 36.44 -4.64 -0.04
C VAL C 214 35.70 -5.96 -0.26
N ARG C 215 34.69 -5.92 -1.13
CA ARG C 215 33.88 -7.10 -1.44
C ARG C 215 32.81 -6.74 -2.48
N GLY C 224 32.95 -4.00 -1.01
CA GLY C 224 32.76 -2.57 -1.39
C GLY C 224 33.68 -2.11 -2.50
N PHE C 225 33.34 -0.96 -3.07
CA PHE C 225 34.13 -0.37 -4.14
C PHE C 225 33.93 1.15 -4.22
N ILE C 226 34.70 1.79 -5.09
CA ILE C 226 34.62 3.22 -5.30
C ILE C 226 35.67 3.64 -6.32
N SER C 227 35.22 4.34 -7.36
CA SER C 227 36.11 4.80 -8.42
C SER C 227 36.54 6.24 -8.13
N ALA C 228 37.27 6.82 -9.07
CA ALA C 228 37.76 8.19 -8.93
C ALA C 228 38.57 8.57 -10.16
N ILE C 229 37.92 8.57 -11.31
CA ILE C 229 38.55 8.90 -12.57
C ILE C 229 39.03 10.35 -12.64
N PRO C 230 40.29 10.56 -13.06
CA PRO C 230 40.92 11.88 -13.19
C PRO C 230 40.20 12.77 -14.20
N ALA C 231 39.98 14.02 -13.84
CA ALA C 231 39.30 14.96 -14.72
C ALA C 231 40.04 16.29 -14.77
N ASN C 232 39.34 17.33 -15.21
CA ASN C 232 39.91 18.67 -15.33
C ASN C 232 38.76 19.66 -15.45
N ILE C 233 37.96 19.74 -14.38
CA ILE C 233 36.80 20.60 -14.34
C ILE C 233 37.05 22.07 -14.65
N HIS C 234 35.95 22.80 -14.84
CA HIS C 234 35.99 24.22 -15.13
C HIS C 234 34.77 24.87 -14.47
N ILE C 235 34.99 25.43 -13.28
CA ILE C 235 33.91 26.09 -12.52
C ILE C 235 33.94 27.62 -12.61
N TYR C 236 34.70 28.23 -11.73
CA TYR C 236 34.82 29.69 -11.71
C TYR C 236 35.58 30.12 -12.96
N ASP C 237 36.19 31.30 -12.92
CA ASP C 237 36.97 31.78 -14.06
C ASP C 237 38.26 30.98 -14.12
N THR C 238 38.19 29.72 -13.71
CA THR C 238 39.38 28.87 -13.70
C THR C 238 39.12 27.41 -14.05
N GLU C 239 40.16 26.75 -14.57
CA GLU C 239 40.10 25.35 -14.95
C GLU C 239 40.92 24.55 -13.95
N LYS C 240 40.30 24.14 -12.85
CA LYS C 240 40.99 23.38 -11.83
C LYS C 240 41.01 21.89 -12.14
N LYS C 241 42.21 21.32 -12.25
CA LYS C 241 42.34 19.89 -12.53
C LYS C 241 41.78 19.15 -11.32
N MET C 242 40.60 18.55 -11.49
CA MET C 242 39.96 17.80 -10.43
C MET C 242 39.74 16.35 -10.82
N VAL C 243 39.14 15.57 -9.94
CA VAL C 243 38.87 14.16 -10.19
C VAL C 243 37.37 13.87 -10.08
N GLU C 244 36.92 12.85 -10.79
CA GLU C 244 35.50 12.50 -10.77
C GLU C 244 35.30 11.22 -10.02
N ILE C 245 34.89 11.34 -8.75
CA ILE C 245 34.68 10.15 -7.92
C ILE C 245 33.34 9.47 -8.20
N ASN C 246 33.40 8.16 -8.45
CA ASN C 246 32.20 7.38 -8.76
C ASN C 246 32.16 5.98 -8.16
N PHE C 247 31.09 5.26 -8.49
CA PHE C 247 30.87 3.88 -8.07
C PHE C 247 31.09 3.55 -6.62
N LEU C 248 30.46 4.33 -5.73
CA LEU C 248 30.57 4.06 -4.31
C LEU C 248 29.45 3.14 -3.87
N CYS C 249 29.79 1.87 -3.71
CA CYS C 249 28.83 0.85 -3.29
C CYS C 249 29.28 0.28 -1.95
N VAL C 250 28.44 -0.52 -1.32
CA VAL C 250 28.79 -1.08 -0.03
C VAL C 250 28.31 -2.51 0.23
N HIS C 251 27.10 -2.63 0.80
CA HIS C 251 26.53 -3.93 1.13
C HIS C 251 26.76 -5.00 0.06
N LYS C 252 26.71 -6.26 0.51
CA LYS C 252 26.88 -7.42 -0.34
C LYS C 252 27.10 -8.59 0.62
N LYS C 253 27.02 -8.24 1.90
CA LYS C 253 27.18 -9.16 3.04
C LYS C 253 27.73 -8.29 4.16
N LEU C 254 28.77 -7.55 3.83
CA LEU C 254 29.41 -6.64 4.77
C LEU C 254 28.77 -5.27 4.65
N ARG C 255 28.54 -4.61 5.77
CA ARG C 255 27.93 -3.29 5.78
C ARG C 255 27.48 -2.90 7.18
N SER C 256 27.46 -3.87 8.10
CA SER C 256 27.04 -3.62 9.48
C SER C 256 27.91 -2.51 10.07
N LYS C 257 28.86 -2.87 10.94
CA LYS C 257 29.75 -1.88 11.53
C LYS C 257 30.07 -1.00 10.33
N ARG C 258 30.07 0.31 10.49
CA ARG C 258 30.31 1.18 9.35
C ARG C 258 31.65 1.12 8.64
N VAL C 259 31.56 0.86 7.33
CA VAL C 259 32.71 0.72 6.47
C VAL C 259 32.87 1.93 5.55
N ALA C 260 31.78 2.40 4.97
CA ALA C 260 31.82 3.52 4.05
C ALA C 260 32.55 4.75 4.59
N PRO C 261 32.25 5.16 5.84
CA PRO C 261 32.89 6.33 6.47
C PRO C 261 34.41 6.27 6.41
N VAL C 262 34.92 5.09 6.09
CA VAL C 262 36.37 4.88 5.98
C VAL C 262 36.62 4.56 4.52
N LEU C 263 35.64 3.91 3.91
CA LEU C 263 35.69 3.53 2.50
C LEU C 263 35.71 4.83 1.71
N ILE C 264 35.17 5.89 2.33
CA ILE C 264 35.11 7.21 1.71
C ILE C 264 36.41 7.97 1.88
N ARG C 265 36.80 8.20 3.14
CA ARG C 265 38.01 8.94 3.46
C ARG C 265 39.28 8.29 2.92
N GLU C 266 39.19 7.06 2.44
CA GLU C 266 40.34 6.33 1.91
C GLU C 266 40.78 6.87 0.55
N ILE C 267 39.85 6.90 -0.41
CA ILE C 267 40.16 7.43 -1.73
C ILE C 267 40.45 8.92 -1.64
N THR C 268 39.95 9.56 -0.59
CA THR C 268 40.18 10.99 -0.38
C THR C 268 41.69 11.19 -0.14
N ARG C 269 42.27 10.31 0.66
CA ARG C 269 43.70 10.40 0.94
C ARG C 269 44.46 10.01 -0.32
N ARG C 270 44.09 8.87 -0.90
CA ARG C 270 44.72 8.35 -2.11
C ARG C 270 44.90 9.42 -3.19
N VAL C 271 43.92 10.30 -3.33
CA VAL C 271 43.98 11.34 -4.34
C VAL C 271 44.83 12.52 -3.87
N HIS C 272 44.59 12.93 -2.63
CA HIS C 272 45.31 14.06 -2.02
C HIS C 272 46.82 13.87 -2.06
N LEU C 273 47.26 12.78 -2.67
CA LEU C 273 48.68 12.50 -2.80
C LEU C 273 49.21 12.96 -4.15
N GLU C 274 48.31 13.12 -5.12
CA GLU C 274 48.72 13.58 -6.45
C GLU C 274 48.41 15.07 -6.59
N GLY C 275 47.94 15.69 -5.51
CA GLY C 275 47.61 17.10 -5.53
C GLY C 275 46.16 17.37 -5.88
N ILE C 276 45.46 16.34 -6.34
CA ILE C 276 44.07 16.49 -6.73
C ILE C 276 43.19 16.58 -5.48
N PHE C 277 43.33 17.68 -4.76
CA PHE C 277 42.58 17.95 -3.54
C PHE C 277 41.14 18.37 -3.83
N GLN C 278 40.85 18.58 -5.12
CA GLN C 278 39.52 18.99 -5.56
C GLN C 278 38.78 17.75 -6.05
N ALA C 279 37.50 17.62 -5.70
CA ALA C 279 36.73 16.45 -6.13
C ALA C 279 35.41 16.80 -6.83
N VAL C 280 34.96 15.89 -7.68
CA VAL C 280 33.72 16.08 -8.43
C VAL C 280 32.94 14.77 -8.53
N TYR C 281 31.62 14.87 -8.44
CA TYR C 281 30.74 13.70 -8.51
C TYR C 281 29.28 14.11 -8.28
N THR C 282 28.40 13.14 -8.47
CA THR C 282 26.98 13.32 -8.26
C THR C 282 26.51 12.07 -7.51
N ALA C 283 25.32 12.13 -6.92
CA ALA C 283 24.80 10.99 -6.19
C ALA C 283 23.27 11.03 -6.11
N GLY C 284 22.67 9.85 -6.06
CA GLY C 284 21.23 9.78 -5.96
C GLY C 284 20.82 9.99 -4.51
N VAL C 285 21.16 11.15 -3.98
CA VAL C 285 20.83 11.50 -2.60
C VAL C 285 20.99 13.00 -2.34
N VAL C 286 20.82 13.37 -1.08
CA VAL C 286 20.92 14.77 -0.65
C VAL C 286 22.26 15.00 0.03
N LEU C 287 22.70 16.26 0.01
CA LEU C 287 23.96 16.65 0.64
C LEU C 287 23.96 18.16 0.86
N PRO C 288 24.43 18.61 2.03
CA PRO C 288 24.52 20.01 2.47
C PRO C 288 24.70 21.11 1.40
N LYS C 289 25.90 21.24 0.87
CA LYS C 289 26.18 22.27 -0.13
C LYS C 289 26.21 21.75 -1.56
N PRO C 290 25.06 21.79 -2.26
CA PRO C 290 25.00 21.31 -3.64
C PRO C 290 25.36 22.40 -4.64
N VAL C 291 25.79 21.99 -5.82
CA VAL C 291 26.17 22.92 -6.87
C VAL C 291 25.07 22.95 -7.92
N GLY C 292 24.44 21.80 -8.13
CA GLY C 292 23.36 21.70 -9.10
C GLY C 292 22.27 20.76 -8.62
N THR C 293 21.31 20.46 -9.48
CA THR C 293 20.19 19.56 -9.17
C THR C 293 19.33 19.34 -10.41
N CYS C 294 19.77 18.44 -11.29
CA CYS C 294 19.03 18.15 -12.52
C CYS C 294 17.98 17.07 -12.27
N ARG C 295 17.26 16.70 -13.32
CA ARG C 295 16.24 15.66 -13.24
C ARG C 295 16.15 14.94 -14.57
N TYR C 296 15.98 13.61 -14.52
CA TYR C 296 15.91 12.79 -15.72
C TYR C 296 14.58 12.86 -16.46
N TRP C 297 14.61 12.56 -17.76
CA TRP C 297 13.43 12.55 -18.60
C TRP C 297 13.42 11.31 -19.49
N HIS C 298 12.40 11.18 -20.33
CA HIS C 298 12.30 10.02 -21.22
C HIS C 298 11.59 10.27 -22.54
N ARG C 299 11.39 9.19 -23.28
CA ARG C 299 10.69 9.19 -24.57
C ARG C 299 10.64 7.73 -25.01
N SER C 300 9.74 6.98 -24.41
CA SER C 300 9.57 5.57 -24.71
C SER C 300 9.75 5.21 -26.18
N LEU C 301 10.63 4.25 -26.42
CA LEU C 301 10.92 3.76 -27.76
C LEU C 301 10.35 2.35 -27.78
N ASN C 302 9.49 2.08 -26.81
CA ASN C 302 8.84 0.78 -26.66
C ASN C 302 7.81 0.90 -25.54
N PRO C 303 6.79 1.75 -25.73
CA PRO C 303 5.72 1.99 -24.75
C PRO C 303 5.02 0.76 -24.21
N ARG C 304 4.41 -0.02 -25.10
CA ARG C 304 3.69 -1.23 -24.69
C ARG C 304 4.47 -2.02 -23.64
N LYS C 305 5.79 -1.88 -23.66
CA LYS C 305 6.64 -2.59 -22.70
C LYS C 305 6.58 -1.97 -21.32
N LEU C 306 6.88 -0.67 -21.21
CA LEU C 306 6.85 0.01 -19.92
C LEU C 306 5.47 -0.17 -19.31
N ILE C 307 4.45 -0.07 -20.15
CA ILE C 307 3.06 -0.24 -19.72
C ILE C 307 2.89 -1.67 -19.22
N GLU C 308 3.53 -2.61 -19.90
CA GLU C 308 3.46 -4.02 -19.53
C GLU C 308 4.04 -4.20 -18.15
N VAL C 309 5.27 -3.72 -17.95
CA VAL C 309 5.94 -3.82 -16.66
C VAL C 309 5.36 -2.73 -15.74
N LYS C 310 6.22 -1.95 -15.10
CA LYS C 310 5.75 -0.90 -14.20
C LYS C 310 6.68 0.32 -14.14
N PHE C 311 7.45 0.53 -15.20
CA PHE C 311 8.38 1.66 -15.28
C PHE C 311 7.65 2.93 -15.70
N SER C 312 6.64 2.75 -16.56
CA SER C 312 5.82 3.83 -17.08
C SER C 312 4.39 3.30 -17.24
N HIS C 313 3.41 4.20 -17.36
CA HIS C 313 2.02 3.78 -17.49
C HIS C 313 1.18 4.74 -18.36
N LEU C 314 0.07 4.23 -18.90
CA LEU C 314 -0.82 5.06 -19.73
C LEU C 314 -1.72 5.93 -18.88
N SER C 315 -1.93 7.16 -19.34
CA SER C 315 -2.77 8.13 -18.63
C SER C 315 -4.14 7.54 -18.35
N ARG C 316 -5.09 8.41 -18.01
CA ARG C 316 -6.44 7.96 -17.69
C ARG C 316 -6.98 6.98 -18.72
N ASN C 317 -7.67 7.52 -19.74
CA ASN C 317 -8.27 6.70 -20.79
C ASN C 317 -7.47 6.68 -22.09
N MET C 318 -6.19 6.34 -22.00
CA MET C 318 -5.34 6.27 -23.19
C MET C 318 -5.16 4.83 -23.61
N THR C 319 -5.85 4.45 -24.69
CA THR C 319 -5.78 3.09 -25.18
C THR C 319 -4.33 2.66 -25.32
N MET C 320 -4.08 1.37 -25.09
CA MET C 320 -2.73 0.81 -25.20
C MET C 320 -2.35 0.79 -26.67
N GLN C 321 -2.99 1.65 -27.45
CA GLN C 321 -2.73 1.75 -28.89
C GLN C 321 -2.43 3.19 -29.28
N ARG C 322 -3.27 4.13 -28.85
CA ARG C 322 -3.06 5.54 -29.17
C ARG C 322 -1.73 5.99 -28.58
N THR C 323 -1.45 5.53 -27.36
CA THR C 323 -0.20 5.85 -26.69
C THR C 323 0.94 5.59 -27.66
N MET C 324 0.90 4.43 -28.31
CA MET C 324 1.93 4.07 -29.28
C MET C 324 1.98 5.07 -30.42
N LYS C 325 0.88 5.21 -31.16
CA LYS C 325 0.83 6.16 -32.28
C LYS C 325 1.54 7.46 -31.89
N LEU C 326 1.24 7.97 -30.70
CA LEU C 326 1.86 9.20 -30.22
C LEU C 326 3.38 9.05 -30.26
N TYR C 327 3.91 8.22 -29.36
CA TYR C 327 5.34 7.97 -29.27
C TYR C 327 5.89 7.21 -30.47
N ARG C 328 5.32 7.46 -31.65
CA ARG C 328 5.78 6.79 -32.86
C ARG C 328 7.11 7.36 -33.31
N LEU C 329 7.72 6.74 -34.31
CA LEU C 329 9.00 7.20 -34.83
C LEU C 329 9.29 6.69 -36.24
N PRO C 330 9.89 7.56 -37.09
CA PRO C 330 10.24 7.23 -38.48
C PRO C 330 11.35 6.18 -38.54
N GLU C 331 11.48 5.50 -39.69
CA GLU C 331 12.50 4.48 -39.85
C GLU C 331 13.79 5.03 -40.48
N THR C 332 13.83 6.34 -40.70
CA THR C 332 15.01 6.97 -41.28
C THR C 332 15.15 8.42 -40.85
N PRO C 333 16.35 8.79 -40.35
CA PRO C 333 16.68 10.14 -39.88
C PRO C 333 16.23 11.29 -40.79
N LYS C 334 15.87 12.40 -40.18
CA LYS C 334 15.43 13.58 -40.91
C LYS C 334 16.55 14.62 -40.91
N THR C 335 17.78 14.12 -40.93
CA THR C 335 18.96 14.98 -40.93
C THR C 335 19.94 14.46 -41.98
N ALA C 336 20.28 15.31 -42.96
CA ALA C 336 21.20 14.93 -44.03
C ALA C 336 22.67 15.20 -43.70
N GLY C 337 23.40 14.13 -43.40
CA GLY C 337 24.81 14.24 -43.06
C GLY C 337 25.17 13.35 -41.87
N LEU C 338 24.13 12.90 -41.17
CA LEU C 338 24.27 12.04 -40.00
C LEU C 338 25.00 10.76 -40.39
N ARG C 339 26.24 10.63 -39.93
CA ARG C 339 27.04 9.45 -40.24
C ARG C 339 28.01 9.13 -39.10
N PRO C 340 28.01 7.87 -38.64
CA PRO C 340 28.89 7.41 -37.56
C PRO C 340 30.27 8.04 -37.58
N MET C 341 30.73 8.51 -36.42
CA MET C 341 32.05 9.15 -36.32
C MET C 341 33.20 8.23 -36.69
N GLU C 342 34.00 8.65 -37.66
CA GLU C 342 35.16 7.87 -38.09
C GLU C 342 36.26 8.04 -37.06
N THR C 343 37.35 7.31 -37.26
CA THR C 343 38.49 7.39 -36.35
C THR C 343 39.12 8.76 -36.47
N LYS C 344 39.20 9.29 -37.69
CA LYS C 344 39.80 10.60 -37.88
C LYS C 344 38.83 11.76 -37.68
N ASP C 345 37.70 11.48 -37.03
CA ASP C 345 36.72 12.53 -36.73
C ASP C 345 36.91 12.97 -35.28
N ILE C 346 37.94 12.43 -34.65
CA ILE C 346 38.26 12.72 -33.25
C ILE C 346 38.57 14.20 -32.99
N PRO C 347 39.68 14.71 -33.55
CA PRO C 347 40.00 16.12 -33.32
C PRO C 347 38.88 17.05 -33.76
N VAL C 348 37.99 16.55 -34.62
CA VAL C 348 36.87 17.34 -35.12
C VAL C 348 35.74 17.35 -34.10
N VAL C 349 35.85 16.45 -33.14
CA VAL C 349 34.87 16.33 -32.07
C VAL C 349 35.47 16.95 -30.81
N HIS C 350 36.79 17.16 -30.86
CA HIS C 350 37.54 17.76 -29.76
C HIS C 350 37.42 19.27 -29.83
N GLN C 351 37.82 19.85 -30.96
CA GLN C 351 37.77 21.29 -31.17
C GLN C 351 36.33 21.80 -31.29
N LEU C 352 35.43 20.96 -31.80
CA LEU C 352 34.04 21.34 -31.95
C LEU C 352 33.33 21.38 -30.60
N LEU C 353 33.75 20.50 -29.69
CA LEU C 353 33.16 20.40 -28.35
C LEU C 353 33.83 21.30 -27.31
N THR C 354 35.08 21.70 -27.56
CA THR C 354 35.80 22.57 -26.63
C THR C 354 35.35 24.02 -26.68
N ARG C 355 34.92 24.47 -27.86
CA ARG C 355 34.46 25.85 -28.01
C ARG C 355 32.98 25.91 -27.64
N TYR C 356 32.25 24.84 -27.93
CA TYR C 356 30.84 24.76 -27.63
C TYR C 356 30.61 24.68 -26.14
N LEU C 357 31.13 23.61 -25.53
CA LEU C 357 30.99 23.39 -24.10
C LEU C 357 31.47 24.65 -23.38
N LYS C 358 32.35 25.38 -24.04
CA LYS C 358 32.93 26.61 -23.51
C LYS C 358 31.90 27.72 -23.34
N GLN C 359 30.85 27.43 -22.57
CA GLN C 359 29.80 28.40 -22.32
C GLN C 359 28.99 27.96 -21.09
N PHE C 360 29.57 27.04 -20.32
CA PHE C 360 28.93 26.52 -19.13
C PHE C 360 29.81 26.78 -17.91
N HIS C 361 29.18 27.10 -16.78
CA HIS C 361 29.90 27.38 -15.54
C HIS C 361 30.63 26.15 -15.01
N LEU C 362 30.25 24.98 -15.50
CA LEU C 362 30.89 23.74 -15.07
C LEU C 362 31.01 22.76 -16.22
N THR C 363 32.21 22.59 -16.76
CA THR C 363 32.39 21.67 -17.87
C THR C 363 33.69 20.88 -17.77
N PRO C 364 33.68 19.66 -18.30
CA PRO C 364 34.85 18.78 -18.28
C PRO C 364 35.76 19.01 -19.48
N VAL C 365 36.76 19.88 -19.33
CA VAL C 365 37.69 20.15 -20.41
C VAL C 365 38.37 18.84 -20.80
N MET C 366 38.44 18.57 -22.10
CA MET C 366 39.05 17.34 -22.57
C MET C 366 40.13 17.54 -23.60
N SER C 367 40.97 16.52 -23.76
CA SER C 367 42.07 16.53 -24.73
C SER C 367 41.60 15.79 -25.97
N GLN C 368 42.44 15.77 -27.00
CA GLN C 368 42.09 15.07 -28.24
C GLN C 368 41.99 13.57 -28.00
N GLU C 369 42.43 13.12 -26.84
CA GLU C 369 42.40 11.71 -26.48
C GLU C 369 41.19 11.41 -25.60
N GLU C 370 40.85 12.34 -24.73
CA GLU C 370 39.71 12.17 -23.85
C GLU C 370 38.41 12.20 -24.67
N VAL C 371 38.24 13.25 -25.47
CA VAL C 371 37.07 13.38 -26.33
C VAL C 371 37.14 12.23 -27.33
N GLU C 372 38.24 11.50 -27.25
CA GLU C 372 38.52 10.38 -28.12
C GLU C 372 38.14 9.10 -27.40
N HIS C 373 37.94 9.21 -26.09
CA HIS C 373 37.59 8.05 -25.28
C HIS C 373 36.10 7.94 -24.98
N TRP C 374 35.49 9.04 -24.55
CA TRP C 374 34.07 9.04 -24.23
C TRP C 374 33.18 9.36 -25.42
N PHE C 375 33.75 9.28 -26.62
CA PHE C 375 32.98 9.60 -27.80
C PHE C 375 33.08 8.61 -28.96
N TYR C 376 34.25 8.04 -29.21
CA TYR C 376 34.36 7.10 -30.32
C TYR C 376 33.44 5.90 -30.12
N PRO C 377 32.60 5.61 -31.13
CA PRO C 377 31.62 4.51 -31.19
C PRO C 377 32.10 3.14 -30.73
N GLN C 378 31.27 2.47 -29.95
CA GLN C 378 31.57 1.14 -29.42
C GLN C 378 30.28 0.37 -29.16
N GLU C 379 30.32 -0.55 -29.53
CA GLU C 379 29.04 -1.25 -29.73
C GLU C 379 28.02 -1.34 -28.62
N ASN C 380 28.04 -1.37 -27.80
CA ASN C 380 27.41 -1.74 -26.54
C ASN C 380 27.97 -0.96 -25.35
N ILE C 381 28.46 0.24 -25.63
CA ILE C 381 29.03 1.10 -24.58
C ILE C 381 28.51 2.51 -24.78
N ILE C 382 29.02 3.16 -25.81
CA ILE C 382 28.65 4.53 -26.14
C ILE C 382 28.59 4.75 -27.65
N ASP C 383 27.68 5.63 -28.08
CA ASP C 383 27.51 5.95 -29.49
C ASP C 383 27.81 7.42 -29.76
N THR C 384 28.01 7.76 -31.03
CA THR C 384 28.31 9.13 -31.45
C THR C 384 28.24 9.28 -32.98
N PHE C 385 27.16 9.91 -33.46
CA PHE C 385 26.97 10.12 -34.88
C PHE C 385 27.19 11.59 -35.21
N VAL C 386 28.22 11.86 -36.01
CA VAL C 386 28.55 13.22 -36.41
C VAL C 386 27.75 13.59 -37.64
N VAL C 387 27.76 14.86 -38.01
CA VAL C 387 27.01 15.33 -39.18
C VAL C 387 27.90 16.05 -40.20
N GLU C 388 28.62 15.29 -41.00
CA GLU C 388 29.49 15.87 -42.02
C GLU C 388 28.63 16.68 -42.99
N ASN C 389 29.21 17.70 -43.60
CA ASN C 389 28.48 18.55 -44.53
C ASN C 389 28.55 18.04 -45.97
N ALA C 390 28.89 18.92 -46.89
CA ALA C 390 28.99 18.59 -48.30
C ALA C 390 30.33 17.93 -48.63
N ASN C 391 31.20 18.69 -49.28
CA ASN C 391 32.52 18.21 -49.67
C ASN C 391 33.52 18.51 -48.56
N GLY C 392 33.11 19.35 -47.62
CA GLY C 392 33.98 19.71 -46.52
C GLY C 392 33.96 18.73 -45.36
N GLU C 393 33.96 19.26 -44.14
CA GLU C 393 33.93 18.43 -42.95
C GLU C 393 33.03 19.00 -41.85
N VAL C 394 32.88 20.32 -41.84
CA VAL C 394 32.05 21.01 -40.84
C VAL C 394 30.95 20.09 -40.32
N THR C 395 30.77 20.05 -39.00
CA THR C 395 29.76 19.16 -38.44
C THR C 395 29.28 19.45 -37.01
N ASP C 396 28.38 18.59 -36.56
CA ASP C 396 27.77 18.66 -35.24
C ASP C 396 27.61 17.17 -34.93
N PHE C 397 27.20 16.81 -33.72
CA PHE C 397 27.06 15.39 -33.39
C PHE C 397 26.27 15.08 -32.12
N LEU C 398 25.93 13.81 -31.95
CA LEU C 398 25.21 13.35 -30.76
C LEU C 398 25.91 12.15 -30.14
N SER C 399 25.60 11.89 -28.87
CA SER C 399 26.20 10.78 -28.15
C SER C 399 25.30 10.26 -27.04
N PHE C 400 25.22 8.93 -26.92
CA PHE C 400 24.40 8.32 -25.88
C PHE C 400 24.97 6.99 -25.36
N TYR C 401 25.54 7.04 -24.16
CA TYR C 401 26.13 5.86 -23.55
C TYR C 401 25.08 4.86 -23.03
N THR C 402 25.07 3.67 -23.61
CA THR C 402 24.13 2.63 -23.20
C THR C 402 24.40 2.36 -21.73
N LEU C 403 23.37 1.98 -20.99
CA LEU C 403 23.54 1.71 -19.56
C LEU C 403 22.30 1.01 -19.05
N PRO C 404 22.02 -0.22 -19.53
CA PRO C 404 20.85 -0.99 -19.11
C PRO C 404 20.76 -1.20 -17.61
N SER C 405 19.54 -1.15 -17.09
CA SER C 405 19.30 -1.35 -15.67
C SER C 405 18.68 -2.74 -15.50
N THR C 406 19.08 -3.44 -14.43
CA THR C 406 18.57 -4.78 -14.17
C THR C 406 17.04 -4.72 -14.15
N ILE C 407 16.38 -5.84 -14.42
CA ILE C 407 14.93 -5.86 -14.40
C ILE C 407 14.39 -7.22 -14.00
N MET C 408 13.59 -7.23 -12.93
CA MET C 408 13.00 -8.48 -12.45
C MET C 408 11.48 -8.47 -12.67
N ASN C 409 11.00 -9.43 -13.45
CA ASN C 409 9.57 -9.52 -13.74
C ASN C 409 8.96 -10.75 -13.09
N THR C 412 8.93 -13.15 -16.10
CA THR C 412 9.08 -13.23 -17.58
C THR C 412 9.02 -11.83 -18.19
N HIS C 413 10.12 -11.43 -18.84
CA HIS C 413 10.21 -10.11 -19.47
C HIS C 413 11.66 -9.84 -19.88
N LYS C 414 11.86 -8.83 -20.70
CA LYS C 414 13.20 -8.46 -21.14
C LYS C 414 13.77 -7.52 -20.08
N SER C 415 15.09 -7.37 -20.04
CA SER C 415 15.70 -6.48 -19.06
C SER C 415 15.20 -5.05 -19.27
N LEU C 416 16.03 -4.22 -19.89
CA LEU C 416 15.70 -2.83 -20.17
C LEU C 416 16.91 -2.13 -20.80
N LYS C 417 17.05 -2.27 -22.12
CA LYS C 417 18.14 -1.64 -22.85
C LYS C 417 17.99 -0.12 -22.74
N ALA C 418 18.84 0.47 -21.91
CA ALA C 418 18.81 1.91 -21.70
C ALA C 418 19.58 2.66 -22.78
N ALA C 419 19.34 3.97 -22.88
CA ALA C 419 20.02 4.78 -23.88
C ALA C 419 20.30 6.20 -23.38
N TYR C 420 20.83 6.31 -22.17
CA TYR C 420 21.15 7.62 -21.61
C TYR C 420 21.88 8.50 -22.62
N SER C 421 21.74 9.81 -22.48
CA SER C 421 22.37 10.75 -23.40
C SER C 421 23.66 11.28 -22.80
N PHE C 422 24.69 11.40 -23.63
CA PHE C 422 25.98 11.91 -23.15
C PHE C 422 26.04 13.39 -23.47
N TYR C 423 26.56 13.73 -24.64
CA TYR C 423 26.67 15.11 -25.06
C TYR C 423 26.07 15.29 -26.44
N ASN C 424 25.81 16.53 -26.81
CA ASN C 424 25.26 16.87 -28.12
C ASN C 424 25.67 18.29 -28.48
N VAL C 425 26.50 18.41 -29.51
CA VAL C 425 26.99 19.71 -29.95
C VAL C 425 26.65 20.08 -31.39
N HIS C 426 25.66 20.95 -31.55
CA HIS C 426 25.24 21.42 -32.85
C HIS C 426 25.93 22.74 -33.06
N THR C 427 26.45 22.98 -34.26
CA THR C 427 27.10 24.25 -34.51
C THR C 427 26.06 25.34 -34.30
N GLN C 428 25.51 25.87 -35.38
CA GLN C 428 24.51 26.92 -35.26
C GLN C 428 23.12 26.33 -35.46
N THR C 429 23.02 25.38 -36.40
CA THR C 429 21.75 24.73 -36.72
C THR C 429 21.07 24.18 -35.47
N PRO C 430 19.77 24.50 -35.30
CA PRO C 430 18.97 24.06 -34.15
C PRO C 430 19.15 22.57 -33.89
N LEU C 431 19.37 22.20 -32.63
CA LEU C 431 19.56 20.81 -32.24
C LEU C 431 18.25 20.12 -31.88
N LEU C 432 17.12 20.77 -32.15
CA LEU C 432 15.83 20.19 -31.85
C LEU C 432 15.66 18.94 -32.71
N ASP C 433 16.52 18.79 -33.71
CA ASP C 433 16.46 17.64 -34.61
C ASP C 433 17.66 16.73 -34.34
N LEU C 434 18.75 17.33 -33.87
CA LEU C 434 19.96 16.57 -33.57
C LEU C 434 19.62 15.64 -32.39
N MET C 435 18.62 16.05 -31.63
CA MET C 435 18.15 15.28 -30.48
C MET C 435 17.10 14.24 -30.85
N SER C 436 16.28 14.58 -31.85
CA SER C 436 15.23 13.70 -32.33
C SER C 436 15.84 12.53 -33.06
N ASP C 437 16.70 12.82 -34.03
CA ASP C 437 17.37 11.78 -34.78
C ASP C 437 17.87 10.75 -33.77
N ALA C 438 18.44 11.23 -32.67
CA ALA C 438 18.95 10.38 -31.60
C ALA C 438 17.93 9.33 -31.21
N LEU C 439 16.70 9.78 -30.99
CA LEU C 439 15.59 8.91 -30.61
C LEU C 439 15.35 7.88 -31.70
N VAL C 440 15.53 8.29 -32.96
CA VAL C 440 15.34 7.39 -34.08
C VAL C 440 16.48 6.38 -34.16
N LEU C 441 17.64 6.78 -33.65
CA LEU C 441 18.80 5.91 -33.64
C LEU C 441 18.67 4.92 -32.49
N ALA C 442 18.51 5.46 -31.28
CA ALA C 442 18.37 4.63 -30.10
C ALA C 442 17.31 3.55 -30.34
N LYS C 443 16.23 3.93 -31.01
CA LYS C 443 15.15 3.00 -31.29
C LYS C 443 15.59 2.04 -32.39
N MET C 444 16.04 2.60 -33.50
CA MET C 444 16.52 1.82 -34.63
C MET C 444 17.57 0.80 -34.17
N LYS C 445 18.24 1.13 -33.07
CA LYS C 445 19.27 0.24 -32.51
C LYS C 445 18.73 -0.75 -31.49
N GLY C 446 17.41 -0.77 -31.32
CA GLY C 446 16.81 -1.69 -30.37
C GLY C 446 16.96 -1.21 -28.93
N PHE C 447 16.41 -0.03 -28.65
CA PHE C 447 16.45 0.53 -27.30
C PHE C 447 15.05 0.69 -26.74
N ASP C 448 14.95 0.79 -25.43
CA ASP C 448 13.65 0.93 -24.79
C ASP C 448 13.31 2.33 -24.31
N VAL C 449 14.32 3.20 -24.21
CA VAL C 449 14.09 4.58 -23.78
C VAL C 449 15.35 5.45 -23.88
N PHE C 450 15.15 6.72 -24.24
CA PHE C 450 16.27 7.66 -24.36
C PHE C 450 16.17 8.55 -23.13
N ASN C 451 17.17 8.47 -22.27
CA ASN C 451 17.17 9.26 -21.05
C ASN C 451 18.12 10.46 -21.12
N ALA C 452 17.55 11.66 -21.10
CA ALA C 452 18.33 12.88 -21.15
C ALA C 452 18.15 13.72 -19.90
N LEU C 453 19.25 14.23 -19.35
CA LEU C 453 19.21 15.05 -18.15
C LEU C 453 19.13 16.54 -18.50
N ASP C 454 19.96 17.35 -17.85
CA ASP C 454 19.96 18.79 -18.10
C ASP C 454 21.27 19.37 -18.60
N LEU C 455 21.16 20.47 -19.36
CA LEU C 455 22.32 21.16 -19.90
C LEU C 455 21.87 22.19 -20.93
N MET C 456 22.00 23.06 -20.84
CA MET C 456 21.30 24.27 -21.26
C MET C 456 20.27 24.10 -22.37
N GLU C 457 21.49 22.87 -23.62
CA GLU C 457 20.31 23.22 -24.39
C GLU C 457 19.27 22.11 -24.26
N ASN C 458 19.49 21.21 -23.32
CA ASN C 458 18.57 20.09 -23.11
C ASN C 458 17.18 20.54 -22.74
N LYS C 459 17.08 21.34 -21.70
CA LYS C 459 15.80 21.83 -21.23
C LYS C 459 14.90 22.31 -22.36
N THR C 460 15.49 22.61 -23.51
CA THR C 460 14.73 23.08 -24.67
C THR C 460 13.91 21.97 -25.33
N PHE C 461 14.57 21.21 -26.21
CA PHE C 461 13.94 20.11 -26.94
C PHE C 461 13.29 19.04 -26.06
N LEU C 462 13.65 19.01 -24.78
CA LEU C 462 13.13 18.02 -23.85
C LEU C 462 11.60 17.94 -23.86
N GLU C 463 10.96 18.80 -23.09
CA GLU C 463 9.50 18.82 -22.99
C GLU C 463 8.79 19.02 -24.32
N LYS C 464 9.41 19.78 -25.24
CA LYS C 464 8.80 20.01 -26.54
C LYS C 464 8.96 18.76 -27.37
N LEU C 465 9.19 17.67 -26.66
CA LEU C 465 9.34 16.34 -27.23
C LEU C 465 8.87 15.40 -26.14
N LYS C 466 8.54 14.17 -26.52
CA LYS C 466 8.02 13.20 -25.57
C LYS C 466 8.90 12.88 -24.35
N PHE C 467 9.11 13.87 -23.48
CA PHE C 467 9.89 13.68 -22.25
C PHE C 467 9.05 14.19 -21.08
N GLY C 468 9.03 13.44 -19.98
CA GLY C 468 8.22 13.87 -18.84
C GLY C 468 8.57 13.26 -17.49
N ILE C 469 8.09 12.03 -17.25
CA ILE C 469 8.34 11.33 -16.00
C ILE C 469 9.73 11.59 -15.41
N GLY C 470 9.78 11.71 -14.09
CA GLY C 470 11.04 11.96 -13.42
C GLY C 470 11.08 11.26 -12.08
N ASP C 471 11.35 9.95 -12.10
CA ASP C 471 11.42 9.16 -10.88
C ASP C 471 11.94 10.00 -9.72
N GLY C 472 13.09 10.65 -9.96
CA GLY C 472 13.69 11.49 -8.93
C GLY C 472 14.45 12.67 -9.47
N ASN C 473 15.71 12.81 -9.06
CA ASN C 473 16.54 13.92 -9.51
C ASN C 473 17.98 13.79 -9.03
N LEU C 474 18.92 13.99 -9.95
CA LEU C 474 20.34 13.88 -9.64
C LEU C 474 20.91 15.25 -9.32
N GLN C 475 21.83 15.31 -8.35
CA GLN C 475 22.44 16.56 -7.94
C GLN C 475 23.97 16.55 -8.08
N TYR C 476 24.54 17.71 -8.40
CA TYR C 476 25.97 17.86 -8.55
C TYR C 476 26.61 18.54 -7.36
N TYR C 477 27.86 18.17 -7.07
CA TYR C 477 28.57 18.75 -5.94
C TYR C 477 30.07 18.96 -6.19
N LEU C 478 30.69 19.75 -5.31
CA LEU C 478 32.11 20.07 -5.37
C LEU C 478 32.67 19.86 -3.96
N TYR C 479 33.70 19.02 -3.86
CA TYR C 479 34.32 18.68 -2.58
C TYR C 479 35.08 19.79 -1.85
N ASN C 480 36.20 20.23 -2.42
CA ASN C 480 37.02 21.26 -1.78
C ASN C 480 37.03 22.63 -2.46
N TRP C 481 36.00 22.95 -3.22
CA TRP C 481 35.95 24.25 -3.89
C TRP C 481 34.71 25.02 -3.49
N LYS C 482 34.86 26.33 -3.31
CA LYS C 482 33.75 27.18 -2.91
C LYS C 482 33.39 28.18 -4.02
N CYS C 483 32.12 28.21 -4.41
CA CYS C 483 31.65 29.11 -5.47
C CYS C 483 30.13 29.08 -5.61
N PRO C 484 29.53 30.14 -6.20
CA PRO C 484 28.09 30.28 -6.42
C PRO C 484 27.48 29.14 -7.23
N SER C 485 26.15 29.04 -7.20
CA SER C 485 25.45 28.00 -7.95
C SER C 485 24.78 28.56 -9.20
N MET C 486 24.21 27.65 -9.99
CA MET C 486 23.52 28.03 -11.23
C MET C 486 22.41 27.04 -11.54
N GLY C 487 21.61 27.37 -12.56
CA GLY C 487 20.53 26.49 -12.93
C GLY C 487 21.00 25.39 -13.87
N ALA C 488 20.10 24.48 -14.23
CA ALA C 488 20.43 23.39 -15.13
C ALA C 488 21.13 23.95 -16.35
N GLU C 489 20.63 25.07 -16.85
CA GLU C 489 21.17 25.74 -18.03
C GLU C 489 22.68 25.97 -18.03
N LYS C 490 23.32 25.92 -16.85
CA LYS C 490 24.75 26.15 -16.75
C LYS C 490 25.60 24.89 -16.59
N VAL C 491 25.02 23.84 -16.02
CA VAL C 491 25.74 22.58 -15.81
C VAL C 491 26.14 21.95 -17.15
N GLY C 492 27.43 21.63 -17.28
CA GLY C 492 27.92 21.03 -18.51
C GLY C 492 28.38 19.59 -18.32
N ILE C 493 29.09 19.33 -17.23
CA ILE C 493 29.61 17.99 -16.92
C ILE C 493 28.50 16.94 -16.87
N VAL C 494 28.50 16.02 -17.84
CA VAL C 494 27.51 14.94 -17.88
C VAL C 494 28.22 13.71 -17.30
N LEU C 495 28.65 13.86 -16.04
CA LEU C 495 29.37 12.81 -15.30
C LEU C 495 28.51 11.58 -15.00
N GLN C 496 28.14 10.86 -16.05
CA GLN C 496 27.33 9.64 -15.90
C GLN C 496 26.13 9.81 -14.97
N ASP D 162 -18.54 37.30 5.27
CA ASP D 162 -18.70 36.15 6.22
C ASP D 162 -17.85 36.35 7.47
N LEU D 163 -18.46 36.90 8.52
CA LEU D 163 -17.77 37.15 9.79
C LEU D 163 -18.68 37.83 10.80
N GLY D 164 -18.56 37.46 12.06
CA GLY D 164 -19.38 38.07 13.08
C GLY D 164 -20.71 37.39 13.31
N ASP D 165 -21.63 37.52 12.35
CA ASP D 165 -22.95 36.91 12.46
C ASP D 165 -22.86 35.42 12.76
N ARG D 166 -23.72 34.94 13.66
CA ARG D 166 -23.75 33.53 14.04
C ARG D 166 -24.02 32.61 12.86
N GLY D 167 -25.22 32.74 12.27
CA GLY D 167 -25.60 31.91 11.15
C GLY D 167 -24.54 31.82 10.07
N VAL D 168 -23.97 32.97 9.72
CA VAL D 168 -22.93 33.05 8.72
C VAL D 168 -21.70 32.33 9.22
N LEU D 169 -20.95 33.01 10.08
CA LEU D 169 -19.72 32.50 10.66
C LEU D 169 -19.69 30.97 10.79
N LYS D 170 -20.80 30.40 11.22
CA LYS D 170 -20.92 28.95 11.40
C LYS D 170 -20.63 28.20 10.09
N GLU D 171 -21.51 28.36 9.10
CA GLU D 171 -21.34 27.68 7.82
C GLU D 171 -19.95 27.94 7.28
N LEU D 172 -19.36 29.05 7.69
CA LEU D 172 -18.03 29.44 7.26
C LEU D 172 -16.98 28.46 7.79
N TYR D 173 -16.97 28.24 9.10
CA TYR D 173 -16.00 27.32 9.70
C TYR D 173 -16.39 25.91 9.24
N THR D 174 -17.62 25.77 8.76
CA THR D 174 -18.11 24.50 8.26
C THR D 174 -17.25 24.17 7.05
N LEU D 175 -16.97 25.19 6.26
CA LEU D 175 -16.15 25.06 5.08
C LEU D 175 -14.78 24.53 5.50
N LEU D 176 -14.01 25.37 6.19
CA LEU D 176 -12.68 24.99 6.65
C LEU D 176 -12.67 23.73 7.51
N ASN D 177 -13.82 23.38 8.07
CA ASN D 177 -13.96 22.20 8.93
C ASN D 177 -13.55 20.94 8.17
N GLU D 178 -14.11 20.78 6.98
CA GLU D 178 -13.81 19.63 6.15
C GLU D 178 -13.29 20.09 4.79
N ASN D 179 -12.34 21.02 4.81
CA ASN D 179 -11.76 21.54 3.58
C ASN D 179 -10.29 21.96 3.72
N TYR D 180 -10.04 23.02 4.48
CA TYR D 180 -8.70 23.52 4.70
C TYR D 180 -7.83 22.41 5.29
N VAL D 181 -7.38 21.49 4.45
CA VAL D 181 -6.55 20.37 4.90
C VAL D 181 -5.14 20.38 4.33
N GLU D 182 -4.16 20.34 5.22
CA GLU D 182 -2.76 20.33 4.81
C GLU D 182 -2.10 19.02 5.23
N ASP D 183 -2.92 18.02 5.53
CA ASP D 183 -2.40 16.72 5.95
C ASP D 183 -3.36 15.56 5.67
N ASP D 184 -2.83 14.34 5.72
CA ASP D 184 -3.61 13.14 5.47
C ASP D 184 -2.74 11.89 5.63
N ASP D 185 -1.60 12.04 6.31
CA ASP D 185 -0.67 10.94 6.53
C ASP D 185 -1.32 9.76 7.24
N ASN D 186 -2.57 9.91 7.63
CA ASN D 186 -3.32 8.86 8.32
C ASN D 186 -4.74 9.35 8.55
N MET D 187 -5.34 9.91 7.51
CA MET D 187 -6.68 10.45 7.57
C MET D 187 -6.63 11.72 8.40
N PHE D 188 -5.80 12.67 7.95
CA PHE D 188 -5.63 13.95 8.64
C PHE D 188 -6.41 15.06 7.92
N ARG D 189 -6.93 16.01 8.70
CA ARG D 189 -7.71 17.12 8.16
C ARG D 189 -7.42 18.47 8.85
N PHE D 190 -8.48 19.16 9.26
CA PHE D 190 -8.34 20.46 9.91
C PHE D 190 -9.72 21.02 10.32
N ASP D 191 -9.94 21.18 11.62
CA ASP D 191 -11.21 21.70 12.14
C ASP D 191 -11.07 23.10 12.70
N TYR D 192 -11.89 24.03 12.21
CA TYR D 192 -11.84 25.41 12.67
C TYR D 192 -12.90 25.84 13.66
N SER D 193 -12.45 26.32 14.82
CA SER D 193 -13.33 26.76 15.89
C SER D 193 -14.16 27.98 15.51
N PRO D 194 -15.40 28.05 16.02
CA PRO D 194 -16.31 29.16 15.73
C PRO D 194 -15.69 30.49 16.11
N GLU D 195 -15.12 30.55 17.31
CA GLU D 195 -14.49 31.75 17.82
C GLU D 195 -13.11 31.99 17.21
N PHE D 196 -12.26 30.98 17.28
CA PHE D 196 -10.90 31.09 16.75
C PHE D 196 -10.86 31.99 15.52
N LEU D 197 -11.69 31.69 14.53
CA LEU D 197 -11.74 32.48 13.29
C LEU D 197 -11.67 33.97 13.61
N LEU D 198 -12.63 34.45 14.40
CA LEU D 198 -12.67 35.87 14.78
C LEU D 198 -11.36 36.34 15.39
N TRP D 199 -10.69 35.45 16.10
CA TRP D 199 -9.42 35.81 16.71
C TRP D 199 -8.41 36.10 15.60
N ALA D 200 -8.49 35.34 14.51
CA ALA D 200 -7.58 35.51 13.38
C ALA D 200 -8.14 36.42 12.31
N LEU D 201 -9.41 36.24 12.00
CA LEU D 201 -10.08 37.02 10.96
C LEU D 201 -10.44 38.46 11.32
N ARG D 202 -10.26 38.85 12.58
CA ARG D 202 -10.61 40.22 12.96
C ARG D 202 -9.60 41.01 13.80
N PRO D 203 -8.45 41.35 13.21
CA PRO D 203 -7.40 42.11 13.92
C PRO D 203 -7.69 43.61 13.81
N PRO D 204 -6.84 44.46 14.43
CA PRO D 204 -7.04 45.90 14.37
C PRO D 204 -6.77 46.46 12.98
N GLY D 205 -7.83 46.88 12.29
CA GLY D 205 -7.67 47.45 10.96
C GLY D 205 -8.24 46.57 9.85
N TRP D 206 -8.98 45.54 10.24
CA TRP D 206 -9.58 44.62 9.27
C TRP D 206 -10.67 45.31 8.47
N LEU D 207 -10.93 44.81 7.27
CA LEU D 207 -11.98 45.39 6.44
C LEU D 207 -12.88 44.28 5.90
N PRO D 208 -14.21 44.51 5.93
CA PRO D 208 -15.28 43.62 5.48
C PRO D 208 -15.10 42.98 4.11
N GLN D 209 -14.69 43.77 3.13
CA GLN D 209 -14.52 43.28 1.76
C GLN D 209 -13.29 42.41 1.53
N TRP D 210 -12.68 41.93 2.62
CA TRP D 210 -11.51 41.08 2.49
C TRP D 210 -11.79 39.66 2.95
N HIS D 211 -13.04 39.42 3.33
CA HIS D 211 -13.49 38.10 3.76
C HIS D 211 -14.25 37.56 2.56
N CYS D 212 -13.52 37.51 1.44
CA CYS D 212 -14.03 37.06 0.15
C CYS D 212 -14.82 35.75 0.16
N GLY D 213 -16.14 35.87 0.16
CA GLY D 213 -16.97 34.70 0.13
C GLY D 213 -17.18 34.42 -1.35
N VAL D 214 -17.28 35.50 -2.12
CA VAL D 214 -17.48 35.43 -3.56
C VAL D 214 -16.15 35.45 -4.31
N GLY D 224 -16.91 30.66 -2.04
CA GLY D 224 -15.77 30.00 -1.32
C GLY D 224 -15.18 30.96 -0.30
N PHE D 225 -13.88 30.85 -0.01
CA PHE D 225 -13.32 31.79 0.93
C PHE D 225 -11.85 32.16 0.79
N ILE D 226 -11.46 33.19 1.54
CA ILE D 226 -10.10 33.68 1.56
C ILE D 226 -10.05 34.95 2.40
N SER D 227 -9.18 34.95 3.40
CA SER D 227 -9.01 36.09 4.29
C SER D 227 -7.88 36.98 3.79
N ALA D 228 -7.58 38.03 4.56
CA ALA D 228 -6.53 38.97 4.20
C ALA D 228 -6.41 40.03 5.28
N ILE D 229 -6.05 39.59 6.49
CA ILE D 229 -5.90 40.48 7.62
C ILE D 229 -4.75 41.49 7.46
N PRO D 230 -5.03 42.78 7.73
CA PRO D 230 -4.04 43.86 7.62
C PRO D 230 -2.88 43.66 8.59
N ALA D 231 -1.67 43.93 8.11
CA ALA D 231 -0.48 43.79 8.94
C ALA D 231 0.45 44.97 8.74
N ASN D 232 1.71 44.79 9.14
CA ASN D 232 2.73 45.83 9.03
C ASN D 232 4.10 45.15 9.16
N ILE D 233 4.40 44.30 8.18
CA ILE D 233 5.65 43.53 8.15
C ILE D 233 6.92 44.36 8.26
N HIS D 234 8.02 43.65 8.51
CA HIS D 234 9.34 44.25 8.63
C HIS D 234 10.35 43.29 8.01
N ILE D 235 10.70 43.54 6.75
CA ILE D 235 11.64 42.69 6.01
C ILE D 235 13.05 43.30 5.91
N TYR D 236 13.28 44.11 4.88
CA TYR D 236 14.56 44.75 4.67
C TYR D 236 14.75 45.80 5.78
N ASP D 237 15.60 46.80 5.54
CA ASP D 237 15.82 47.86 6.52
C ASP D 237 14.58 48.74 6.53
N THR D 238 13.42 48.14 6.27
CA THR D 238 12.18 48.90 6.22
C THR D 238 10.95 48.17 6.77
N GLU D 239 10.00 48.96 7.25
CA GLU D 239 8.75 48.45 7.80
C GLU D 239 7.63 48.75 6.81
N LYS D 240 7.43 47.85 5.86
CA LYS D 240 6.40 48.04 4.85
C LYS D 240 5.04 47.54 5.34
N LYS D 241 4.07 48.44 5.37
CA LYS D 241 2.73 48.07 5.81
C LYS D 241 2.17 47.10 4.78
N MET D 242 2.06 45.83 5.17
CA MET D 242 1.55 44.80 4.27
C MET D 242 0.32 44.11 4.86
N VAL D 243 -0.21 43.13 4.15
CA VAL D 243 -1.38 42.39 4.61
C VAL D 243 -1.08 40.89 4.70
N GLU D 244 -1.77 40.21 5.61
CA GLU D 244 -1.56 38.77 5.79
C GLU D 244 -2.72 37.97 5.22
N ILE D 245 -2.56 37.50 3.99
CA ILE D 245 -3.59 36.73 3.30
C ILE D 245 -3.69 35.28 3.78
N ASN D 246 -4.89 34.88 4.19
CA ASN D 246 -5.11 33.54 4.71
C ASN D 246 -6.44 32.91 4.33
N PHE D 247 -6.66 31.71 4.85
CA PHE D 247 -7.88 30.95 4.66
C PHE D 247 -8.38 30.79 3.22
N LEU D 248 -7.48 30.38 2.33
CA LEU D 248 -7.86 30.17 0.94
C LEU D 248 -8.34 28.72 0.75
N CYS D 249 -9.67 28.57 0.72
CA CYS D 249 -10.28 27.25 0.57
C CYS D 249 -11.04 27.17 -0.75
N VAL D 250 -11.57 25.98 -1.07
CA VAL D 250 -12.28 25.79 -2.32
C VAL D 250 -13.52 24.89 -2.37
N HIS D 251 -13.30 23.58 -2.32
CA HIS D 251 -14.40 22.61 -2.43
C HIS D 251 -15.60 22.75 -1.50
N LYS D 252 -16.68 22.07 -1.90
CA LYS D 252 -17.95 22.05 -1.20
C LYS D 252 -18.95 21.31 -2.10
N LYS D 253 -19.11 21.82 -3.32
CA LYS D 253 -20.00 21.24 -4.31
C LYS D 253 -19.64 21.80 -5.70
N LEU D 254 -18.82 22.84 -5.71
CA LEU D 254 -18.38 23.48 -6.95
C LEU D 254 -16.89 23.77 -6.92
N ARG D 255 -16.11 22.77 -6.52
CA ARG D 255 -14.65 22.86 -6.43
C ARG D 255 -14.04 24.12 -7.02
N SER D 256 -13.36 23.99 -8.16
CA SER D 256 -12.74 25.14 -8.80
C SER D 256 -12.36 24.97 -10.27
N LYS D 257 -13.33 25.13 -11.16
CA LYS D 257 -13.08 25.01 -12.60
C LYS D 257 -12.02 26.05 -12.98
N ARG D 258 -11.85 27.04 -12.11
CA ARG D 258 -10.90 28.13 -12.27
C ARG D 258 -11.38 29.17 -11.26
N VAL D 259 -12.10 28.66 -10.27
CA VAL D 259 -12.66 29.45 -9.18
C VAL D 259 -11.55 30.24 -8.51
N ALA D 260 -10.59 29.52 -7.94
CA ALA D 260 -9.48 30.13 -7.24
C ALA D 260 -8.67 31.14 -8.05
N PRO D 261 -8.40 30.83 -9.32
CA PRO D 261 -7.63 31.76 -10.17
C PRO D 261 -8.29 33.13 -10.29
N VAL D 262 -9.54 33.20 -9.84
CA VAL D 262 -10.30 34.43 -9.87
C VAL D 262 -10.57 34.77 -8.41
N LEU D 263 -10.74 33.71 -7.62
CA LEU D 263 -10.98 33.82 -6.19
C LEU D 263 -9.72 34.42 -5.58
N ILE D 264 -8.60 34.25 -6.28
CA ILE D 264 -7.30 34.77 -5.85
C ILE D 264 -7.13 36.23 -6.25
N ARG D 265 -7.16 36.49 -7.55
CA ARG D 265 -7.00 37.83 -8.08
C ARG D 265 -8.03 38.85 -7.56
N GLU D 266 -9.09 38.35 -6.91
CA GLU D 266 -10.15 39.21 -6.38
C GLU D 266 -9.70 40.00 -5.15
N ILE D 267 -9.21 39.30 -4.14
CA ILE D 267 -8.73 39.95 -2.92
C ILE D 267 -7.49 40.76 -3.25
N THR D 268 -6.80 40.39 -4.32
CA THR D 268 -5.60 41.10 -4.76
C THR D 268 -6.00 42.54 -5.17
N ARG D 269 -7.14 42.65 -5.85
CA ARG D 269 -7.63 43.96 -6.27
C ARG D 269 -8.19 44.67 -5.04
N ARG D 270 -9.05 43.97 -4.30
CA ARG D 270 -9.66 44.52 -3.09
C ARG D 270 -8.67 45.23 -2.19
N VAL D 271 -7.46 44.69 -2.08
CA VAL D 271 -6.43 45.26 -1.24
C VAL D 271 -5.70 46.41 -1.93
N HIS D 272 -5.37 46.19 -3.20
CA HIS D 272 -4.67 47.19 -4.00
C HIS D 272 -5.43 48.50 -4.08
N LEU D 273 -6.53 48.59 -3.35
CA LEU D 273 -7.35 49.80 -3.31
C LEU D 273 -7.02 50.63 -2.06
N GLU D 274 -6.42 49.99 -1.06
CA GLU D 274 -6.05 50.72 0.15
C GLU D 274 -4.55 51.00 0.13
N GLY D 275 -3.91 50.69 -0.99
CA GLY D 275 -2.48 50.92 -1.13
C GLY D 275 -1.62 49.75 -0.66
N ILE D 276 -2.25 48.76 -0.03
CA ILE D 276 -1.53 47.60 0.45
C ILE D 276 -1.22 46.65 -0.71
N PHE D 277 -0.31 47.11 -1.58
CA PHE D 277 0.11 46.37 -2.77
C PHE D 277 1.10 45.26 -2.40
N GLN D 278 1.49 45.23 -1.13
CA GLN D 278 2.42 44.23 -0.62
C GLN D 278 1.61 43.15 0.09
N ALA D 279 1.96 41.88 -0.12
CA ALA D 279 1.23 40.80 0.53
C ALA D 279 2.12 39.80 1.26
N VAL D 280 1.56 39.15 2.28
CA VAL D 280 2.28 38.18 3.08
C VAL D 280 1.40 36.98 3.43
N TYR D 281 1.99 35.80 3.42
CA TYR D 281 1.28 34.56 3.72
C TYR D 281 2.17 33.33 3.57
N THR D 282 1.65 32.18 4.00
CA THR D 282 2.35 30.92 3.89
C THR D 282 1.34 29.92 3.37
N ALA D 283 1.81 28.80 2.83
CA ALA D 283 0.92 27.79 2.31
C ALA D 283 1.53 26.40 2.38
N GLY D 284 0.69 25.40 2.54
CA GLY D 284 1.17 24.03 2.59
C GLY D 284 1.39 23.55 1.17
N VAL D 285 2.29 24.23 0.47
CA VAL D 285 2.61 23.89 -0.91
C VAL D 285 3.89 24.57 -1.39
N VAL D 286 4.21 24.35 -2.66
CA VAL D 286 5.41 24.93 -3.27
C VAL D 286 5.04 26.17 -4.07
N LEU D 287 6.04 27.03 -4.31
CA LEU D 287 5.83 28.25 -5.06
C LEU D 287 7.19 28.78 -5.50
N PRO D 288 7.31 29.23 -6.77
CA PRO D 288 8.52 29.78 -7.39
C PRO D 288 9.52 30.50 -6.51
N LYS D 289 9.21 31.72 -6.08
CA LYS D 289 10.13 32.50 -5.26
C LYS D 289 9.78 32.52 -3.79
N PRO D 290 10.32 31.57 -3.01
CA PRO D 290 10.04 31.52 -1.58
C PRO D 290 11.01 32.40 -0.78
N VAL D 291 10.58 32.82 0.40
CA VAL D 291 11.39 33.65 1.27
C VAL D 291 11.94 32.77 2.39
N GLY D 292 11.16 31.78 2.81
CA GLY D 292 11.59 30.89 3.87
C GLY D 292 11.04 29.49 3.66
N THR D 293 11.27 28.60 4.62
CA THR D 293 10.80 27.22 4.56
C THR D 293 11.08 26.51 5.89
N CYS D 294 10.17 26.68 6.85
CA CYS D 294 10.31 26.05 8.16
C CYS D 294 9.71 24.66 8.14
N ARG D 295 9.73 23.99 9.29
CA ARG D 295 9.16 22.65 9.42
C ARG D 295 8.64 22.46 10.84
N TYR D 296 7.50 21.79 10.97
CA TYR D 296 6.89 21.57 12.28
C TYR D 296 7.55 20.48 13.11
N TRP D 297 7.36 20.56 14.43
CA TRP D 297 7.90 19.58 15.37
C TRP D 297 6.84 19.21 16.42
N HIS D 298 7.19 18.34 17.35
CA HIS D 298 6.24 17.91 18.39
C HIS D 298 6.89 17.52 19.72
N ARG D 299 6.05 17.04 20.62
CA ARG D 299 6.45 16.56 21.95
C ARG D 299 5.19 16.03 22.60
N SER D 300 4.80 14.83 22.20
CA SER D 300 3.59 14.20 22.70
C SER D 300 3.32 14.44 24.18
N LEU D 301 2.11 14.92 24.46
CA LEU D 301 1.65 15.19 25.83
C LEU D 301 0.57 14.16 26.06
N ASN D 302 0.59 13.12 25.23
CA ASN D 302 -0.37 12.03 25.31
C ASN D 302 0.04 10.98 24.28
N PRO D 303 1.23 10.38 24.44
CA PRO D 303 1.80 9.36 23.55
C PRO D 303 0.89 8.18 23.22
N ARG D 304 0.47 7.45 24.25
CA ARG D 304 -0.39 6.28 24.07
C ARG D 304 -1.53 6.54 23.08
N LYS D 305 -1.92 7.81 22.95
CA LYS D 305 -2.99 8.18 22.04
C LYS D 305 -2.54 8.18 20.58
N LEU D 306 -1.48 8.94 20.28
CA LEU D 306 -0.95 9.01 18.93
C LEU D 306 -0.62 7.60 18.47
N ILE D 307 -0.03 6.83 19.39
CA ILE D 307 0.33 5.44 19.11
C ILE D 307 -0.96 4.66 18.81
N GLU D 308 -2.01 4.98 19.57
CA GLU D 308 -3.31 4.35 19.40
C GLU D 308 -3.82 4.61 17.98
N VAL D 309 -3.90 5.89 17.63
CA VAL D 309 -4.36 6.29 16.31
C VAL D 309 -3.22 6.05 15.31
N LYS D 310 -2.87 7.04 14.49
CA LYS D 310 -1.80 6.88 13.51
C LYS D 310 -1.06 8.18 13.22
N PHE D 311 -1.11 9.12 14.15
CA PHE D 311 -0.42 10.41 14.00
C PHE D 311 1.07 10.26 14.29
N SER D 312 1.37 9.42 15.27
CA SER D 312 2.74 9.14 15.69
C SER D 312 2.83 7.66 16.05
N HIS D 313 4.04 7.11 16.14
CA HIS D 313 4.21 5.69 16.45
C HIS D 313 5.48 5.39 17.25
N LEU D 314 5.51 4.25 17.93
CA LEU D 314 6.67 3.85 18.74
C LEU D 314 7.75 3.23 17.88
N SER D 315 9.00 3.59 18.18
CA SER D 315 10.15 3.09 17.43
C SER D 315 10.12 1.56 17.34
N ARG D 316 11.26 0.98 16.98
CA ARG D 316 11.37 -0.47 16.84
C ARG D 316 10.78 -1.20 18.04
N ASN D 317 11.63 -1.48 19.03
CA ASN D 317 11.20 -2.20 20.23
C ASN D 317 10.97 -1.29 21.43
N MET D 318 10.16 -0.25 21.26
CA MET D 318 9.86 0.67 22.34
C MET D 318 8.51 0.31 22.96
N THR D 319 8.55 -0.27 24.14
CA THR D 319 7.33 -0.67 24.81
C THR D 319 6.36 0.50 24.89
N MET D 320 5.06 0.20 24.80
CA MET D 320 4.04 1.24 24.86
C MET D 320 3.99 1.77 26.28
N GLN D 321 5.09 1.60 27.00
CA GLN D 321 5.20 2.06 28.37
C GLN D 321 6.44 2.94 28.56
N ARG D 322 7.60 2.45 28.11
CA ARG D 322 8.82 3.23 28.22
C ARG D 322 8.65 4.54 27.45
N THR D 323 8.04 4.45 26.27
CA THR D 323 7.79 5.63 25.45
C THR D 323 7.20 6.71 26.35
N MET D 324 6.20 6.33 27.15
CA MET D 324 5.56 7.26 28.06
C MET D 324 6.56 7.87 29.05
N LYS D 325 7.17 7.01 29.87
CA LYS D 325 8.16 7.47 30.83
C LYS D 325 9.01 8.58 30.20
N LEU D 326 9.53 8.31 29.01
CA LEU D 326 10.35 9.27 28.29
C LEU D 326 9.62 10.61 28.21
N TYR D 327 8.56 10.66 27.40
CA TYR D 327 7.78 11.87 27.23
C TYR D 327 6.99 12.23 28.47
N ARG D 328 7.54 11.98 29.64
CA ARG D 328 6.86 12.29 30.90
C ARG D 328 6.90 13.79 31.14
N LEU D 329 6.22 14.24 32.19
CA LEU D 329 6.18 15.66 32.53
C LEU D 329 5.72 15.91 33.96
N PRO D 330 6.35 16.90 34.64
CA PRO D 330 6.02 17.27 36.02
C PRO D 330 4.62 17.92 36.11
N GLU D 331 4.05 17.94 37.31
CA GLU D 331 2.73 18.52 37.52
C GLU D 331 2.79 19.98 37.96
N THR D 332 3.99 20.54 37.99
CA THR D 332 4.17 21.94 38.39
C THR D 332 5.40 22.56 37.75
N PRO D 333 5.25 23.72 37.09
CA PRO D 333 6.31 24.46 36.40
C PRO D 333 7.61 24.62 37.19
N LYS D 334 8.72 24.63 36.46
CA LYS D 334 10.04 24.78 37.06
C LYS D 334 10.58 26.19 36.81
N THR D 335 9.66 27.15 36.81
CA THR D 335 10.01 28.55 36.60
C THR D 335 9.24 29.39 37.61
N ALA D 336 9.98 30.16 38.41
CA ALA D 336 9.38 31.00 39.44
C ALA D 336 9.00 32.40 38.97
N GLY D 337 7.70 32.59 38.76
CA GLY D 337 7.18 33.87 38.31
C GLY D 337 6.12 33.70 37.23
N LEU D 338 6.05 32.49 36.68
CA LEU D 338 5.09 32.14 35.63
C LEU D 338 3.67 32.38 36.14
N ARG D 339 3.00 33.37 35.56
CA ARG D 339 1.65 33.72 35.96
C ARG D 339 0.88 34.36 34.81
N PRO D 340 -0.33 33.84 34.52
CA PRO D 340 -1.18 34.34 33.44
C PRO D 340 -1.12 35.86 33.26
N MET D 341 -0.97 36.30 32.01
CA MET D 341 -0.88 37.73 31.70
C MET D 341 -2.17 38.48 32.08
N GLU D 342 -2.02 39.50 32.91
CA GLU D 342 -3.16 40.31 33.33
C GLU D 342 -3.51 41.26 32.20
N THR D 343 -4.57 42.05 32.40
CA THR D 343 -5.00 43.02 31.41
C THR D 343 -3.97 44.13 31.34
N LYS D 344 -3.41 44.47 32.49
CA LYS D 344 -2.41 45.53 32.60
C LYS D 344 -1.01 45.09 32.16
N ASP D 345 -0.89 43.84 31.69
CA ASP D 345 0.40 43.32 31.23
C ASP D 345 0.57 43.46 29.73
N ILE D 346 -0.36 44.16 29.09
CA ILE D 346 -0.34 44.37 27.65
C ILE D 346 0.86 45.16 27.15
N PRO D 347 0.95 46.45 27.51
CA PRO D 347 2.12 47.22 27.04
C PRO D 347 3.44 46.59 27.47
N VAL D 348 3.39 45.74 28.49
CA VAL D 348 4.60 45.08 29.01
C VAL D 348 4.95 43.92 28.08
N VAL D 349 3.98 43.56 27.25
CA VAL D 349 4.14 42.48 26.28
C VAL D 349 4.36 43.10 24.90
N HIS D 350 4.06 44.39 24.81
CA HIS D 350 4.22 45.16 23.59
C HIS D 350 5.67 45.62 23.46
N GLN D 351 6.12 46.36 24.47
CA GLN D 351 7.48 46.89 24.50
C GLN D 351 8.54 45.78 24.66
N LEU D 352 8.15 44.69 25.32
CA LEU D 352 9.07 43.58 25.54
C LEU D 352 9.24 42.75 24.28
N LEU D 353 8.20 42.71 23.46
CA LEU D 353 8.20 41.95 22.22
C LEU D 353 8.70 42.74 21.01
N THR D 354 8.61 44.06 21.07
CA THR D 354 9.05 44.91 19.97
C THR D 354 10.56 45.06 19.88
N ARG D 355 11.24 45.01 21.01
CA ARG D 355 12.69 45.13 21.03
C ARG D 355 13.31 43.76 20.78
N TYR D 356 12.65 42.74 21.30
CA TYR D 356 13.10 41.37 21.13
C TYR D 356 12.95 40.94 19.68
N LEU D 357 11.71 40.89 19.21
CA LEU D 357 11.43 40.50 17.84
C LEU D 357 12.33 41.32 16.91
N LYS D 358 12.74 42.49 17.40
CA LYS D 358 13.59 43.40 16.65
C LYS D 358 14.99 42.86 16.43
N GLN D 359 15.08 41.69 15.81
CA GLN D 359 16.35 41.05 15.52
C GLN D 359 16.14 39.99 14.45
N PHE D 360 15.01 40.08 13.75
CA PHE D 360 14.68 39.14 12.69
C PHE D 360 14.47 39.88 11.36
N HIS D 361 14.92 39.27 10.27
CA HIS D 361 14.79 39.88 8.94
C HIS D 361 13.33 40.04 8.51
N LEU D 362 12.44 39.31 9.16
CA LEU D 362 11.01 39.38 8.84
C LEU D 362 10.18 39.25 10.11
N THR D 363 9.62 40.36 10.59
CA THR D 363 8.81 40.32 11.79
C THR D 363 7.56 41.19 11.69
N PRO D 364 6.49 40.80 12.39
CA PRO D 364 5.24 41.55 12.38
C PRO D 364 5.20 42.62 13.46
N VAL D 365 5.60 43.84 13.11
CA VAL D 365 5.58 44.95 14.06
C VAL D 365 4.15 45.12 14.55
N MET D 366 3.97 45.23 15.85
CA MET D 366 2.63 45.40 16.40
C MET D 366 2.48 46.61 17.31
N SER D 367 1.24 47.03 17.51
CA SER D 367 0.93 48.15 18.38
C SER D 367 0.54 47.62 19.75
N GLN D 368 0.30 48.51 20.70
CA GLN D 368 -0.09 48.10 22.04
C GLN D 368 -1.44 47.38 22.04
N GLU D 369 -2.15 47.50 20.93
CA GLU D 369 -3.47 46.87 20.78
C GLU D 369 -3.37 45.55 20.03
N GLU D 370 -2.42 45.45 19.10
CA GLU D 370 -2.24 44.23 18.33
C GLU D 370 -1.61 43.17 19.22
N VAL D 371 -0.52 43.52 19.90
CA VAL D 371 0.14 42.60 20.83
C VAL D 371 -0.85 42.36 21.95
N GLU D 372 -1.95 43.10 21.89
CA GLU D 372 -3.01 43.05 22.87
C GLU D 372 -4.09 42.11 22.37
N HIS D 373 -4.04 41.80 21.08
CA HIS D 373 -5.03 40.95 20.45
C HIS D 373 -4.59 39.49 20.30
N TRP D 374 -3.37 39.29 19.81
CA TRP D 374 -2.84 37.95 19.60
C TRP D 374 -2.09 37.41 20.80
N PHE D 375 -2.30 38.03 21.95
CA PHE D 375 -1.60 37.59 23.15
C PHE D 375 -2.44 37.49 24.41
N TYR D 376 -3.41 38.37 24.61
CA TYR D 376 -4.21 38.25 25.83
C TYR D 376 -4.97 36.93 25.87
N PRO D 377 -4.83 36.19 26.99
CA PRO D 377 -5.44 34.89 27.28
C PRO D 377 -6.94 34.75 26.98
N GLN D 378 -7.29 33.63 26.34
CA GLN D 378 -8.68 33.36 25.99
C GLN D 378 -8.93 31.85 25.95
N GLU D 379 -9.72 31.36 26.25
CA GLU D 379 -9.47 29.98 26.68
C GLU D 379 -9.34 28.92 25.64
N ASN D 380 -9.73 28.95 25.06
CA ASN D 380 -9.97 28.08 23.91
C ASN D 380 -9.59 28.73 22.58
N ILE D 381 -8.64 29.66 22.64
CA ILE D 381 -8.17 30.36 21.45
C ILE D 381 -6.66 30.45 21.50
N ILE D 382 -6.16 31.32 22.38
CA ILE D 382 -4.73 31.52 22.57
C ILE D 382 -4.38 31.74 24.04
N ASP D 383 -3.17 31.31 24.41
CA ASP D 383 -2.68 31.46 25.77
C ASP D 383 -1.43 32.33 25.82
N THR D 384 -1.08 32.79 27.02
CA THR D 384 0.10 33.64 27.22
C THR D 384 0.40 33.84 28.71
N PHE D 385 1.44 33.15 29.19
CA PHE D 385 1.83 33.26 30.59
C PHE D 385 3.12 34.05 30.72
N VAL D 386 3.02 35.22 31.33
CA VAL D 386 4.16 36.09 31.53
C VAL D 386 4.95 35.64 32.75
N VAL D 387 6.13 36.19 32.95
CA VAL D 387 6.98 35.83 34.08
C VAL D 387 7.39 37.05 34.92
N GLU D 388 6.49 37.52 35.79
CA GLU D 388 6.78 38.66 36.64
C GLU D 388 7.94 38.32 37.57
N ASN D 389 8.72 39.32 37.96
CA ASN D 389 9.86 39.10 38.85
C ASN D 389 9.49 39.15 40.33
N ALA D 390 10.24 39.91 41.11
CA ALA D 390 10.00 40.04 42.53
C ALA D 390 8.93 41.09 42.82
N ASN D 391 9.36 42.25 43.31
CA ASN D 391 8.42 43.34 43.63
C ASN D 391 8.20 44.21 42.39
N GLY D 392 9.05 44.03 41.39
CA GLY D 392 8.93 44.81 40.17
C GLY D 392 7.93 44.28 39.17
N GLU D 393 8.31 44.33 37.89
CA GLU D 393 7.45 43.85 36.81
C GLU D 393 8.22 43.09 35.74
N VAL D 394 9.50 43.45 35.56
CA VAL D 394 10.37 42.82 34.57
C VAL D 394 9.92 41.39 34.27
N THR D 395 9.80 41.06 32.99
CA THR D 395 9.34 39.72 32.64
C THR D 395 9.67 39.19 31.25
N ASP D 396 9.21 37.97 31.00
CA ASP D 396 9.38 37.26 29.74
C ASP D 396 8.05 36.54 29.64
N PHE D 397 7.79 35.83 28.54
CA PHE D 397 6.51 35.13 28.40
C PHE D 397 6.42 34.12 27.25
N LEU D 398 5.38 33.29 27.29
CA LEU D 398 5.14 32.30 26.24
C LEU D 398 3.70 32.40 25.73
N SER D 399 3.45 31.87 24.53
CA SER D 399 2.13 31.91 23.93
C SER D 399 1.88 30.75 22.96
N PHE D 400 0.71 30.13 23.07
CA PHE D 400 0.37 29.03 22.18
C PHE D 400 -1.11 28.97 21.80
N TYR D 401 -1.39 29.35 20.55
CA TYR D 401 -2.75 29.36 20.04
C TYR D 401 -3.31 27.95 19.77
N THR D 402 -4.36 27.59 20.49
CA THR D 402 -4.98 26.29 20.31
C THR D 402 -5.45 26.23 18.87
N LEU D 403 -5.45 25.04 18.28
CA LEU D 403 -5.87 24.88 16.89
C LEU D 403 -6.07 23.41 16.57
N PRO D 404 -7.05 22.77 17.22
CA PRO D 404 -7.33 21.35 17.00
C PRO D 404 -7.63 20.99 15.55
N SER D 405 -7.16 19.82 15.11
CA SER D 405 -7.41 19.33 13.76
C SER D 405 -8.44 18.22 13.87
N THR D 406 -9.31 18.12 12.87
CA THR D 406 -10.35 17.12 12.83
C THR D 406 -9.73 15.73 12.98
N ILE D 407 -10.49 14.78 13.50
CA ILE D 407 -10.00 13.43 13.70
C ILE D 407 -10.75 12.44 12.80
N MET D 408 -10.25 12.26 11.58
CA MET D 408 -10.89 11.36 10.63
C MET D 408 -11.01 9.93 11.17
N ASN D 409 -11.68 9.10 10.39
CA ASN D 409 -11.93 7.68 10.69
C ASN D 409 -11.07 7.14 11.83
N HIS D 410 -11.51 7.39 13.06
CA HIS D 410 -10.76 6.94 14.24
C HIS D 410 -11.45 5.85 15.04
N PRO D 411 -10.69 5.17 15.91
CA PRO D 411 -11.21 4.09 16.76
C PRO D 411 -12.20 4.62 17.79
N THR D 412 -12.47 5.92 17.71
CA THR D 412 -13.39 6.59 18.62
C THR D 412 -12.72 6.90 19.95
N HIS D 413 -11.94 7.98 19.99
CA HIS D 413 -11.24 8.39 21.19
C HIS D 413 -11.71 9.77 21.66
N LYS D 414 -11.65 10.75 20.77
CA LYS D 414 -12.07 12.11 21.09
C LYS D 414 -11.85 13.05 19.90
N SER D 415 -10.58 13.27 19.56
CA SER D 415 -10.20 14.14 18.45
C SER D 415 -8.68 14.35 18.48
N LEU D 416 -8.26 15.58 18.78
CA LEU D 416 -6.85 15.94 18.87
C LEU D 416 -6.68 17.40 19.30
N LYS D 417 -6.72 17.65 20.61
CA LYS D 417 -6.56 19.00 21.13
C LYS D 417 -5.13 19.46 20.83
N ALA D 418 -4.98 20.34 19.85
CA ALA D 418 -3.69 20.85 19.44
C ALA D 418 -3.20 21.98 20.34
N ALA D 419 -1.90 22.28 20.30
CA ALA D 419 -1.31 23.34 21.12
C ALA D 419 -0.19 24.08 20.43
N TYR D 420 -0.38 24.42 19.15
CA TYR D 420 0.63 25.15 18.39
C TYR D 420 1.22 26.29 19.19
N SER D 421 2.47 26.66 18.91
CA SER D 421 3.14 27.74 19.62
C SER D 421 3.08 29.04 18.82
N PHE D 422 2.80 30.14 19.52
CA PHE D 422 2.73 31.45 18.89
C PHE D 422 4.09 32.13 19.00
N TYR D 423 4.28 32.90 20.05
CA TYR D 423 5.55 33.59 20.27
C TYR D 423 6.08 33.29 21.66
N ASN D 424 7.35 33.58 21.89
CA ASN D 424 7.99 33.37 23.19
C ASN D 424 9.15 34.33 23.33
N VAL D 425 9.00 35.29 24.24
CA VAL D 425 10.03 36.30 24.45
C VAL D 425 10.63 36.31 25.85
N HIS D 426 11.84 35.78 25.95
CA HIS D 426 12.55 35.73 27.21
C HIS D 426 13.53 36.90 27.19
N THR D 427 13.64 37.62 28.30
CA THR D 427 14.57 38.74 28.34
C THR D 427 15.95 38.18 28.07
N GLN D 428 16.76 38.06 29.11
CA GLN D 428 18.11 37.52 28.95
C GLN D 428 18.11 36.06 29.33
N THR D 429 17.40 35.73 30.41
CA THR D 429 17.32 34.36 30.92
C THR D 429 16.99 33.37 29.81
N PRO D 430 17.78 32.28 29.72
CA PRO D 430 17.60 31.22 28.71
C PRO D 430 16.16 30.74 28.65
N LEU D 431 15.59 30.69 27.43
CA LEU D 431 14.20 30.26 27.26
C LEU D 431 14.05 28.75 27.10
N LEU D 432 15.11 28.00 27.37
CA LEU D 432 15.07 26.55 27.27
C LEU D 432 14.10 26.02 28.32
N ASP D 433 13.69 26.89 29.23
CA ASP D 433 12.76 26.53 30.28
C ASP D 433 11.44 27.26 30.06
N LEU D 434 11.51 28.38 29.37
CA LEU D 434 10.30 29.15 29.06
C LEU D 434 9.51 28.32 28.06
N MET D 435 10.21 27.47 27.35
CA MET D 435 9.61 26.59 26.36
C MET D 435 9.13 25.27 26.96
N SER D 436 9.83 24.82 28.01
CA SER D 436 9.48 23.58 28.69
C SER D 436 8.20 23.78 29.49
N ASP D 437 8.21 24.80 30.35
CA ASP D 437 7.04 25.12 31.16
C ASP D 437 5.81 25.04 30.25
N ALA D 438 5.95 25.59 29.05
CA ALA D 438 4.87 25.59 28.07
C ALA D 438 4.30 24.19 27.90
N LEU D 439 5.18 23.21 27.75
CA LEU D 439 4.77 21.81 27.59
C LEU D 439 4.02 21.35 28.84
N VAL D 440 4.42 21.87 29.99
CA VAL D 440 3.78 21.49 31.25
C VAL D 440 2.42 22.19 31.37
N LEU D 441 2.28 23.30 30.67
CA LEU D 441 1.03 24.03 30.67
C LEU D 441 0.08 23.37 29.69
N ALA D 442 0.51 23.27 28.43
CA ALA D 442 -0.30 22.65 27.39
C ALA D 442 -0.80 21.30 27.89
N LYS D 443 0.05 20.59 28.62
CA LYS D 443 -0.34 19.29 29.13
C LYS D 443 -1.31 19.44 30.29
N MET D 444 -0.94 20.21 31.31
CA MET D 444 -1.81 20.40 32.46
C MET D 444 -3.16 20.96 32.02
N LYS D 445 -3.20 21.57 30.84
CA LYS D 445 -4.43 22.13 30.30
C LYS D 445 -5.20 21.10 29.47
N GLY D 446 -4.69 19.88 29.43
CA GLY D 446 -5.34 18.84 28.67
C GLY D 446 -5.10 18.96 27.18
N PHE D 447 -3.83 18.89 26.78
CA PHE D 447 -3.47 18.96 25.36
C PHE D 447 -2.81 17.68 24.93
N ASP D 448 -2.84 17.42 23.63
CA ASP D 448 -2.26 16.20 23.09
C ASP D 448 -0.88 16.35 22.46
N VAL D 449 -0.48 17.60 22.19
CA VAL D 449 0.83 17.86 21.58
C VAL D 449 1.13 19.35 21.46
N PHE D 450 2.39 19.71 21.65
CA PHE D 450 2.82 21.10 21.53
C PHE D 450 3.57 21.18 20.22
N ASN D 451 3.01 21.93 19.27
CA ASN D 451 3.63 22.07 17.96
C ASN D 451 4.33 23.42 17.80
N ALA D 452 5.66 23.38 17.63
CA ALA D 452 6.46 24.58 17.46
C ALA D 452 7.23 24.56 16.13
N LEU D 453 7.19 25.67 15.41
CA LEU D 453 7.87 25.79 14.12
C LEU D 453 9.29 26.32 14.29
N ASP D 454 9.66 27.30 13.46
CA ASP D 454 10.99 27.87 13.51
C ASP D 454 11.04 29.37 13.78
N LEU D 455 12.14 29.79 14.42
CA LEU D 455 12.36 31.20 14.76
C LEU D 455 13.58 31.31 15.67
N MET D 456 14.02 31.71 15.69
CA MET D 456 15.46 31.78 15.89
C MET D 456 15.94 30.94 17.07
N GLU D 457 14.55 31.63 18.29
CA GLU D 457 15.43 30.79 19.09
C GLU D 457 14.82 29.39 19.23
N ASN D 458 13.82 29.10 18.39
CA ASN D 458 13.16 27.80 18.45
C ASN D 458 14.08 26.64 18.14
N LYS D 459 14.79 26.73 17.02
CA LYS D 459 15.71 25.68 16.58
C LYS D 459 16.61 25.18 17.71
N THR D 460 16.73 25.98 18.76
CA THR D 460 17.57 25.62 19.90
C THR D 460 16.91 24.55 20.79
N PHE D 461 16.03 24.99 21.69
CA PHE D 461 15.34 24.11 22.63
C PHE D 461 14.55 22.98 21.96
N LEU D 462 14.28 23.10 20.67
CA LEU D 462 13.50 22.10 19.95
C LEU D 462 14.05 20.69 20.11
N GLU D 463 15.02 20.34 19.28
CA GLU D 463 15.62 19.02 19.30
C GLU D 463 16.20 18.63 20.66
N LYS D 464 16.74 19.61 21.40
CA LYS D 464 17.28 19.32 22.71
C LYS D 464 16.14 19.09 23.69
N LEU D 465 14.98 18.82 23.10
CA LEU D 465 13.75 18.53 23.83
C LEU D 465 12.96 17.58 22.91
N LYS D 466 12.04 16.83 23.48
CA LYS D 466 11.26 15.86 22.73
C LYS D 466 10.51 16.35 21.48
N PHE D 467 11.26 16.86 20.49
CA PHE D 467 10.68 17.33 19.23
C PHE D 467 11.37 16.56 18.10
N GLY D 468 10.60 16.11 17.10
CA GLY D 468 11.20 15.38 16.02
C GLY D 468 10.39 15.26 14.74
N ILE D 469 9.46 14.31 14.71
CA ILE D 469 8.62 14.09 13.52
C ILE D 469 8.28 15.39 12.78
N GLY D 470 8.22 15.31 11.47
CA GLY D 470 7.89 16.46 10.65
C GLY D 470 7.13 16.05 9.42
N ASP D 471 5.82 15.80 9.59
CA ASP D 471 4.96 15.39 8.49
C ASP D 471 5.43 16.02 7.18
N GLY D 472 5.59 17.34 7.20
CA GLY D 472 6.03 18.06 6.02
C GLY D 472 6.86 19.30 6.33
N ASN D 473 6.45 20.46 5.79
CA ASN D 473 7.16 21.71 6.01
C ASN D 473 6.43 22.91 5.43
N LEU D 474 6.30 23.97 6.23
CA LEU D 474 5.62 25.19 5.79
C LEU D 474 6.62 26.18 5.24
N GLN D 475 6.23 26.89 4.18
CA GLN D 475 7.12 27.87 3.55
C GLN D 475 6.51 29.27 3.56
N TYR D 476 7.37 30.29 3.62
CA TYR D 476 6.96 31.68 3.65
C TYR D 476 7.19 32.37 2.32
N TYR D 477 6.35 33.34 1.99
CA TYR D 477 6.49 34.06 0.73
C TYR D 477 6.11 35.54 0.82
N LEU D 478 6.49 36.29 -0.22
CA LEU D 478 6.21 37.71 -0.34
C LEU D 478 5.67 37.95 -1.76
N TYR D 479 4.49 38.56 -1.84
CA TYR D 479 3.81 38.82 -3.12
C TYR D 479 4.46 39.85 -4.05
N ASN D 480 4.47 41.12 -3.63
CA ASN D 480 5.03 42.17 -4.47
C ASN D 480 6.32 42.82 -3.99
N TRP D 481 7.13 42.09 -3.22
CA TRP D 481 8.39 42.64 -2.73
C TRP D 481 9.57 41.73 -3.11
N LYS D 482 10.69 42.35 -3.49
CA LYS D 482 11.88 41.61 -3.89
C LYS D 482 13.01 41.82 -2.89
N CYS D 483 13.57 40.71 -2.41
CA CYS D 483 14.67 40.77 -1.45
C CYS D 483 15.27 39.39 -1.14
N PRO D 484 16.53 39.35 -0.66
CA PRO D 484 17.23 38.10 -0.32
C PRO D 484 16.50 37.22 0.70
N SER D 485 16.95 35.98 0.83
CA SER D 485 16.34 35.03 1.77
C SER D 485 17.24 34.80 2.99
N MET D 486 16.70 34.05 3.95
CA MET D 486 17.41 33.75 5.17
C MET D 486 16.98 32.39 5.71
N GLY D 487 17.67 31.91 6.74
CA GLY D 487 17.31 30.63 7.31
C GLY D 487 16.21 30.77 8.35
N ALA D 488 15.76 29.66 8.91
CA ALA D 488 14.72 29.67 9.94
C ALA D 488 15.08 30.68 11.01
N GLU D 489 16.36 30.74 11.35
CA GLU D 489 16.87 31.67 12.36
C GLU D 489 16.46 33.14 12.19
N LYS D 490 16.07 33.53 10.99
CA LYS D 490 15.68 34.92 10.74
C LYS D 490 14.17 35.17 10.68
N VAL D 491 13.39 34.16 10.29
CA VAL D 491 11.94 34.31 10.19
C VAL D 491 11.31 34.62 11.55
N GLY D 492 10.57 35.72 11.61
CA GLY D 492 9.93 36.12 12.86
C GLY D 492 8.43 35.94 12.82
N ILE D 493 7.81 36.35 11.72
CA ILE D 493 6.36 36.25 11.52
C ILE D 493 5.83 34.84 11.71
N VAL D 494 5.07 34.63 12.79
CA VAL D 494 4.47 33.32 13.08
C VAL D 494 3.01 33.40 12.61
N LEU D 495 2.85 33.66 11.32
CA LEU D 495 1.55 33.82 10.68
C LEU D 495 0.74 32.52 10.62
N GLN D 496 0.32 32.03 11.78
CA GLN D 496 -0.47 30.81 11.87
C GLN D 496 0.07 29.65 11.03
#